data_8JP3
#
_entry.id   8JP3
#
_cell.length_a   1.00
_cell.length_b   1.00
_cell.length_c   1.00
_cell.angle_alpha   90.00
_cell.angle_beta   90.00
_cell.angle_gamma   90.00
#
_symmetry.space_group_name_H-M   'P 1'
#
loop_
_entity.id
_entity.type
_entity.pdbx_description
1 polymer 'Fucoxanthin chlorophyll a/c protein 8'
2 non-polymer "(3S,3'S,5R,5'R,6S,6'R,8'R)-3,5'-dihydroxy-8-oxo-6',7'-didehydro-5,5',6,6',7,8-hexahydro-5,6-epoxy-beta,beta-caroten-3'- yl acetate"
3 non-polymer 'CHLOROPHYLL A'
4 non-polymer 'Chlorophyll c2'
5 non-polymer 'Chlorophyll c1'
6 non-polymer 1,2-DISTEAROYL-MONOGALACTOSYL-DIGLYCERIDE
#
_entity_poly.entity_id   1
_entity_poly.type   'polypeptide(L)'
_entity_poly.pdbx_seq_one_letter_code
;AFEDELGAQAPLGFFDPFGMLSGDCTQERFDRLRYVEIKHGRIAQLAFLGQVVTRAGIHLPGSINYAGDSFDSFPNGVAA
LFGPNSIPTAGLVQIISFIGILECAFMRDVPGTGNEHVGDFRNGYIDFGWDEFDEETKLSKRAIELNNGRAAMMGILGLM
VHEEIIPLGYDADLPIIGHL
;
_entity_poly.pdbx_strand_id   A,B,C
#
loop_
_chem_comp.id
_chem_comp.type
_chem_comp.name
_chem_comp.formula
A86 non-polymer '(3S,3'S,5R,5'R,6S,6'R,8'R)-3,5'-dihydroxy-8-oxo-6',7'-didehydro-5,5',6,6',7,8-hexahydro-5,6-epoxy-beta,beta-caroten-3'- yl acetate' 'C42 H58 O6'
CLA non-polymer 'CHLOROPHYLL A' 'C55 H72 Mg N4 O5'
KC1 non-polymer 'Chlorophyll c1' 'C35 H30 Mg N4 O5'
KC2 non-polymer 'Chlorophyll c2' 'C35 H28 Mg N4 O5'
LMG non-polymer 1,2-DISTEAROYL-MONOGALACTOSYL-DIGLYCERIDE 'C45 H86 O10'
#
# COMPACT_ATOMS: atom_id res chain seq x y z
N ALA A 1 -14.40 -25.98 -8.34
CA ALA A 1 -15.27 -25.07 -9.08
C ALA A 1 -14.51 -24.44 -10.24
N PHE A 2 -13.24 -24.11 -10.01
CA PHE A 2 -12.38 -23.50 -11.02
C PHE A 2 -11.37 -24.49 -11.59
N GLU A 3 -11.60 -25.78 -11.41
CA GLU A 3 -10.69 -26.80 -11.89
C GLU A 3 -10.76 -27.00 -13.40
N ASP A 4 -11.76 -26.41 -14.07
CA ASP A 4 -11.90 -26.51 -15.51
C ASP A 4 -11.72 -25.17 -16.20
N GLU A 5 -11.28 -24.14 -15.47
CA GLU A 5 -11.09 -22.83 -16.05
C GLU A 5 -9.85 -22.82 -16.94
N LEU A 6 -9.59 -21.66 -17.54
CA LEU A 6 -8.42 -21.50 -18.40
C LEU A 6 -7.15 -21.61 -17.58
N GLY A 7 -6.13 -22.24 -18.15
CA GLY A 7 -4.85 -22.41 -17.52
C GLY A 7 -4.66 -23.74 -16.82
N ALA A 8 -5.74 -24.47 -16.56
CA ALA A 8 -5.65 -25.80 -15.96
C ALA A 8 -5.62 -26.81 -17.09
N GLN A 9 -4.40 -27.13 -17.54
CA GLN A 9 -4.20 -27.99 -18.70
C GLN A 9 -3.12 -29.02 -18.38
N ALA A 10 -2.84 -29.87 -19.35
CA ALA A 10 -1.84 -30.90 -19.19
C ALA A 10 -0.45 -30.27 -19.06
N PRO A 11 0.48 -30.93 -18.37
CA PRO A 11 0.31 -32.23 -17.68
C PRO A 11 -0.12 -32.10 -16.23
N LEU A 12 0.06 -30.91 -15.65
CA LEU A 12 -0.23 -30.73 -14.24
C LEU A 12 -1.73 -30.77 -13.96
N GLY A 13 -2.55 -30.32 -14.90
CA GLY A 13 -3.95 -30.14 -14.61
C GLY A 13 -4.17 -28.93 -13.71
N PHE A 14 -5.24 -29.00 -12.93
CA PHE A 14 -5.48 -27.96 -11.94
C PHE A 14 -4.38 -27.96 -10.89
N PHE A 15 -3.57 -26.91 -10.90
CA PHE A 15 -2.41 -26.80 -10.01
C PHE A 15 -2.64 -25.62 -9.08
N ASP A 16 -3.07 -25.91 -7.85
CA ASP A 16 -3.35 -24.90 -6.83
C ASP A 16 -2.63 -25.31 -5.55
N PRO A 17 -1.31 -25.14 -5.50
CA PRO A 17 -0.57 -25.57 -4.30
C PRO A 17 -0.94 -24.79 -3.06
N PHE A 18 -0.87 -23.47 -3.12
CA PHE A 18 -1.12 -22.66 -1.94
C PHE A 18 -2.60 -22.53 -1.60
N GLY A 19 -3.49 -23.09 -2.42
CA GLY A 19 -4.90 -23.11 -2.11
C GLY A 19 -5.60 -21.78 -2.12
N MET A 20 -5.32 -20.92 -3.10
CA MET A 20 -6.10 -19.70 -3.26
C MET A 20 -7.55 -20.00 -3.60
N LEU A 21 -7.81 -21.00 -4.44
CA LEU A 21 -9.16 -21.32 -4.88
C LEU A 21 -9.78 -22.45 -4.08
N SER A 22 -9.14 -22.86 -2.99
CA SER A 22 -9.71 -23.90 -2.14
C SER A 22 -10.94 -23.38 -1.41
N GLY A 23 -11.86 -24.30 -1.12
CA GLY A 23 -13.11 -23.91 -0.50
C GLY A 23 -14.07 -23.29 -1.51
N ASP A 24 -15.07 -22.59 -0.98
CA ASP A 24 -16.06 -21.92 -1.82
C ASP A 24 -15.54 -20.55 -2.25
N CYS A 25 -14.53 -20.59 -3.12
CA CYS A 25 -13.96 -19.37 -3.65
C CYS A 25 -14.94 -18.67 -4.58
N THR A 26 -15.04 -17.36 -4.43
CA THR A 26 -15.95 -16.57 -5.26
C THR A 26 -15.33 -16.35 -6.64
N GLN A 27 -16.20 -16.06 -7.61
CA GLN A 27 -15.73 -15.76 -8.95
C GLN A 27 -14.91 -14.47 -8.98
N GLU A 28 -15.21 -13.53 -8.09
CA GLU A 28 -14.45 -12.29 -8.04
C GLU A 28 -12.99 -12.54 -7.67
N ARG A 29 -12.75 -13.44 -6.71
CA ARG A 29 -11.38 -13.73 -6.32
C ARG A 29 -10.60 -14.36 -7.45
N PHE A 30 -11.20 -15.33 -8.15
CA PHE A 30 -10.53 -15.95 -9.28
C PHE A 30 -10.30 -14.95 -10.40
N ASP A 31 -11.26 -14.05 -10.62
CA ASP A 31 -11.08 -13.03 -11.65
C ASP A 31 -9.91 -12.11 -11.30
N ARG A 32 -9.80 -11.71 -10.03
CA ARG A 32 -8.68 -10.87 -9.63
C ARG A 32 -7.36 -11.60 -9.80
N LEU A 33 -7.31 -12.87 -9.39
CA LEU A 33 -6.08 -13.64 -9.52
C LEU A 33 -5.69 -13.83 -10.99
N ARG A 34 -6.66 -14.11 -11.84
CA ARG A 34 -6.38 -14.31 -13.26
C ARG A 34 -5.96 -12.98 -13.91
N TYR A 35 -6.57 -11.87 -13.50
CA TYR A 35 -6.15 -10.57 -14.01
C TYR A 35 -4.70 -10.29 -13.64
N VAL A 36 -4.34 -10.55 -12.38
CA VAL A 36 -2.97 -10.34 -11.95
C VAL A 36 -2.02 -11.24 -12.71
N GLU A 37 -2.39 -12.51 -12.89
CA GLU A 37 -1.54 -13.45 -13.61
C GLU A 37 -1.34 -13.03 -15.05
N ILE A 38 -2.40 -12.62 -15.74
CA ILE A 38 -2.30 -12.22 -17.13
C ILE A 38 -1.48 -10.94 -17.27
N LYS A 39 -1.69 -9.99 -16.36
CA LYS A 39 -0.90 -8.75 -16.39
C LYS A 39 0.57 -9.04 -16.21
N HIS A 40 0.91 -9.87 -15.22
CA HIS A 40 2.30 -10.24 -15.00
C HIS A 40 2.87 -10.97 -16.20
N GLY A 41 2.09 -11.86 -16.80
CA GLY A 41 2.57 -12.60 -17.94
C GLY A 41 2.86 -11.71 -19.13
N ARG A 42 1.96 -10.77 -19.41
CA ARG A 42 2.20 -9.84 -20.52
C ARG A 42 3.43 -8.99 -20.26
N ILE A 43 3.57 -8.46 -19.04
CA ILE A 43 4.72 -7.64 -18.70
C ILE A 43 6.00 -8.45 -18.85
N ALA A 44 5.99 -9.70 -18.38
CA ALA A 44 7.18 -10.53 -18.43
C ALA A 44 7.52 -10.94 -19.87
N GLN A 45 6.50 -11.18 -20.70
CA GLN A 45 6.75 -11.47 -22.10
C GLN A 45 7.44 -10.30 -22.77
N LEU A 46 6.94 -9.08 -22.53
CA LEU A 46 7.58 -7.91 -23.09
C LEU A 46 9.00 -7.74 -22.56
N ALA A 47 9.20 -7.98 -21.27
CA ALA A 47 10.54 -7.83 -20.69
C ALA A 47 11.52 -8.84 -21.28
N PHE A 48 11.08 -10.09 -21.44
CA PHE A 48 11.96 -11.10 -22.03
C PHE A 48 12.28 -10.78 -23.48
N LEU A 49 11.28 -10.32 -24.24
CA LEU A 49 11.56 -9.90 -25.61
C LEU A 49 12.56 -8.75 -25.64
N GLY A 50 12.41 -7.80 -24.72
CA GLY A 50 13.33 -6.68 -24.66
C GLY A 50 14.75 -7.10 -24.36
N GLN A 51 14.92 -7.98 -23.37
CA GLN A 51 16.27 -8.45 -23.04
C GLN A 51 16.85 -9.28 -24.17
N VAL A 52 16.03 -10.08 -24.85
CA VAL A 52 16.53 -10.87 -25.97
C VAL A 52 16.99 -9.96 -27.10
N VAL A 53 16.21 -8.92 -27.40
CA VAL A 53 16.58 -8.02 -28.48
C VAL A 53 17.82 -7.23 -28.11
N THR A 54 17.87 -6.70 -26.90
CA THR A 54 19.01 -5.86 -26.49
C THR A 54 20.29 -6.66 -26.37
N ARG A 55 20.21 -7.85 -25.77
CA ARG A 55 21.39 -8.68 -25.56
C ARG A 55 21.94 -9.25 -26.86
N ALA A 56 21.14 -9.28 -27.92
CA ALA A 56 21.57 -9.79 -29.21
C ALA A 56 22.34 -8.77 -30.03
N GLY A 57 22.50 -7.55 -29.52
CA GLY A 57 23.21 -6.53 -30.25
C GLY A 57 22.33 -5.60 -31.06
N ILE A 58 21.01 -5.63 -30.85
CA ILE A 58 20.08 -4.78 -31.58
C ILE A 58 19.72 -3.63 -30.64
N HIS A 59 20.12 -2.42 -31.03
CA HIS A 59 19.83 -1.21 -30.27
C HIS A 59 19.21 -0.16 -31.17
N LEU A 60 18.47 0.75 -30.56
CA LEU A 60 17.84 1.82 -31.32
C LEU A 60 18.92 2.73 -31.92
N PRO A 61 18.73 3.21 -33.16
CA PRO A 61 19.74 4.06 -33.79
C PRO A 61 19.60 5.49 -33.33
N GLY A 62 20.68 6.04 -32.77
CA GLY A 62 20.67 7.42 -32.32
C GLY A 62 21.27 7.61 -30.95
N SER A 63 20.85 8.65 -30.23
CA SER A 63 21.35 8.97 -28.92
C SER A 63 20.17 9.18 -27.97
N ILE A 64 20.29 8.64 -26.75
CA ILE A 64 19.23 8.78 -25.76
C ILE A 64 19.25 10.15 -25.08
N ASN A 65 20.30 10.94 -25.26
CA ASN A 65 20.42 12.24 -24.65
C ASN A 65 20.88 13.25 -25.68
N TYR A 66 20.62 14.54 -25.37
CA TYR A 66 21.24 15.60 -26.14
C TYR A 66 22.75 15.65 -25.91
N ALA A 67 23.23 15.04 -24.83
CA ALA A 67 24.66 14.99 -24.54
C ALA A 67 25.41 14.05 -25.48
N GLY A 68 24.71 13.21 -26.24
CA GLY A 68 25.34 12.30 -27.17
C GLY A 68 25.47 10.88 -26.71
N ASP A 69 24.87 10.51 -25.57
CA ASP A 69 24.94 9.13 -25.09
C ASP A 69 24.20 8.20 -26.05
N SER A 70 24.96 7.39 -26.79
CA SER A 70 24.35 6.50 -27.77
C SER A 70 23.54 5.40 -27.09
N PHE A 71 22.54 4.90 -27.80
CA PHE A 71 21.72 3.82 -27.27
C PHE A 71 22.54 2.56 -27.04
N ASP A 72 23.43 2.23 -27.97
CA ASP A 72 24.19 0.99 -27.93
C ASP A 72 25.40 1.06 -26.99
N SER A 73 25.46 2.04 -26.11
CA SER A 73 26.55 2.13 -25.15
C SER A 73 26.15 1.71 -23.75
N PHE A 74 24.86 1.68 -23.44
CA PHE A 74 24.41 1.31 -22.11
C PHE A 74 24.43 -0.20 -21.93
N PRO A 75 24.56 -0.68 -20.69
CA PRO A 75 24.59 -2.13 -20.46
C PRO A 75 23.24 -2.75 -20.72
N ASN A 76 23.22 -4.09 -20.63
CA ASN A 76 22.00 -4.86 -20.79
C ASN A 76 21.55 -5.38 -19.43
N GLY A 77 20.24 -5.41 -19.23
CA GLY A 77 19.69 -5.93 -17.99
C GLY A 77 19.46 -4.87 -16.94
N VAL A 78 19.47 -5.28 -15.66
CA VAL A 78 19.18 -4.35 -14.58
C VAL A 78 20.17 -3.20 -14.55
N ALA A 79 21.39 -3.43 -15.05
CA ALA A 79 22.38 -2.36 -15.12
C ALA A 79 22.00 -1.24 -16.06
N ALA A 80 21.02 -1.46 -16.95
CA ALA A 80 20.56 -0.42 -17.85
C ALA A 80 19.60 0.57 -17.19
N LEU A 81 18.91 0.14 -16.13
CA LEU A 81 17.98 1.01 -15.42
C LEU A 81 18.49 1.45 -14.07
N PHE A 82 19.03 0.54 -13.26
CA PHE A 82 19.53 0.85 -11.93
C PHE A 82 21.01 0.49 -11.86
N GLY A 83 21.87 1.50 -11.83
CA GLY A 83 23.29 1.30 -11.74
C GLY A 83 24.06 2.57 -12.04
N PRO A 84 25.39 2.51 -11.92
CA PRO A 84 26.20 3.70 -12.21
C PRO A 84 26.29 4.03 -13.69
N ASN A 85 26.06 3.06 -14.58
CA ASN A 85 26.13 3.29 -16.02
C ASN A 85 24.76 3.15 -16.68
N SER A 86 23.68 3.28 -15.90
CA SER A 86 22.34 3.10 -16.43
C SER A 86 21.94 4.28 -17.29
N ILE A 87 20.73 4.21 -17.84
CA ILE A 87 20.14 5.29 -18.61
C ILE A 87 19.85 6.44 -17.64
N PRO A 88 19.74 7.68 -18.10
CA PRO A 88 19.52 8.79 -17.18
C PRO A 88 18.26 8.61 -16.37
N THR A 89 18.29 9.09 -15.12
CA THR A 89 17.13 8.99 -14.25
C THR A 89 15.92 9.66 -14.87
N ALA A 90 16.13 10.71 -15.66
CA ALA A 90 15.01 11.34 -16.36
C ALA A 90 14.33 10.36 -17.30
N GLY A 91 15.12 9.57 -18.04
CA GLY A 91 14.53 8.57 -18.92
C GLY A 91 13.73 7.53 -18.17
N LEU A 92 14.26 7.05 -17.05
CA LEU A 92 13.54 6.07 -16.25
C LEU A 92 12.24 6.64 -15.71
N VAL A 93 12.26 7.88 -15.22
CA VAL A 93 11.06 8.49 -14.67
C VAL A 93 10.04 8.72 -15.78
N GLN A 94 10.49 9.10 -16.97
CA GLN A 94 9.55 9.28 -18.08
C GLN A 94 8.96 7.95 -18.51
N ILE A 95 9.75 6.88 -18.50
CA ILE A 95 9.23 5.56 -18.82
C ILE A 95 8.18 5.14 -17.80
N ILE A 96 8.45 5.37 -16.52
CA ILE A 96 7.49 5.02 -15.47
C ILE A 96 6.23 5.86 -15.61
N SER A 97 6.37 7.14 -15.96
CA SER A 97 5.21 8.00 -16.16
C SER A 97 4.37 7.54 -17.34
N PHE A 98 5.02 7.13 -18.44
CA PHE A 98 4.29 6.60 -19.58
C PHE A 98 3.55 5.33 -19.21
N ILE A 99 4.20 4.44 -18.45
CA ILE A 99 3.54 3.21 -18.03
C ILE A 99 2.36 3.53 -17.11
N GLY A 100 2.51 4.53 -16.24
CA GLY A 100 1.40 4.92 -15.39
C GLY A 100 0.25 5.52 -16.17
N ILE A 101 0.55 6.31 -17.20
CA ILE A 101 -0.50 6.83 -18.07
C ILE A 101 -1.23 5.68 -18.74
N LEU A 102 -0.48 4.69 -19.22
CA LEU A 102 -1.11 3.51 -19.81
C LEU A 102 -2.00 2.80 -18.81
N GLU A 103 -1.51 2.60 -17.58
CA GLU A 103 -2.28 1.94 -16.54
C GLU A 103 -3.59 2.67 -16.27
N CYS A 104 -3.51 3.99 -16.15
CA CYS A 104 -4.69 4.78 -15.78
C CYS A 104 -5.69 4.90 -16.92
N ALA A 105 -5.22 5.13 -18.15
CA ALA A 105 -6.11 5.53 -19.22
C ALA A 105 -6.32 4.48 -20.30
N PHE A 106 -5.29 3.70 -20.65
CA PHE A 106 -5.33 2.87 -21.84
C PHE A 106 -5.49 1.39 -21.53
N MET A 107 -4.57 0.80 -20.77
CA MET A 107 -4.55 -0.65 -20.58
C MET A 107 -5.41 -0.99 -19.37
N ARG A 108 -6.73 -0.91 -19.58
CA ARG A 108 -7.70 -1.13 -18.52
C ARG A 108 -8.96 -1.71 -19.12
N ASP A 109 -9.77 -2.33 -18.25
CA ASP A 109 -11.05 -2.89 -18.64
C ASP A 109 -12.13 -1.85 -18.37
N VAL A 110 -12.56 -1.16 -19.41
CA VAL A 110 -13.63 -0.16 -19.30
C VAL A 110 -14.96 -0.88 -19.20
N PRO A 111 -15.73 -0.69 -18.14
CA PRO A 111 -16.99 -1.42 -18.00
C PRO A 111 -17.99 -1.01 -19.07
N GLY A 112 -18.83 -1.96 -19.45
CA GLY A 112 -19.88 -1.71 -20.42
C GLY A 112 -19.38 -1.37 -21.81
N THR A 113 -18.31 -2.03 -22.25
CA THR A 113 -17.76 -1.79 -23.58
C THR A 113 -17.79 -3.01 -24.49
N GLY A 114 -17.96 -4.22 -23.95
CA GLY A 114 -18.05 -5.40 -24.78
C GLY A 114 -16.96 -6.42 -24.50
N ASN A 115 -16.20 -6.21 -23.42
CA ASN A 115 -15.15 -7.14 -23.06
C ASN A 115 -15.73 -8.49 -22.68
N GLU A 116 -15.08 -9.57 -23.12
CA GLU A 116 -15.64 -10.91 -23.00
C GLU A 116 -15.07 -11.71 -21.84
N HIS A 117 -13.86 -11.41 -21.39
CA HIS A 117 -13.23 -12.21 -20.35
C HIS A 117 -12.22 -11.35 -19.60
N VAL A 118 -11.68 -11.93 -18.53
CA VAL A 118 -10.68 -11.22 -17.73
C VAL A 118 -9.40 -11.09 -18.53
N GLY A 119 -8.82 -9.89 -18.53
CA GLY A 119 -7.66 -9.59 -19.34
C GLY A 119 -7.96 -9.05 -20.71
N ASP A 120 -9.24 -8.98 -21.10
CA ASP A 120 -9.64 -8.41 -22.38
C ASP A 120 -9.73 -6.90 -22.23
N PHE A 121 -8.74 -6.19 -22.77
CA PHE A 121 -8.73 -4.73 -22.74
C PHE A 121 -9.21 -4.14 -24.06
N ARG A 122 -9.76 -4.97 -24.95
CA ARG A 122 -10.09 -4.52 -26.30
C ARG A 122 -11.03 -3.32 -26.28
N ASN A 123 -12.03 -3.34 -25.40
CA ASN A 123 -12.92 -2.20 -25.15
C ASN A 123 -13.66 -1.75 -26.41
N GLY A 124 -13.81 -2.65 -27.39
CA GLY A 124 -14.49 -2.28 -28.62
C GLY A 124 -13.79 -1.21 -29.42
N TYR A 125 -12.49 -1.01 -29.20
CA TYR A 125 -11.72 0.02 -29.87
C TYR A 125 -10.67 -0.53 -30.82
N ILE A 126 -9.80 -1.41 -30.34
CA ILE A 126 -8.72 -1.96 -31.14
C ILE A 126 -8.97 -3.46 -31.26
N ASP A 127 -9.47 -3.90 -32.41
CA ASP A 127 -9.74 -5.30 -32.67
C ASP A 127 -9.06 -5.71 -33.96
N PHE A 128 -8.31 -6.80 -33.92
CA PHE A 128 -7.62 -7.31 -35.10
C PHE A 128 -8.33 -8.50 -35.73
N GLY A 129 -9.53 -8.83 -35.28
CA GLY A 129 -10.23 -9.98 -35.81
C GLY A 129 -10.49 -11.07 -34.78
N TRP A 130 -10.72 -10.66 -33.53
CA TRP A 130 -10.98 -11.64 -32.48
C TRP A 130 -12.20 -12.50 -32.79
N ASP A 131 -13.24 -11.89 -33.36
CA ASP A 131 -14.45 -12.64 -33.69
C ASP A 131 -14.26 -13.59 -34.86
N GLU A 132 -13.16 -13.47 -35.61
CA GLU A 132 -12.90 -14.42 -36.69
C GLU A 132 -12.68 -15.82 -36.13
N PHE A 133 -11.97 -15.94 -35.01
CA PHE A 133 -11.74 -17.23 -34.39
C PHE A 133 -13.04 -17.81 -33.86
N ASP A 134 -13.16 -19.14 -33.93
CA ASP A 134 -14.25 -19.80 -33.24
C ASP A 134 -13.88 -19.98 -31.77
N GLU A 135 -14.83 -20.56 -31.00
CA GLU A 135 -14.66 -20.62 -29.55
C GLU A 135 -13.44 -21.45 -29.17
N GLU A 136 -13.23 -22.58 -29.83
CA GLU A 136 -12.08 -23.42 -29.51
C GLU A 136 -10.77 -22.71 -29.80
N THR A 137 -10.68 -22.02 -30.95
CA THR A 137 -9.48 -21.26 -31.26
C THR A 137 -9.29 -20.11 -30.28
N LYS A 138 -10.39 -19.47 -29.86
CA LYS A 138 -10.30 -18.41 -28.86
C LYS A 138 -9.70 -18.93 -27.56
N LEU A 139 -10.20 -20.08 -27.09
CA LEU A 139 -9.67 -20.67 -25.87
C LEU A 139 -8.21 -21.05 -26.04
N SER A 140 -7.85 -21.60 -27.21
CA SER A 140 -6.46 -21.96 -27.46
C SER A 140 -5.55 -20.74 -27.42
N LYS A 141 -5.99 -19.64 -28.04
CA LYS A 141 -5.18 -18.42 -28.03
C LYS A 141 -5.02 -17.87 -26.62
N ARG A 142 -6.11 -17.86 -25.84
CA ARG A 142 -6.02 -17.38 -24.47
C ARG A 142 -5.08 -18.26 -23.63
N ALA A 143 -5.18 -19.58 -23.80
CA ALA A 143 -4.30 -20.47 -23.06
C ALA A 143 -2.85 -20.28 -23.47
N ILE A 144 -2.59 -20.09 -24.76
CA ILE A 144 -1.24 -19.85 -25.24
C ILE A 144 -0.68 -18.58 -24.62
N GLU A 145 -1.49 -17.51 -24.61
CA GLU A 145 -1.05 -16.26 -24.01
C GLU A 145 -0.72 -16.46 -22.53
N LEU A 146 -1.61 -17.14 -21.80
CA LEU A 146 -1.39 -17.32 -20.37
C LEU A 146 -0.14 -18.15 -20.08
N ASN A 147 0.05 -19.24 -20.82
CA ASN A 147 1.19 -20.12 -20.54
C ASN A 147 2.50 -19.49 -20.98
N ASN A 148 2.51 -18.79 -22.11
CA ASN A 148 3.69 -18.02 -22.49
C ASN A 148 3.97 -16.94 -21.46
N GLY A 149 2.93 -16.37 -20.85
CA GLY A 149 3.15 -15.39 -19.81
C GLY A 149 3.80 -15.99 -18.57
N ARG A 150 3.35 -17.17 -18.16
CA ARG A 150 3.98 -17.84 -17.02
C ARG A 150 5.44 -18.19 -17.33
N ALA A 151 5.69 -18.71 -18.53
CA ALA A 151 7.06 -19.04 -18.93
C ALA A 151 7.93 -17.79 -18.95
N ALA A 152 7.38 -16.68 -19.45
CA ALA A 152 8.12 -15.42 -19.46
C ALA A 152 8.37 -14.91 -18.05
N MET A 153 7.41 -15.08 -17.14
CA MET A 153 7.64 -14.72 -15.74
C MET A 153 8.86 -15.45 -15.21
N MET A 154 8.88 -16.77 -15.37
CA MET A 154 10.01 -17.56 -14.88
C MET A 154 11.31 -17.15 -15.57
N GLY A 155 11.26 -16.94 -16.88
CA GLY A 155 12.47 -16.60 -17.62
C GLY A 155 13.03 -15.25 -17.24
N ILE A 156 12.17 -14.24 -17.07
CA ILE A 156 12.65 -12.92 -16.70
C ILE A 156 13.18 -12.93 -15.27
N LEU A 157 12.54 -13.68 -14.37
CA LEU A 157 13.10 -13.82 -13.03
C LEU A 157 14.48 -14.46 -13.09
N GLY A 158 14.64 -15.50 -13.90
CA GLY A 158 15.94 -16.14 -14.04
C GLY A 158 16.99 -15.21 -14.62
N LEU A 159 16.60 -14.41 -15.63
CA LEU A 159 17.56 -13.50 -16.24
C LEU A 159 18.03 -12.44 -15.25
N MET A 160 17.09 -11.84 -14.51
CA MET A 160 17.48 -10.85 -13.51
C MET A 160 18.35 -11.47 -12.42
N VAL A 161 17.98 -12.66 -11.95
CA VAL A 161 18.76 -13.30 -10.90
C VAL A 161 20.17 -13.61 -11.39
N HIS A 162 20.28 -14.15 -12.61
CA HIS A 162 21.59 -14.51 -13.14
C HIS A 162 22.45 -13.28 -13.37
N GLU A 163 21.85 -12.18 -13.83
CA GLU A 163 22.62 -10.95 -13.98
C GLU A 163 23.09 -10.44 -12.62
N GLU A 164 22.23 -10.55 -11.59
CA GLU A 164 22.58 -10.01 -10.28
C GLU A 164 23.60 -10.87 -9.54
N ILE A 165 23.67 -12.18 -9.81
CA ILE A 165 24.62 -13.03 -9.10
C ILE A 165 25.99 -13.07 -9.76
N ILE A 166 26.14 -12.42 -10.92
CA ILE A 166 27.46 -12.39 -11.56
C ILE A 166 28.50 -11.66 -10.70
N PRO A 167 28.23 -10.46 -10.17
CA PRO A 167 29.26 -9.81 -9.33
C PRO A 167 29.59 -10.59 -8.07
N LEU A 168 28.72 -11.48 -7.62
CA LEU A 168 28.96 -12.26 -6.42
C LEU A 168 29.81 -13.49 -6.67
N GLY A 169 30.23 -13.73 -7.91
CA GLY A 169 31.01 -14.88 -8.26
C GLY A 169 30.21 -16.03 -8.84
N TYR A 170 28.89 -15.87 -8.95
CA TYR A 170 28.02 -16.92 -9.48
C TYR A 170 27.75 -16.63 -10.95
N ASP A 171 28.75 -16.91 -11.78
CA ASP A 171 28.63 -16.74 -13.22
C ASP A 171 28.37 -18.10 -13.85
N ALA A 172 27.23 -18.22 -14.54
CA ALA A 172 26.77 -19.49 -15.07
C ALA A 172 26.78 -19.46 -16.59
N ASP A 173 27.36 -20.48 -17.20
CA ASP A 173 27.32 -20.66 -18.65
C ASP A 173 25.93 -21.16 -19.02
N LEU A 174 24.99 -20.22 -19.09
CA LEU A 174 23.61 -20.57 -19.35
C LEU A 174 23.47 -21.17 -20.75
N PRO A 175 22.58 -22.14 -20.95
CA PRO A 175 22.38 -22.68 -22.29
C PRO A 175 21.79 -21.64 -23.23
N ILE A 176 22.09 -21.79 -24.52
CA ILE A 176 21.60 -20.91 -25.59
C ILE A 176 22.14 -19.50 -25.41
N ILE A 177 21.64 -18.79 -24.38
CA ILE A 177 21.99 -17.38 -24.23
C ILE A 177 23.46 -17.21 -23.89
N GLY A 178 24.03 -18.14 -23.13
CA GLY A 178 25.43 -18.05 -22.75
C GLY A 178 25.66 -17.19 -21.53
N HIS A 179 26.84 -16.61 -21.40
CA HIS A 179 27.19 -15.77 -20.27
C HIS A 179 26.49 -14.43 -20.40
N LEU A 180 25.97 -13.93 -19.29
CA LEU A 180 25.28 -12.64 -19.29
C LEU A 180 26.25 -11.49 -19.11
N ALA B 1 -24.73 -0.67 18.46
CA ALA B 1 -25.04 -1.89 17.74
C ALA B 1 -24.02 -2.98 18.07
N PHE B 2 -22.76 -2.58 18.24
CA PHE B 2 -21.68 -3.49 18.59
C PHE B 2 -21.23 -3.33 20.04
N GLU B 3 -22.08 -2.72 20.86
CA GLU B 3 -21.75 -2.50 22.27
C GLU B 3 -21.85 -3.77 23.10
N ASP B 4 -22.45 -4.84 22.56
CA ASP B 4 -22.56 -6.10 23.27
C ASP B 4 -21.73 -7.19 22.63
N GLU B 5 -20.87 -6.85 21.65
CA GLU B 5 -20.05 -7.84 20.99
C GLU B 5 -18.92 -8.31 21.91
N LEU B 6 -18.10 -9.21 21.39
CA LEU B 6 -16.96 -9.71 22.13
C LEU B 6 -15.94 -8.59 22.32
N GLY B 7 -15.31 -8.55 23.49
CA GLY B 7 -14.31 -7.56 23.81
C GLY B 7 -14.81 -6.39 24.64
N ALA B 8 -16.12 -6.24 24.80
CA ALA B 8 -16.68 -5.20 25.65
C ALA B 8 -16.88 -5.80 27.04
N GLN B 9 -15.94 -5.50 27.93
CA GLN B 9 -15.91 -6.11 29.25
C GLN B 9 -15.75 -5.04 30.32
N ALA B 10 -15.94 -5.47 31.56
CA ALA B 10 -15.64 -4.62 32.70
C ALA B 10 -14.14 -4.39 32.79
N PRO B 11 -13.72 -3.24 33.34
CA PRO B 11 -14.56 -2.15 33.84
C PRO B 11 -14.89 -1.11 32.78
N LEU B 12 -14.23 -1.19 31.63
CA LEU B 12 -14.41 -0.18 30.59
C LEU B 12 -15.73 -0.32 29.86
N GLY B 13 -16.33 -1.51 29.81
CA GLY B 13 -17.50 -1.69 28.98
C GLY B 13 -17.14 -1.55 27.52
N PHE B 14 -18.07 -1.02 26.73
CA PHE B 14 -17.79 -0.73 25.34
C PHE B 14 -16.86 0.47 25.25
N PHE B 15 -15.65 0.25 24.76
CA PHE B 15 -14.60 1.28 24.72
C PHE B 15 -14.27 1.55 23.26
N ASP B 16 -14.84 2.65 22.72
CA ASP B 16 -14.61 3.08 21.34
C ASP B 16 -14.22 4.54 21.38
N PRO B 17 -12.97 4.86 21.71
CA PRO B 17 -12.56 6.26 21.79
C PRO B 17 -12.59 6.97 20.45
N PHE B 18 -11.91 6.41 19.45
CA PHE B 18 -11.83 7.08 18.15
C PHE B 18 -13.14 7.01 17.37
N GLY B 19 -14.20 6.46 17.96
CA GLY B 19 -15.49 6.42 17.29
C GLY B 19 -15.48 5.62 16.01
N MET B 20 -14.77 4.48 16.00
CA MET B 20 -14.68 3.69 14.78
C MET B 20 -15.99 2.99 14.46
N LEU B 21 -16.74 2.58 15.49
CA LEU B 21 -18.03 1.93 15.30
C LEU B 21 -19.20 2.88 15.49
N SER B 22 -18.92 4.18 15.59
CA SER B 22 -19.98 5.16 15.78
C SER B 22 -20.82 5.28 14.50
N GLY B 23 -22.08 5.67 14.69
CA GLY B 23 -22.99 5.74 13.56
C GLY B 23 -23.48 4.35 13.17
N ASP B 24 -24.03 4.28 11.96
CA ASP B 24 -24.55 3.03 11.43
C ASP B 24 -23.41 2.23 10.79
N CYS B 25 -22.52 1.76 11.65
CA CYS B 25 -21.40 0.96 11.19
C CYS B 25 -21.88 -0.41 10.70
N THR B 26 -21.37 -0.83 9.56
CA THR B 26 -21.75 -2.11 8.99
C THR B 26 -21.04 -3.25 9.72
N GLN B 27 -21.63 -4.44 9.62
CA GLN B 27 -21.01 -5.62 10.23
C GLN B 27 -19.67 -5.94 9.56
N GLU B 28 -19.52 -5.60 8.28
CA GLU B 28 -18.27 -5.87 7.59
C GLU B 28 -17.12 -5.07 8.20
N ARG B 29 -17.36 -3.81 8.53
CA ARG B 29 -16.30 -2.98 9.11
C ARG B 29 -15.89 -3.51 10.48
N PHE B 30 -16.85 -3.86 11.33
CA PHE B 30 -16.52 -4.43 12.63
C PHE B 30 -15.80 -5.75 12.48
N ASP B 31 -16.20 -6.56 11.50
CA ASP B 31 -15.53 -7.83 11.26
C ASP B 31 -14.08 -7.61 10.85
N ARG B 32 -13.83 -6.64 9.98
CA ARG B 32 -12.46 -6.34 9.58
C ARG B 32 -11.64 -5.85 10.77
N LEU B 33 -12.22 -4.96 11.58
CA LEU B 33 -11.50 -4.45 12.75
C LEU B 33 -11.18 -5.57 13.74
N ARG B 34 -12.14 -6.46 13.97
CA ARG B 34 -11.93 -7.56 14.90
C ARG B 34 -10.91 -8.55 14.35
N TYR B 35 -10.93 -8.80 13.04
CA TYR B 35 -9.92 -9.66 12.44
C TYR B 35 -8.53 -9.08 12.63
N VAL B 36 -8.38 -7.78 12.37
CA VAL B 36 -7.09 -7.13 12.55
C VAL B 36 -6.66 -7.19 14.01
N GLU B 37 -7.59 -6.94 14.93
CA GLU B 37 -7.26 -6.96 16.35
C GLU B 37 -6.83 -8.36 16.80
N ILE B 38 -7.55 -9.40 16.36
CA ILE B 38 -7.22 -10.76 16.77
C ILE B 38 -5.88 -11.18 16.17
N LYS B 39 -5.63 -10.82 14.90
CA LYS B 39 -4.36 -11.14 14.27
C LYS B 39 -3.20 -10.49 15.01
N HIS B 40 -3.35 -9.20 15.32
CA HIS B 40 -2.32 -8.49 16.08
C HIS B 40 -2.13 -9.09 17.45
N GLY B 41 -3.22 -9.48 18.11
CA GLY B 41 -3.10 -10.08 19.42
C GLY B 41 -2.36 -11.39 19.40
N ARG B 42 -2.67 -12.25 18.42
CA ARG B 42 -1.98 -13.52 18.31
C ARG B 42 -0.50 -13.33 18.02
N ILE B 43 -0.18 -12.43 17.09
CA ILE B 43 1.22 -12.16 16.76
C ILE B 43 1.95 -11.62 17.99
N ALA B 44 1.30 -10.72 18.74
CA ALA B 44 1.95 -10.13 19.90
C ALA B 44 2.11 -11.14 21.02
N GLN B 45 1.15 -12.04 21.21
CA GLN B 45 1.31 -13.09 22.21
C GLN B 45 2.50 -13.98 21.87
N LEU B 46 2.62 -14.37 20.59
CA LEU B 46 3.76 -15.18 20.19
C LEU B 46 5.06 -14.42 20.37
N ALA B 47 5.08 -13.12 20.02
CA ALA B 47 6.28 -12.32 20.16
C ALA B 47 6.70 -12.19 21.61
N PHE B 48 5.73 -11.93 22.50
CA PHE B 48 6.06 -11.81 23.92
C PHE B 48 6.55 -13.13 24.48
N LEU B 49 5.92 -14.24 24.12
CA LEU B 49 6.38 -15.54 24.61
C LEU B 49 7.80 -15.81 24.13
N GLY B 50 8.08 -15.55 22.85
CA GLY B 50 9.41 -15.79 22.32
C GLY B 50 10.46 -14.92 22.97
N GLN B 51 10.15 -13.63 23.16
CA GLN B 51 11.12 -12.74 23.79
C GLN B 51 11.36 -13.10 25.24
N VAL B 52 10.31 -13.51 25.97
CA VAL B 52 10.49 -13.95 27.35
C VAL B 52 11.36 -15.20 27.41
N VAL B 53 11.08 -16.17 26.53
CA VAL B 53 11.86 -17.41 26.53
C VAL B 53 13.31 -17.13 26.20
N THR B 54 13.55 -16.28 25.20
CA THR B 54 14.92 -15.94 24.81
C THR B 54 15.64 -15.19 25.91
N ARG B 55 14.98 -14.23 26.56
CA ARG B 55 15.61 -13.45 27.61
C ARG B 55 15.79 -14.25 28.89
N ALA B 56 15.06 -15.34 29.05
CA ALA B 56 15.20 -16.18 30.24
C ALA B 56 16.43 -17.08 30.18
N GLY B 57 17.17 -17.07 29.07
CA GLY B 57 18.32 -17.91 28.92
C GLY B 57 18.07 -19.23 28.22
N ILE B 58 16.92 -19.40 27.59
CA ILE B 58 16.58 -20.63 26.88
C ILE B 58 16.77 -20.38 25.40
N HIS B 59 17.73 -21.07 24.80
CA HIS B 59 18.02 -20.96 23.38
C HIS B 59 18.04 -22.34 22.74
N LEU B 60 17.78 -22.37 21.45
CA LEU B 60 17.78 -23.63 20.72
C LEU B 60 19.17 -24.25 20.73
N PRO B 61 19.28 -25.57 20.89
CA PRO B 61 20.61 -26.20 20.92
C PRO B 61 21.17 -26.36 19.52
N GLY B 62 22.39 -25.84 19.31
CA GLY B 62 23.04 -25.96 18.03
C GLY B 62 23.55 -24.64 17.48
N SER B 63 23.69 -24.55 16.16
CA SER B 63 24.19 -23.36 15.51
C SER B 63 23.24 -22.98 14.38
N ILE B 64 22.98 -21.67 14.24
CA ILE B 64 22.07 -21.19 13.21
C ILE B 64 22.73 -21.13 11.84
N ASN B 65 24.05 -21.20 11.76
CA ASN B 65 24.77 -21.17 10.50
C ASN B 65 25.66 -22.39 10.37
N TYR B 66 26.03 -22.69 9.13
CA TYR B 66 27.11 -23.64 8.88
C TYR B 66 28.46 -23.09 9.35
N ALA B 67 28.57 -21.77 9.51
CA ALA B 67 29.79 -21.16 10.00
C ALA B 67 30.03 -21.41 11.48
N GLY B 68 29.04 -21.91 12.21
CA GLY B 68 29.19 -22.21 13.61
C GLY B 68 28.62 -21.20 14.58
N ASP B 69 27.88 -20.20 14.08
CA ASP B 69 27.27 -19.21 14.96
C ASP B 69 26.21 -19.87 15.85
N SER B 70 26.51 -20.01 17.13
CA SER B 70 25.59 -20.68 18.04
C SER B 70 24.33 -19.84 18.24
N PHE B 71 23.23 -20.53 18.57
CA PHE B 71 21.97 -19.84 18.81
C PHE B 71 22.07 -18.92 20.02
N ASP B 72 22.72 -19.38 21.08
CA ASP B 72 22.80 -18.64 22.33
C ASP B 72 23.83 -17.52 22.32
N SER B 73 24.36 -17.17 21.16
CA SER B 73 25.34 -16.08 21.05
C SER B 73 24.72 -14.78 20.56
N PHE B 74 23.54 -14.83 19.96
CA PHE B 74 22.91 -13.64 19.42
C PHE B 74 22.20 -12.86 20.53
N PRO B 75 22.05 -11.54 20.35
CA PRO B 75 21.39 -10.73 21.38
C PRO B 75 19.89 -11.05 21.46
N ASN B 76 19.26 -10.44 22.44
CA ASN B 76 17.82 -10.59 22.65
C ASN B 76 17.11 -9.33 22.21
N GLY B 77 15.92 -9.49 21.62
CA GLY B 77 15.14 -8.34 21.20
C GLY B 77 15.41 -7.91 19.78
N VAL B 78 15.16 -6.63 19.49
CA VAL B 78 15.31 -6.13 18.12
C VAL B 78 16.73 -6.31 17.62
N ALA B 79 17.71 -6.32 18.52
CA ALA B 79 19.09 -6.53 18.12
C ALA B 79 19.34 -7.91 17.53
N ALA B 80 18.42 -8.86 17.73
CA ALA B 80 18.56 -10.19 17.14
C ALA B 80 18.15 -10.24 15.68
N LEU B 81 17.31 -9.31 15.23
CA LEU B 81 16.83 -9.27 13.86
C LEU B 81 17.45 -8.15 13.05
N PHE B 82 17.45 -6.93 13.57
CA PHE B 82 17.99 -5.76 12.87
C PHE B 82 19.10 -5.16 13.73
N GLY B 83 20.34 -5.36 13.32
CA GLY B 83 21.48 -4.82 14.03
C GLY B 83 22.78 -5.37 13.52
N PRO B 84 23.90 -4.85 14.01
CA PRO B 84 25.21 -5.34 13.57
C PRO B 84 25.50 -6.75 14.06
N ASN B 85 24.83 -7.23 15.10
CA ASN B 85 25.05 -8.57 15.63
C ASN B 85 23.83 -9.46 15.50
N SER B 86 22.94 -9.14 14.55
CA SER B 86 21.69 -9.87 14.41
C SER B 86 21.94 -11.22 13.75
N ILE B 87 20.87 -11.98 13.57
CA ILE B 87 20.91 -13.25 12.85
C ILE B 87 21.16 -12.93 11.38
N PRO B 88 21.69 -13.87 10.60
CA PRO B 88 22.02 -13.56 9.20
C PRO B 88 20.79 -13.11 8.43
N THR B 89 21.00 -12.20 7.47
CA THR B 89 19.91 -11.70 6.66
C THR B 89 19.18 -12.83 5.95
N ALA B 90 19.89 -13.90 5.60
CA ALA B 90 19.23 -15.05 4.99
C ALA B 90 18.21 -15.66 5.94
N GLY B 91 18.55 -15.77 7.22
CA GLY B 91 17.60 -16.29 8.18
C GLY B 91 16.37 -15.42 8.32
N LEU B 92 16.56 -14.11 8.38
CA LEU B 92 15.43 -13.19 8.47
C LEU B 92 14.54 -13.28 7.23
N VAL B 93 15.14 -13.34 6.05
CA VAL B 93 14.35 -13.41 4.83
C VAL B 93 13.60 -14.74 4.76
N GLN B 94 14.22 -15.83 5.21
CA GLN B 94 13.53 -17.11 5.21
C GLN B 94 12.39 -17.12 6.24
N ILE B 95 12.58 -16.47 7.38
CA ILE B 95 11.50 -16.36 8.35
C ILE B 95 10.34 -15.57 7.77
N ILE B 96 10.65 -14.46 7.09
CA ILE B 96 9.60 -13.65 6.47
C ILE B 96 8.90 -14.44 5.38
N SER B 97 9.65 -15.23 4.61
CA SER B 97 9.05 -16.05 3.56
C SER B 97 8.13 -17.11 4.15
N PHE B 98 8.55 -17.74 5.26
CA PHE B 98 7.70 -18.73 5.92
C PHE B 98 6.42 -18.08 6.44
N ILE B 99 6.55 -16.89 7.03
CA ILE B 99 5.36 -16.18 7.52
C ILE B 99 4.45 -15.80 6.36
N GLY B 100 5.02 -15.41 5.22
CA GLY B 100 4.21 -15.10 4.06
C GLY B 100 3.50 -16.32 3.51
N ILE B 101 4.18 -17.47 3.50
CA ILE B 101 3.54 -18.71 3.09
C ILE B 101 2.38 -19.03 4.02
N LEU B 102 2.58 -18.84 5.33
CA LEU B 102 1.50 -19.05 6.28
C LEU B 102 0.33 -18.11 6.00
N GLU B 103 0.64 -16.83 5.75
CA GLU B 103 -0.40 -15.85 5.46
C GLU B 103 -1.21 -16.25 4.23
N CYS B 104 -0.52 -16.69 3.17
CA CYS B 104 -1.20 -16.97 1.91
C CYS B 104 -1.98 -18.28 1.99
N ALA B 105 -1.43 -19.31 2.61
CA ALA B 105 -1.99 -20.65 2.46
C ALA B 105 -2.61 -21.22 3.73
N PHE B 106 -2.09 -20.92 4.91
CA PHE B 106 -2.47 -21.62 6.13
C PHE B 106 -3.31 -20.76 7.06
N MET B 107 -2.81 -19.60 7.48
CA MET B 107 -3.53 -18.75 8.43
C MET B 107 -4.49 -17.86 7.66
N ARG B 108 -5.60 -18.46 7.25
CA ARG B 108 -6.61 -17.75 6.49
C ARG B 108 -7.98 -18.37 6.76
N ASP B 109 -9.02 -17.60 6.49
CA ASP B 109 -10.39 -18.07 6.63
C ASP B 109 -10.87 -18.53 5.26
N VAL B 110 -10.85 -19.84 5.05
CA VAL B 110 -11.31 -20.41 3.78
C VAL B 110 -12.84 -20.40 3.77
N PRO B 111 -13.46 -19.74 2.80
CA PRO B 111 -14.94 -19.68 2.78
C PRO B 111 -15.55 -21.06 2.55
N GLY B 112 -16.73 -21.26 3.13
CA GLY B 112 -17.45 -22.50 2.96
C GLY B 112 -16.77 -23.70 3.60
N THR B 113 -16.14 -23.51 4.76
CA THR B 113 -15.48 -24.61 5.46
C THR B 113 -16.07 -24.92 6.82
N GLY B 114 -16.82 -23.99 7.43
CA GLY B 114 -17.43 -24.25 8.71
C GLY B 114 -16.96 -23.32 9.81
N ASN B 115 -16.24 -22.26 9.44
CA ASN B 115 -15.78 -21.30 10.42
C ASN B 115 -16.96 -20.58 11.06
N GLU B 116 -16.88 -20.38 12.38
CA GLU B 116 -18.01 -19.89 13.14
C GLU B 116 -17.95 -18.40 13.46
N HIS B 117 -16.77 -17.81 13.49
CA HIS B 117 -16.65 -16.40 13.86
C HIS B 117 -15.38 -15.82 13.25
N VAL B 118 -15.24 -14.51 13.38
CA VAL B 118 -14.07 -13.83 12.86
C VAL B 118 -12.84 -14.23 13.66
N GLY B 119 -11.75 -14.56 12.96
CA GLY B 119 -10.56 -15.08 13.59
C GLY B 119 -10.51 -16.58 13.70
N ASP B 120 -11.55 -17.29 13.26
CA ASP B 120 -11.57 -18.74 13.26
C ASP B 120 -10.92 -19.24 11.98
N PHE B 121 -9.69 -19.74 12.11
CA PHE B 121 -8.97 -20.31 10.98
C PHE B 121 -9.06 -21.82 10.93
N ARG B 122 -9.92 -22.41 11.77
CA ARG B 122 -9.92 -23.87 11.93
C ARG B 122 -10.17 -24.58 10.61
N ASN B 123 -11.09 -24.05 9.80
CA ASN B 123 -11.34 -24.53 8.44
C ASN B 123 -11.73 -26.00 8.39
N GLY B 124 -12.25 -26.53 9.49
CA GLY B 124 -12.62 -27.94 9.53
C GLY B 124 -11.47 -28.90 9.34
N TYR B 125 -10.25 -28.46 9.62
CA TYR B 125 -9.06 -29.28 9.42
C TYR B 125 -8.38 -29.65 10.73
N ILE B 126 -8.03 -28.66 11.55
CA ILE B 126 -7.33 -28.89 12.80
C ILE B 126 -8.25 -28.44 13.93
N ASP B 127 -8.89 -29.40 14.61
CA ASP B 127 -9.79 -29.12 15.71
C ASP B 127 -9.34 -29.92 16.92
N PHE B 128 -9.15 -29.25 18.04
CA PHE B 128 -8.75 -29.91 19.28
C PHE B 128 -9.92 -30.15 20.23
N GLY B 129 -11.15 -29.93 19.78
CA GLY B 129 -12.29 -30.12 20.66
C GLY B 129 -13.08 -28.84 20.91
N TRP B 130 -13.14 -27.97 19.92
CA TRP B 130 -13.88 -26.71 20.07
C TRP B 130 -15.34 -26.96 20.41
N ASP B 131 -15.95 -27.99 19.80
CA ASP B 131 -17.34 -28.29 20.06
C ASP B 131 -17.58 -28.88 21.45
N GLU B 132 -16.52 -29.26 22.17
CA GLU B 132 -16.70 -29.75 23.53
C GLU B 132 -17.24 -28.66 24.45
N PHE B 133 -16.74 -27.44 24.30
CA PHE B 133 -17.22 -26.32 25.10
C PHE B 133 -18.66 -25.98 24.74
N ASP B 134 -19.40 -25.47 25.72
CA ASP B 134 -20.71 -24.92 25.44
C ASP B 134 -20.56 -23.46 25.00
N GLU B 135 -21.68 -22.79 24.77
CA GLU B 135 -21.65 -21.45 24.19
C GLU B 135 -20.95 -20.46 25.12
N GLU B 136 -21.26 -20.51 26.42
CA GLU B 136 -20.64 -19.59 27.36
C GLU B 136 -19.14 -19.83 27.48
N THR B 137 -18.72 -21.10 27.51
CA THR B 137 -17.30 -21.40 27.57
C THR B 137 -16.59 -20.97 26.29
N LYS B 138 -17.26 -21.14 25.14
CA LYS B 138 -16.69 -20.67 23.88
C LYS B 138 -16.48 -19.17 23.90
N LEU B 139 -17.48 -18.43 24.37
CA LEU B 139 -17.35 -16.98 24.47
C LEU B 139 -16.24 -16.59 25.44
N SER B 140 -16.14 -17.31 26.56
CA SER B 140 -15.08 -17.02 27.53
C SER B 140 -13.70 -17.25 26.93
N LYS B 141 -13.53 -18.34 26.19
CA LYS B 141 -12.23 -18.62 25.57
C LYS B 141 -11.89 -17.57 24.53
N ARG B 142 -12.85 -17.18 23.70
CA ARG B 142 -12.59 -16.15 22.70
C ARG B 142 -12.23 -14.82 23.36
N ALA B 143 -12.95 -14.47 24.43
CA ALA B 143 -12.65 -13.24 25.14
C ALA B 143 -11.28 -13.27 25.79
N ILE B 144 -10.90 -14.42 26.36
CA ILE B 144 -9.57 -14.56 26.95
C ILE B 144 -8.51 -14.38 25.89
N GLU B 145 -8.70 -15.01 24.73
CA GLU B 145 -7.74 -14.85 23.64
C GLU B 145 -7.61 -13.39 23.23
N LEU B 146 -8.75 -12.70 23.06
CA LEU B 146 -8.72 -11.31 22.62
C LEU B 146 -8.03 -10.41 23.64
N ASN B 147 -8.37 -10.57 24.92
CA ASN B 147 -7.83 -9.67 25.93
C ASN B 147 -6.36 -9.94 26.19
N ASN B 148 -5.96 -11.21 26.22
CA ASN B 148 -4.54 -11.52 26.29
C ASN B 148 -3.79 -11.00 25.08
N GLY B 149 -4.45 -10.97 23.92
CA GLY B 149 -3.83 -10.39 22.75
C GLY B 149 -3.60 -8.90 22.87
N ARG B 150 -4.58 -8.19 23.42
CA ARG B 150 -4.38 -6.76 23.67
C ARG B 150 -3.26 -6.52 24.68
N ALA B 151 -3.25 -7.31 25.75
CA ALA B 151 -2.19 -7.20 26.74
C ALA B 151 -0.83 -7.48 26.13
N ALA B 152 -0.76 -8.48 25.24
CA ALA B 152 0.49 -8.79 24.57
C ALA B 152 0.91 -7.69 23.60
N MET B 153 -0.06 -7.04 22.96
CA MET B 153 0.26 -5.90 22.10
C MET B 153 0.97 -4.82 22.91
N MET B 154 0.36 -4.44 24.04
CA MET B 154 1.01 -3.47 24.92
C MET B 154 2.37 -3.97 25.42
N GLY B 155 2.46 -5.24 25.79
CA GLY B 155 3.70 -5.76 26.34
C GLY B 155 4.83 -5.77 25.34
N ILE B 156 4.54 -6.20 24.10
CA ILE B 156 5.58 -6.24 23.08
C ILE B 156 5.98 -4.83 22.68
N LEU B 157 5.02 -3.90 22.61
CA LEU B 157 5.38 -2.52 22.33
C LEU B 157 6.30 -1.97 23.41
N GLY B 158 5.98 -2.25 24.68
CA GLY B 158 6.83 -1.81 25.77
C GLY B 158 8.22 -2.42 25.72
N LEU B 159 8.30 -3.71 25.41
CA LEU B 159 9.60 -4.37 25.34
C LEU B 159 10.47 -3.77 24.25
N MET B 160 9.91 -3.60 23.05
CA MET B 160 10.69 -3.01 21.96
C MET B 160 11.09 -1.58 22.28
N VAL B 161 10.17 -0.78 22.83
CA VAL B 161 10.50 0.61 23.14
C VAL B 161 11.59 0.67 24.20
N HIS B 162 11.49 -0.15 25.24
CA HIS B 162 12.47 -0.12 26.30
C HIS B 162 13.84 -0.59 25.80
N GLU B 163 13.87 -1.59 24.93
CA GLU B 163 15.14 -2.01 24.36
C GLU B 163 15.74 -0.91 23.50
N GLU B 164 14.90 -0.18 22.76
CA GLU B 164 15.41 0.85 21.86
C GLU B 164 15.85 2.11 22.60
N ILE B 165 15.27 2.41 23.76
CA ILE B 165 15.67 3.62 24.49
C ILE B 165 16.89 3.41 25.38
N ILE B 166 17.37 2.17 25.51
CA ILE B 166 18.57 1.93 26.32
C ILE B 166 19.80 2.64 25.76
N PRO B 167 20.12 2.56 24.47
CA PRO B 167 21.29 3.29 23.97
C PRO B 167 21.18 4.79 24.10
N LEU B 168 19.96 5.34 24.21
CA LEU B 168 19.77 6.77 24.35
C LEU B 168 19.92 7.27 25.78
N GLY B 169 20.22 6.37 26.73
CA GLY B 169 20.35 6.74 28.11
C GLY B 169 19.13 6.45 28.97
N TYR B 170 18.03 6.03 28.34
CA TYR B 170 16.79 5.72 29.08
C TYR B 170 16.79 4.23 29.41
N ASP B 171 17.55 3.88 30.44
CA ASP B 171 17.60 2.51 30.93
C ASP B 171 16.76 2.41 32.19
N ALA B 172 15.73 1.58 32.15
CA ALA B 172 14.75 1.49 33.22
C ALA B 172 14.82 0.13 33.89
N ASP B 173 14.87 0.15 35.22
CA ASP B 173 14.81 -1.09 36.01
C ASP B 173 13.36 -1.55 36.04
N LEU B 174 12.98 -2.22 34.95
CA LEU B 174 11.60 -2.65 34.80
C LEU B 174 11.25 -3.69 35.87
N PRO B 175 10.02 -3.70 36.37
CA PRO B 175 9.64 -4.72 37.36
C PRO B 175 9.66 -6.10 36.75
N ILE B 176 9.93 -7.10 37.60
CA ILE B 176 9.96 -8.50 37.23
C ILE B 176 11.09 -8.78 36.26
N ILE B 177 10.96 -8.29 35.02
CA ILE B 177 11.91 -8.62 33.97
C ILE B 177 13.28 -8.01 34.27
N GLY B 178 13.30 -6.82 34.86
CA GLY B 178 14.56 -6.17 35.18
C GLY B 178 15.11 -5.35 34.03
N HIS B 179 16.44 -5.19 33.99
CA HIS B 179 17.09 -4.43 32.94
C HIS B 179 17.13 -5.25 31.66
N LEU B 180 16.77 -4.64 30.54
CA LEU B 180 16.80 -5.31 29.26
C LEU B 180 18.21 -5.36 28.69
N ALA C 1 -22.81 10.04 -18.31
CA ALA C 1 -23.60 9.81 -17.10
C ALA C 1 -23.23 10.81 -16.01
N PHE C 2 -21.93 11.09 -15.90
CA PHE C 2 -21.42 12.05 -14.92
C PHE C 2 -21.02 13.37 -15.55
N GLU C 3 -21.49 13.65 -16.77
CA GLU C 3 -21.14 14.88 -17.46
C GLU C 3 -21.88 16.10 -16.91
N ASP C 4 -22.90 15.89 -16.07
CA ASP C 4 -23.63 16.99 -15.46
C ASP C 4 -23.40 17.07 -13.95
N GLU C 5 -22.46 16.29 -13.43
CA GLU C 5 -22.20 16.29 -11.99
C GLU C 5 -21.47 17.57 -11.59
N LEU C 6 -21.15 17.67 -10.30
CA LEU C 6 -20.43 18.82 -9.78
C LEU C 6 -19.01 18.85 -10.34
N GLY C 7 -18.52 20.04 -10.63
CA GLY C 7 -17.18 20.23 -11.13
C GLY C 7 -17.07 20.33 -12.64
N ALA C 8 -18.07 19.88 -13.37
CA ALA C 8 -18.10 19.99 -14.83
C ALA C 8 -18.80 21.29 -15.19
N GLN C 9 -18.02 22.35 -15.37
CA GLN C 9 -18.56 23.68 -15.58
C GLN C 9 -17.76 24.38 -16.67
N ALA C 10 -18.11 25.63 -16.93
CA ALA C 10 -17.42 26.43 -17.93
C ALA C 10 -15.98 26.69 -17.49
N PRO C 11 -15.06 26.86 -18.46
CA PRO C 11 -15.27 26.79 -19.90
C PRO C 11 -15.01 25.41 -20.49
N LEU C 12 -14.35 24.54 -19.73
CA LEU C 12 -13.97 23.23 -20.24
C LEU C 12 -15.15 22.26 -20.32
N GLY C 13 -16.24 22.54 -19.61
CA GLY C 13 -17.31 21.55 -19.55
C GLY C 13 -16.84 20.31 -18.82
N PHE C 14 -17.37 19.17 -19.25
CA PHE C 14 -16.93 17.89 -18.71
C PHE C 14 -15.53 17.59 -19.23
N PHE C 15 -14.54 17.58 -18.33
CA PHE C 15 -13.15 17.40 -18.69
C PHE C 15 -12.67 16.08 -18.09
N ASP C 16 -12.62 15.03 -18.91
CA ASP C 16 -12.17 13.70 -18.50
C ASP C 16 -11.15 13.22 -19.50
N PRO C 17 -9.92 13.72 -19.43
CA PRO C 17 -8.88 13.31 -20.39
C PRO C 17 -8.52 11.84 -20.27
N PHE C 18 -8.15 11.40 -19.07
CA PHE C 18 -7.71 10.02 -18.90
C PHE C 18 -8.85 9.02 -18.94
N GLY C 19 -10.08 9.47 -19.14
CA GLY C 19 -11.21 8.56 -19.24
C GLY C 19 -11.50 7.78 -17.98
N MET C 20 -11.42 8.44 -16.82
CA MET C 20 -11.74 7.76 -15.57
C MET C 20 -13.21 7.35 -15.54
N LEU C 21 -14.09 8.21 -16.04
CA LEU C 21 -15.53 7.95 -16.03
C LEU C 21 -16.04 7.45 -17.37
N SER C 22 -15.15 7.09 -18.28
CA SER C 22 -15.56 6.59 -19.58
C SER C 22 -16.22 5.23 -19.44
N GLY C 23 -17.14 4.94 -20.37
CA GLY C 23 -17.89 3.70 -20.29
C GLY C 23 -18.98 3.78 -19.24
N ASP C 24 -19.45 2.59 -18.82
CA ASP C 24 -20.49 2.49 -17.80
C ASP C 24 -19.84 2.55 -16.41
N CYS C 25 -19.34 3.74 -16.09
CA CYS C 25 -18.75 3.96 -14.78
C CYS C 25 -19.81 3.92 -13.70
N THR C 26 -19.49 3.28 -12.58
CA THR C 26 -20.43 3.17 -11.48
C THR C 26 -20.40 4.43 -10.62
N GLN C 27 -21.49 4.63 -9.87
CA GLN C 27 -21.55 5.76 -8.96
C GLN C 27 -20.50 5.66 -7.87
N GLU C 28 -20.14 4.44 -7.46
CA GLU C 28 -19.12 4.27 -6.43
C GLU C 28 -17.77 4.78 -6.89
N ARG C 29 -17.40 4.52 -8.13
CA ARG C 29 -16.11 4.99 -8.65
C ARG C 29 -16.06 6.51 -8.69
N PHE C 30 -17.14 7.15 -9.17
CA PHE C 30 -17.17 8.60 -9.19
C PHE C 30 -17.15 9.18 -7.79
N ASP C 31 -17.84 8.54 -6.85
CA ASP C 31 -17.81 9.00 -5.47
C ASP C 31 -16.41 8.90 -4.89
N ARG C 32 -15.70 7.81 -5.16
CA ARG C 32 -14.33 7.66 -4.69
C ARG C 32 -13.43 8.74 -5.28
N LEU C 33 -13.55 8.97 -6.59
CA LEU C 33 -12.72 9.98 -7.24
C LEU C 33 -13.02 11.38 -6.70
N ARG C 34 -14.30 11.70 -6.50
CA ARG C 34 -14.67 13.01 -5.99
C ARG C 34 -14.24 13.19 -4.55
N TYR C 35 -14.31 12.12 -3.74
CA TYR C 35 -13.81 12.20 -2.37
C TYR C 35 -12.32 12.49 -2.37
N VAL C 36 -11.56 11.78 -3.21
CA VAL C 36 -10.12 12.02 -3.28
C VAL C 36 -9.83 13.44 -3.73
N GLU C 37 -10.57 13.91 -4.75
CA GLU C 37 -10.35 15.26 -5.26
C GLU C 37 -10.66 16.31 -4.21
N ILE C 38 -11.77 16.16 -3.49
CA ILE C 38 -12.16 17.15 -2.49
C ILE C 38 -11.17 17.13 -1.32
N LYS C 39 -10.75 15.94 -0.89
CA LYS C 39 -9.76 15.86 0.19
C LYS C 39 -8.46 16.54 -0.21
N HIS C 40 -7.98 16.25 -1.42
CA HIS C 40 -6.77 16.88 -1.92
C HIS C 40 -6.93 18.38 -2.01
N GLY C 41 -8.08 18.84 -2.48
CA GLY C 41 -8.30 20.27 -2.60
C GLY C 41 -8.31 20.98 -1.27
N ARG C 42 -8.94 20.38 -0.26
CA ARG C 42 -8.96 20.97 1.07
C ARG C 42 -7.54 21.02 1.65
N ILE C 43 -6.80 19.92 1.53
CA ILE C 43 -5.44 19.89 2.04
C ILE C 43 -4.59 20.93 1.34
N ALA C 44 -4.73 21.05 0.03
CA ALA C 44 -3.92 22.01 -0.73
C ALA C 44 -4.32 23.44 -0.44
N GLN C 45 -5.60 23.69 -0.19
CA GLN C 45 -6.04 25.04 0.19
C GLN C 45 -5.40 25.43 1.52
N LEU C 46 -5.41 24.52 2.49
CA LEU C 46 -4.76 24.81 3.76
C LEU C 46 -3.26 25.00 3.58
N ALA C 47 -2.63 24.18 2.72
CA ALA C 47 -1.20 24.29 2.49
C ALA C 47 -0.85 25.64 1.86
N PHE C 48 -1.64 26.08 0.88
CA PHE C 48 -1.37 27.37 0.24
C PHE C 48 -1.58 28.51 1.21
N LEU C 49 -2.62 28.42 2.05
CA LEU C 49 -2.81 29.45 3.06
C LEU C 49 -1.64 29.50 4.03
N GLY C 50 -1.11 28.33 4.41
CA GLY C 50 0.06 28.31 5.26
C GLY C 50 1.27 28.91 4.60
N GLN C 51 1.48 28.60 3.31
CA GLN C 51 2.57 29.21 2.56
C GLN C 51 2.45 30.72 2.53
N VAL C 52 1.25 31.23 2.26
CA VAL C 52 1.06 32.68 2.18
C VAL C 52 1.31 33.32 3.54
N VAL C 53 0.77 32.73 4.61
CA VAL C 53 0.90 33.33 5.93
C VAL C 53 2.35 33.32 6.39
N THR C 54 3.04 32.18 6.22
CA THR C 54 4.42 32.08 6.69
C THR C 54 5.36 32.94 5.85
N ARG C 55 5.20 32.90 4.53
CA ARG C 55 6.10 33.64 3.65
C ARG C 55 5.90 35.15 3.75
N ALA C 56 4.75 35.60 4.25
CA ALA C 56 4.50 37.02 4.41
C ALA C 56 5.16 37.60 5.65
N GLY C 57 5.79 36.78 6.47
CA GLY C 57 6.40 37.24 7.70
C GLY C 57 5.55 37.12 8.93
N ILE C 58 4.44 36.39 8.87
CA ILE C 58 3.56 36.19 10.01
C ILE C 58 3.90 34.82 10.60
N HIS C 59 4.42 34.84 11.83
CA HIS C 59 4.79 33.62 12.53
C HIS C 59 4.16 33.61 13.91
N LEU C 60 3.99 32.41 14.46
CA LEU C 60 3.42 32.28 15.78
C LEU C 60 4.33 32.90 16.83
N PRO C 61 3.79 33.57 17.84
CA PRO C 61 4.63 34.22 18.85
C PRO C 61 5.12 33.20 19.87
N GLY C 62 6.44 33.17 20.09
CA GLY C 62 7.01 32.26 21.06
C GLY C 62 8.11 31.39 20.49
N SER C 63 8.34 30.23 21.11
CA SER C 63 9.38 29.31 20.68
C SER C 63 8.79 27.92 20.55
N ILE C 64 9.19 27.20 19.50
CA ILE C 64 8.68 25.86 19.25
C ILE C 64 9.34 24.80 20.11
N ASN C 65 10.42 25.14 20.82
CA ASN C 65 11.11 24.19 21.67
C ASN C 65 11.34 24.79 23.04
N TYR C 66 11.58 23.91 24.01
CA TYR C 66 12.10 24.35 25.30
C TYR C 66 13.52 24.87 25.18
N ALA C 67 14.23 24.51 24.11
CA ALA C 67 15.58 25.00 23.87
C ALA C 67 15.61 26.46 23.45
N GLY C 68 14.48 27.05 23.10
CA GLY C 68 14.41 28.44 22.72
C GLY C 68 14.36 28.72 21.23
N ASP C 69 14.21 27.70 20.39
CA ASP C 69 14.11 27.91 18.96
C ASP C 69 12.83 28.67 18.62
N SER C 70 12.96 29.91 18.21
CA SER C 70 11.79 30.74 17.93
C SER C 70 11.06 30.25 16.69
N PHE C 71 9.76 30.54 16.64
CA PHE C 71 8.96 30.15 15.48
C PHE C 71 9.43 30.86 14.22
N ASP C 72 9.75 32.14 14.32
CA ASP C 72 10.11 32.95 13.17
C ASP C 72 11.55 32.77 12.73
N SER C 73 12.25 31.75 13.22
CA SER C 73 13.62 31.49 12.81
C SER C 73 13.73 30.37 11.78
N PHE C 74 12.72 29.53 11.67
CA PHE C 74 12.76 28.43 10.72
C PHE C 74 12.44 28.91 9.32
N PRO C 75 12.94 28.22 8.29
CA PRO C 75 12.68 28.65 6.91
C PRO C 75 11.22 28.43 6.54
N ASN C 76 10.90 28.81 5.31
CA ASN C 76 9.57 28.64 4.76
C ASN C 76 9.59 27.53 3.70
N GLY C 77 8.46 26.85 3.57
CA GLY C 77 8.33 25.81 2.56
C GLY C 77 8.88 24.47 3.01
N VAL C 78 9.30 23.65 2.04
CA VAL C 78 9.77 22.31 2.34
C VAL C 78 10.95 22.33 3.30
N ALA C 79 11.74 23.41 3.27
CA ALA C 79 12.87 23.53 4.18
C ALA C 79 12.45 23.62 5.64
N ALA C 80 11.19 23.90 5.93
CA ALA C 80 10.71 23.96 7.30
C ALA C 80 10.37 22.59 7.87
N LEU C 81 10.09 21.60 7.02
CA LEU C 81 9.75 20.26 7.46
C LEU C 81 10.88 19.26 7.23
N PHE C 82 11.44 19.23 6.03
CA PHE C 82 12.50 18.29 5.68
C PHE C 82 13.73 19.10 5.25
N GLY C 83 14.75 19.12 6.09
CA GLY C 83 15.97 19.82 5.80
C GLY C 83 16.88 19.92 7.00
N PRO C 84 18.06 20.52 6.82
CA PRO C 84 18.98 20.67 7.95
C PRO C 84 18.55 21.71 8.96
N ASN C 85 17.71 22.68 8.57
CA ASN C 85 17.23 23.71 9.48
C ASN C 85 15.73 23.61 9.72
N SER C 86 15.15 22.44 9.51
CA SER C 86 13.72 22.26 9.64
C SER C 86 13.30 22.25 11.11
N ILE C 87 12.01 22.16 11.34
CA ILE C 87 11.46 22.04 12.70
C ILE C 87 11.88 20.69 13.25
N PRO C 88 11.93 20.52 14.58
CA PRO C 88 12.42 19.25 15.14
C PRO C 88 11.59 18.07 14.66
N THR C 89 12.26 16.94 14.48
CA THR C 89 11.58 15.74 14.00
C THR C 89 10.43 15.34 14.91
N ALA C 90 10.55 15.61 16.22
CA ALA C 90 9.44 15.34 17.13
C ALA C 90 8.22 16.16 16.76
N GLY C 91 8.42 17.43 16.40
CA GLY C 91 7.29 18.24 15.98
C GLY C 91 6.62 17.72 14.73
N LEU C 92 7.41 17.29 13.75
CA LEU C 92 6.82 16.73 12.53
C LEU C 92 6.07 15.44 12.82
N VAL C 93 6.62 14.58 13.67
CA VAL C 93 5.96 13.33 13.98
C VAL C 93 4.67 13.59 14.76
N GLN C 94 4.67 14.58 15.64
CA GLN C 94 3.45 14.92 16.36
C GLN C 94 2.40 15.52 15.43
N ILE C 95 2.84 16.32 14.46
CA ILE C 95 1.90 16.86 13.47
C ILE C 95 1.28 15.73 12.66
N ILE C 96 2.10 14.76 12.24
CA ILE C 96 1.59 13.63 11.47
C ILE C 96 0.64 12.79 12.33
N SER C 97 0.97 12.62 13.61
CA SER C 97 0.09 11.86 14.50
C SER C 97 -1.24 12.58 14.70
N PHE C 98 -1.22 13.90 14.84
CA PHE C 98 -2.46 14.66 14.96
C PHE C 98 -3.30 14.54 13.69
N ILE C 99 -2.65 14.61 12.53
CA ILE C 99 -3.38 14.45 11.27
C ILE C 99 -3.96 13.05 11.16
N GLY C 100 -3.23 12.04 11.62
CA GLY C 100 -3.75 10.69 11.61
C GLY C 100 -4.93 10.51 12.54
N ILE C 101 -4.87 11.14 13.72
CA ILE C 101 -6.01 11.12 14.64
C ILE C 101 -7.21 11.76 13.97
N LEU C 102 -7.01 12.89 13.29
CA LEU C 102 -8.10 13.52 12.55
C LEU C 102 -8.66 12.59 11.48
N GLU C 103 -7.77 11.91 10.74
CA GLU C 103 -8.21 11.01 9.68
C GLU C 103 -9.05 9.88 10.25
N CYS C 104 -8.61 9.29 11.35
CA CYS C 104 -9.28 8.11 11.89
C CYS C 104 -10.47 8.42 12.77
N ALA C 105 -10.62 9.66 13.22
CA ALA C 105 -11.71 9.90 14.16
C ALA C 105 -12.62 11.06 13.79
N PHE C 106 -12.08 12.13 13.21
CA PHE C 106 -12.83 13.37 13.05
C PHE C 106 -13.21 13.65 11.61
N MET C 107 -12.24 13.71 10.69
CA MET C 107 -12.52 14.08 9.31
C MET C 107 -12.86 12.82 8.51
N ARG C 108 -14.07 12.33 8.75
CA ARG C 108 -14.56 11.11 8.11
C ARG C 108 -16.07 11.21 7.95
N ASP C 109 -16.59 10.44 7.00
CA ASP C 109 -18.02 10.38 6.75
C ASP C 109 -18.60 9.24 7.57
N VAL C 110 -19.19 9.57 8.70
CA VAL C 110 -19.83 8.57 9.56
C VAL C 110 -21.15 8.17 8.94
N PRO C 111 -21.35 6.89 8.62
CA PRO C 111 -22.61 6.47 7.98
C PRO C 111 -23.81 6.67 8.90
N GLY C 112 -24.95 6.94 8.29
CA GLY C 112 -26.18 7.11 9.03
C GLY C 112 -26.21 8.30 9.96
N THR C 113 -25.60 9.41 9.56
CA THR C 113 -25.59 10.62 10.38
C THR C 113 -26.31 11.80 9.74
N GLY C 114 -26.55 11.78 8.43
CA GLY C 114 -27.26 12.86 7.79
C GLY C 114 -26.45 13.57 6.72
N ASN C 115 -25.30 13.00 6.36
CA ASN C 115 -24.47 13.59 5.32
C ASN C 115 -25.20 13.56 3.98
N GLU C 116 -25.06 14.64 3.22
CA GLU C 116 -25.85 14.82 2.00
C GLU C 116 -25.10 14.51 0.72
N HIS C 117 -23.77 14.59 0.72
CA HIS C 117 -23.01 14.38 -0.50
C HIS C 117 -21.60 13.94 -0.15
N VAL C 118 -20.84 13.61 -1.18
CA VAL C 118 -19.44 13.20 -1.00
C VAL C 118 -18.62 14.39 -0.55
N GLY C 119 -17.81 14.19 0.48
CA GLY C 119 -17.04 15.26 1.09
C GLY C 119 -17.72 15.96 2.23
N ASP C 120 -18.99 15.64 2.50
CA ASP C 120 -19.72 16.22 3.62
C ASP C 120 -19.34 15.46 4.88
N PHE C 121 -18.48 16.07 5.70
CA PHE C 121 -18.06 15.49 6.96
C PHE C 121 -18.86 16.03 8.14
N ARG C 122 -19.93 16.77 7.88
CA ARG C 122 -20.63 17.49 8.94
C ARG C 122 -21.14 16.55 10.02
N ASN C 123 -21.65 15.38 9.63
CA ASN C 123 -22.05 14.31 10.55
C ASN C 123 -23.09 14.76 11.55
N GLY C 124 -23.85 15.80 11.23
CA GLY C 124 -24.86 16.29 12.15
C GLY C 124 -24.30 16.80 13.47
N TYR C 125 -23.04 17.20 13.49
CA TYR C 125 -22.37 17.65 14.71
C TYR C 125 -21.97 19.11 14.65
N ILE C 126 -21.26 19.52 13.60
CA ILE C 126 -20.79 20.90 13.46
C ILE C 126 -21.43 21.46 12.20
N ASP C 127 -22.45 22.29 12.38
CA ASP C 127 -23.15 22.93 11.27
C ASP C 127 -23.19 24.43 11.52
N PHE C 128 -22.78 25.20 10.52
CA PHE C 128 -22.79 26.66 10.60
C PHE C 128 -23.97 27.28 9.89
N GLY C 129 -24.92 26.48 9.42
CA GLY C 129 -26.05 27.02 8.69
C GLY C 129 -26.14 26.54 7.25
N TRP C 130 -25.73 25.30 7.02
CA TRP C 130 -25.78 24.75 5.66
C TRP C 130 -27.21 24.75 5.12
N ASP C 131 -28.19 24.44 5.96
CA ASP C 131 -29.57 24.40 5.52
C ASP C 131 -30.13 25.78 5.23
N GLU C 132 -29.44 26.85 5.64
CA GLU C 132 -29.90 28.19 5.30
C GLU C 132 -29.83 28.43 3.80
N PHE C 133 -28.78 27.94 3.15
CA PHE C 133 -28.64 28.10 1.71
C PHE C 133 -29.71 27.34 0.95
N ASP C 134 -30.12 27.91 -0.18
CA ASP C 134 -30.98 27.18 -1.10
C ASP C 134 -30.16 26.19 -1.91
N GLU C 135 -30.86 25.38 -2.71
CA GLU C 135 -30.18 24.32 -3.46
C GLU C 135 -29.17 24.90 -4.45
N GLU C 136 -29.56 25.95 -5.16
CA GLU C 136 -28.65 26.58 -6.10
C GLU C 136 -27.44 27.16 -5.38
N THR C 137 -27.67 27.83 -4.25
CA THR C 137 -26.55 28.37 -3.47
C THR C 137 -25.68 27.25 -2.92
N LYS C 138 -26.30 26.13 -2.51
CA LYS C 138 -25.51 25.00 -2.03
C LYS C 138 -24.60 24.47 -3.13
N LEU C 139 -25.15 24.31 -4.34
CA LEU C 139 -24.34 23.84 -5.46
C LEU C 139 -23.23 24.83 -5.79
N SER C 140 -23.53 26.13 -5.73
CA SER C 140 -22.51 27.14 -5.99
C SER C 140 -21.39 27.07 -4.97
N LYS C 141 -21.73 26.91 -3.69
CA LYS C 141 -20.70 26.82 -2.66
C LYS C 141 -19.85 25.56 -2.85
N ARG C 142 -20.48 24.44 -3.16
CA ARG C 142 -19.72 23.22 -3.39
C ARG C 142 -18.78 23.35 -4.58
N ALA C 143 -19.27 23.96 -5.67
CA ALA C 143 -18.43 24.17 -6.84
C ALA C 143 -17.27 25.11 -6.52
N ILE C 144 -17.53 26.17 -5.76
CA ILE C 144 -16.47 27.09 -5.37
C ILE C 144 -15.40 26.35 -4.57
N GLU C 145 -15.83 25.53 -3.60
CA GLU C 145 -14.89 24.76 -2.81
C GLU C 145 -14.05 23.85 -3.69
N LEU C 146 -14.71 23.12 -4.61
CA LEU C 146 -13.99 22.17 -5.46
C LEU C 146 -12.99 22.87 -6.37
N ASN C 147 -13.39 23.97 -7.00
CA ASN C 147 -12.51 24.64 -7.95
C ASN C 147 -11.37 25.35 -7.25
N ASN C 148 -11.65 25.99 -6.11
CA ASN C 148 -10.56 26.55 -5.32
C ASN C 148 -9.62 25.47 -4.83
N GLY C 149 -10.14 24.26 -4.56
CA GLY C 149 -9.28 23.16 -4.19
C GLY C 149 -8.36 22.75 -5.32
N ARG C 150 -8.89 22.66 -6.53
CA ARG C 150 -8.04 22.33 -7.68
C ARG C 150 -6.97 23.39 -7.91
N ALA C 151 -7.37 24.67 -7.82
CA ALA C 151 -6.42 25.75 -7.98
C ALA C 151 -5.34 25.68 -6.91
N ALA C 152 -5.72 25.37 -5.67
CA ALA C 152 -4.76 25.24 -4.60
C ALA C 152 -3.83 24.06 -4.81
N MET C 153 -4.35 22.95 -5.33
CA MET C 153 -3.48 21.82 -5.67
C MET C 153 -2.39 22.25 -6.63
N MET C 154 -2.78 22.89 -7.74
CA MET C 154 -1.77 23.28 -8.71
C MET C 154 -0.83 24.35 -8.13
N GLY C 155 -1.36 25.27 -7.34
CA GLY C 155 -0.53 26.31 -6.77
C GLY C 155 0.48 25.79 -5.77
N ILE C 156 0.06 24.86 -4.90
CA ILE C 156 0.98 24.30 -3.93
C ILE C 156 2.03 23.43 -4.62
N LEU C 157 1.63 22.71 -5.68
CA LEU C 157 2.63 21.97 -6.45
C LEU C 157 3.65 22.93 -7.05
N GLY C 158 3.18 24.05 -7.60
CA GLY C 158 4.10 25.04 -8.15
C GLY C 158 5.02 25.63 -7.10
N LEU C 159 4.48 25.93 -5.92
CA LEU C 159 5.30 26.50 -4.86
C LEU C 159 6.38 25.53 -4.41
N MET C 160 6.03 24.26 -4.19
CA MET C 160 7.02 23.28 -3.79
C MET C 160 8.07 23.07 -4.88
N VAL C 161 7.64 23.00 -6.14
CA VAL C 161 8.59 22.81 -7.24
C VAL C 161 9.54 23.98 -7.34
N HIS C 162 9.00 25.21 -7.24
CA HIS C 162 9.83 26.39 -7.35
C HIS C 162 10.82 26.51 -6.20
N GLU C 163 10.39 26.14 -4.99
CA GLU C 163 11.32 26.12 -3.87
C GLU C 163 12.42 25.09 -4.09
N GLU C 164 12.05 23.92 -4.63
CA GLU C 164 13.03 22.86 -4.80
C GLU C 164 14.00 23.11 -5.94
N ILE C 165 13.61 23.88 -6.97
CA ILE C 165 14.49 24.13 -8.10
C ILE C 165 15.43 25.30 -7.87
N ILE C 166 15.24 26.06 -6.80
CA ILE C 166 16.16 27.19 -6.51
C ILE C 166 17.58 26.72 -6.27
N PRO C 167 17.85 25.70 -5.44
CA PRO C 167 19.24 25.26 -5.28
C PRO C 167 19.87 24.71 -6.55
N LEU C 168 19.08 24.30 -7.53
CA LEU C 168 19.61 23.81 -8.80
C LEU C 168 19.92 24.93 -9.78
N GLY C 169 19.81 26.19 -9.37
CA GLY C 169 20.03 27.31 -10.25
C GLY C 169 18.81 27.80 -10.97
N TYR C 170 17.66 27.16 -10.77
CA TYR C 170 16.41 27.53 -11.44
C TYR C 170 15.63 28.45 -10.52
N ASP C 171 16.09 29.68 -10.39
CA ASP C 171 15.43 30.69 -9.57
C ASP C 171 14.63 31.61 -10.48
N ALA C 172 13.32 31.64 -10.27
CA ALA C 172 12.40 32.37 -11.13
C ALA C 172 11.74 33.50 -10.35
N ASP C 173 11.72 34.69 -10.95
CA ASP C 173 11.04 35.84 -10.35
C ASP C 173 9.55 35.67 -10.58
N LEU C 174 8.94 34.90 -9.68
CA LEU C 174 7.52 34.60 -9.81
C LEU C 174 6.69 35.87 -9.66
N PRO C 175 5.59 36.00 -10.38
CA PRO C 175 4.74 37.18 -10.22
C PRO C 175 4.10 37.20 -8.84
N ILE C 176 3.82 38.42 -8.36
CA ILE C 176 3.18 38.66 -7.07
C ILE C 176 4.07 38.21 -5.93
N ILE C 177 4.22 36.89 -5.78
CA ILE C 177 4.95 36.36 -4.62
C ILE C 177 6.43 36.73 -4.70
N GLY C 178 6.99 36.78 -5.90
CA GLY C 178 8.40 37.12 -6.05
C GLY C 178 9.33 35.94 -5.89
N HIS C 179 10.57 36.20 -5.50
CA HIS C 179 11.55 35.14 -5.31
C HIS C 179 11.23 34.36 -4.04
N LEU C 180 11.27 33.04 -4.13
CA LEU C 180 11.01 32.19 -2.97
C LEU C 180 12.25 32.08 -2.09
C A86 D . 15.01 -23.06 -8.23
O A86 D . 6.23 -21.82 -17.90
C1 A86 D . 15.92 -22.79 -9.38
C10 A86 D . 8.59 -22.77 -15.72
C11 A86 D . 8.21 -22.62 -16.99
C12 A86 D . 9.25 -22.29 -18.03
C13 A86 D . 6.82 -22.77 -17.40
C14 A86 D . 6.09 -24.08 -17.21
C15 A86 D . 4.82 -24.89 -17.38
C16 A86 D . 4.61 -26.04 -16.40
C17 A86 D . 3.33 -26.80 -16.74
C18 A86 D . 2.10 -25.93 -16.68
C19 A86 D . 2.20 -24.81 -17.70
C2 A86 D . 15.45 -22.62 -10.62
C20 A86 D . 3.57 -24.18 -17.90
C21 A86 D . 3.50 -22.95 -18.81
C22 A86 D . 4.51 -25.49 -14.99
C23 A86 D . 5.79 -26.98 -16.49
C24 A86 D . 17.38 -22.69 -9.17
C25 A86 D . 17.93 -22.89 -7.98
C26 A86 D . 19.38 -22.80 -7.86
C27 A86 D . 19.99 -23.01 -6.70
C28 A86 D . 19.19 -23.33 -5.47
C29 A86 D . 21.46 -22.92 -6.63
C3 A86 D . 14.02 -22.73 -10.90
C30 A86 D . 21.98 -23.14 -5.50
C31 A86 D . 22.79 -23.47 -4.61
C32 A86 D . 23.00 -24.92 -4.25
C33 A86 D . 22.94 -25.04 -2.73
C34 A86 D . 23.96 -24.11 -2.08
C35 A86 D . 23.56 -22.68 -2.39
C36 A86 D . 23.57 -22.39 -3.88
C37 A86 D . 22.93 -21.03 -4.15
C38 A86 D . 24.62 -23.60 0.41
C39 A86 D . 23.84 -22.85 1.44
C4 A86 D . 13.62 -22.58 -12.16
C40 A86 D . 21.95 -25.82 -4.87
C41 A86 D . 24.37 -25.37 -4.74
C5 A86 D . 12.20 -22.71 -12.49
C6 A86 D . 11.81 -22.58 -13.77
C7 A86 D . 12.81 -22.29 -14.85
C8 A86 D . 10.39 -22.73 -14.11
C9 A86 D . 9.99 -22.60 -15.37
O1 A86 D . 4.18 -23.83 -16.67
O2 A86 D . 0.96 -26.74 -16.99
O3 A86 D . 24.92 -22.34 -4.36
O4 A86 D . 23.91 -24.27 -0.66
O5 A86 D . 25.83 -23.67 0.43
C A86 E . 10.09 6.37 -26.43
O A86 E . 4.57 -3.77 -20.06
C1 A86 E . 11.21 5.93 -25.54
C10 A86 E . 5.79 -0.89 -21.29
C11 A86 E . 5.75 -1.79 -20.31
C12 A86 E . 6.96 -2.00 -19.45
C13 A86 E . 4.56 -2.56 -20.02
C14 A86 E . 3.28 -1.81 -19.70
C15 A86 E . 2.25 -2.87 -19.37
C16 A86 E . 1.45 -2.57 -18.10
C17 A86 E . 0.47 -3.67 -17.76
C18 A86 E . -0.51 -3.92 -18.88
C19 A86 E . 0.25 -4.42 -20.09
C2 A86 E . 11.04 4.91 -24.69
C20 A86 E . 1.49 -3.61 -20.48
C21 A86 E . 1.87 -3.79 -21.93
C22 A86 E . 0.69 -1.26 -18.28
C23 A86 E . 2.46 -2.39 -16.96
C24 A86 E . 12.52 6.62 -25.57
C25 A86 E . 12.72 7.65 -26.37
C26 A86 E . 14.04 8.29 -26.35
C27 A86 E . 14.28 9.34 -27.13
C28 A86 E . 13.20 9.88 -28.03
C29 A86 E . 15.61 9.98 -27.10
C3 A86 E . 9.78 4.20 -24.60
C30 A86 E . 15.66 10.95 -27.90
C31 A86 E . 16.10 11.88 -28.61
C32 A86 E . 16.20 13.27 -28.05
C33 A86 E . 15.66 14.25 -29.08
C34 A86 E . 16.40 14.10 -30.40
C35 A86 E . 16.07 12.72 -30.95
C36 A86 E . 16.53 11.59 -30.04
C37 A86 E . 15.93 10.28 -30.51
C38 A86 E . 16.40 15.07 -32.70
C39 A86 E . 15.44 14.88 -33.84
C4 A86 E . 9.67 3.22 -23.72
C40 A86 E . 17.68 13.55 -27.77
C41 A86 E . 15.40 13.38 -26.76
C5 A86 E . 8.42 2.48 -23.57
C6 A86 E . 8.35 1.51 -22.64
C7 A86 E . 9.54 1.18 -21.79
C8 A86 E . 7.08 0.78 -22.46
C9 A86 E . 7.02 -0.15 -21.51
O1 A86 E . 1.31 -2.22 -20.24
O2 A86 E . -1.46 -4.92 -18.47
O3 A86 E . 17.96 11.48 -30.10
O4 A86 E . 15.91 15.06 -31.33
O5 A86 E . 17.59 15.26 -32.87
C A86 F . 8.18 -14.90 -11.11
O A86 F . 11.81 -3.68 -16.17
C1 A86 F . 6.77 -14.40 -11.17
C10 A86 F . 10.58 -6.70 -15.43
C11 A86 F . 10.49 -5.56 -16.12
C12 A86 F . 9.15 -5.01 -16.47
C13 A86 F . 11.69 -4.84 -16.52
C14 A86 F . 12.73 -5.51 -17.37
C15 A86 F . 13.92 -4.67 -17.76
C16 A86 F . 15.16 -4.54 -16.88
C17 A86 F . 16.16 -3.63 -17.59
C18 A86 F . 16.63 -4.24 -18.89
C19 A86 F . 15.48 -4.44 -19.87
C2 A86 F . 6.52 -13.21 -11.74
C20 A86 F . 14.15 -4.87 -19.26
C21 A86 F . 13.13 -5.29 -20.31
C22 A86 F . 15.82 -5.88 -16.56
C23 A86 F . 14.81 -3.90 -15.55
C24 A86 F . 5.67 -15.19 -10.63
C25 A86 F . 5.86 -16.37 -10.06
C26 A86 F . 4.68 -17.06 -9.54
C27 A86 F . 4.74 -18.27 -8.96
C28 A86 F . 6.05 -18.97 -8.82
C29 A86 F . 3.50 -18.88 -8.46
C3 A86 F . 7.60 -12.41 -12.26
C30 A86 F . 3.52 -20.01 -7.92
C31 A86 F . 3.57 -21.18 -7.45
C32 A86 F . 3.86 -21.36 -5.97
C33 A86 F . 4.94 -22.44 -5.87
C34 A86 F . 4.50 -23.71 -6.56
C35 A86 F . 4.38 -23.43 -8.05
C36 A86 F . 3.34 -22.37 -8.35
C37 A86 F . 3.44 -21.97 -9.81
C38 A86 F . 5.69 -26.06 -6.87
C39 A86 F . 6.86 -26.40 -7.73
C4 A86 F . 7.35 -11.24 -12.83
C40 A86 F . 2.58 -21.83 -5.28
C41 A86 F . 4.36 -20.06 -5.35
C5 A86 F . 8.47 -10.46 -13.33
C6 A86 F . 8.30 -9.29 -13.93
C7 A86 F . 6.92 -8.73 -14.13
C8 A86 F . 9.49 -8.55 -14.38
C9 A86 F . 9.37 -7.39 -15.03
O1 A86 F . 14.31 -5.93 -18.33
O2 A86 F . 17.58 -3.36 -19.50
O3 A86 F . 2.02 -22.90 -8.15
O4 A86 F . 5.51 -24.70 -6.41
O5 A86 F . 4.86 -26.89 -6.55
C A86 G . -5.84 -5.90 -29.96
O A86 G . -10.20 4.90 -24.36
C1 A86 G . -5.02 -6.11 -28.73
C10 A86 G . -9.28 1.82 -25.32
C11 A86 G . -9.62 2.65 -24.33
C12 A86 G . -9.07 2.46 -22.95
C13 A86 G . -10.54 3.75 -24.61
C14 A86 G . -11.91 3.48 -25.17
C15 A86 G . -12.60 4.82 -25.31
C16 A86 G . -12.65 5.52 -26.68
C17 A86 G . -13.42 6.83 -26.54
C18 A86 G . -14.85 6.58 -26.14
C19 A86 G . -14.95 5.87 -24.79
C2 A86 G . -5.12 -5.25 -27.70
C20 A86 G . -13.88 4.82 -24.49
C21 A86 G . -14.16 4.00 -23.24
C22 A86 G . -13.31 4.65 -27.75
C23 A86 G . -11.25 5.86 -27.15
C24 A86 G . -4.12 -7.26 -28.60
C25 A86 G . -3.97 -8.13 -29.60
C26 A86 G . -3.06 -9.27 -29.40
C27 A86 G . -2.88 -10.15 -30.39
C28 A86 G . -3.55 -9.95 -31.71
C29 A86 G . -1.98 -11.30 -30.19
C3 A86 G . -6.01 -4.09 -27.80
C30 A86 G . -1.87 -12.09 -31.15
C31 A86 G . -1.73 -13.10 -31.89
C32 A86 G . -0.43 -13.31 -32.65
C33 A86 G . -0.80 -13.66 -34.08
C34 A86 G . -1.70 -14.88 -34.14
C35 A86 G . -3.02 -14.50 -33.48
C36 A86 G . -2.85 -14.12 -32.02
C37 A86 G . -4.16 -13.54 -31.50
C38 A86 G . -2.88 -16.23 -35.96
C39 A86 G . -4.05 -15.87 -36.82
C4 A86 G . -6.11 -3.25 -26.79
C40 A86 G . 0.32 -14.45 -31.99
C41 A86 G . 0.40 -12.04 -32.60
C5 A86 G . -7.01 -2.11 -26.91
C6 A86 G . -7.18 -1.25 -25.90
C7 A86 G . -6.40 -1.41 -24.62
C8 A86 G . -8.11 -0.12 -26.07
C9 A86 G . -8.36 0.72 -25.08
O1 A86 G . -13.68 3.93 -25.59
O2 A86 G . -15.54 7.83 -26.07
O3 A86 G . -2.55 -15.29 -31.26
O4 A86 G . -1.98 -15.20 -35.49
O5 A86 G . -2.65 -17.40 -35.64
C A86 H . 6.94 -11.80 -26.24
O A86 H . 12.79 -19.73 -18.50
C1 A86 H . 5.96 -12.90 -26.54
C10 A86 H . 11.43 -17.91 -20.94
C11 A86 H . 11.71 -19.12 -20.45
C12 A86 H . 10.80 -20.27 -20.74
C13 A86 H . 12.90 -19.31 -19.63
C14 A86 H . 14.26 -19.00 -20.22
C15 A86 H . 15.75 -18.82 -20.39
C16 A86 H . 16.35 -19.41 -21.66
C17 A86 H . 17.86 -19.15 -21.72
C18 A86 H . 18.64 -19.65 -20.51
C19 A86 H . 18.10 -19.01 -19.23
C2 A86 H . 6.14 -14.18 -26.19
C20 A86 H . 16.73 -18.34 -19.33
C21 A86 H . 16.40 -17.43 -18.14
C22 A86 H . 15.71 -18.80 -22.90
C23 A86 H . 16.02 -20.89 -21.72
C24 A86 H . 4.74 -12.58 -27.30
C25 A86 H . 4.45 -11.33 -27.70
C26 A86 H . 3.22 -11.12 -28.44
C27 A86 H . 2.88 -9.90 -28.87
C28 A86 H . 3.76 -8.71 -28.58
C29 A86 H . 1.62 -9.71 -29.61
C3 A86 H . 7.27 -14.73 -25.43
C30 A86 H . 1.23 -8.60 -30.05
C31 A86 H . 0.78 -7.53 -30.51
C32 A86 H . 0.88 -7.24 -31.99
C33 A86 H . 1.40 -5.82 -32.16
C34 A86 H . 0.50 -4.84 -31.43
C35 A86 H . 0.60 -5.12 -29.94
C36 A86 H . 0.13 -6.52 -29.60
C37 A86 H . 0.48 -6.83 -28.14
C38 A86 H . 1.25 -2.44 -32.59
C39 A86 H . 0.95 -2.67 -34.05
C4 A86 H . 7.56 -14.32 -24.20
C40 A86 H . 1.81 -8.22 -32.69
C41 A86 H . -0.51 -7.36 -32.62
C5 A86 H . 8.67 -14.85 -23.40
C6 A86 H . 8.84 -16.13 -23.01
C7 A86 H . 7.85 -17.22 -23.33
C8 A86 H . 10.01 -16.45 -22.19
C9 A86 H . 10.24 -17.67 -21.75
O1 A86 H . 16.53 -17.63 -20.54
O2 A86 H . 18.66 -21.08 -20.38
O3 A86 H . -1.29 -6.57 -29.73
O4 A86 H . 0.98 -3.51 -31.64
O5 A86 H . 1.71 -1.40 -32.17
C A86 I . 6.79 -10.86 -2.78
O A86 I . 17.88 -8.90 -7.93
C1 A86 I . 6.22 -10.72 -4.16
C10 A86 I . 15.04 -10.21 -6.82
C11 A86 I . 15.95 -10.16 -7.78
C12 A86 I . 15.60 -10.42 -9.21
C13 A86 I . 17.31 -9.83 -7.39
C14 A86 I . 18.01 -10.65 -6.34
C15 A86 I . 19.40 -10.10 -6.08
C16 A86 I . 19.65 -9.11 -4.94
C17 A86 I . 21.12 -8.75 -4.93
C18 A86 I . 21.97 -9.97 -4.61
C19 A86 I . 21.79 -11.07 -5.65
C2 A86 I . 6.97 -10.47 -5.26
C20 A86 I . 20.38 -11.26 -6.22
C21 A86 I . 20.18 -12.52 -7.03
C22 A86 I . 19.22 -9.63 -3.58
C23 A86 I . 18.86 -7.81 -5.18
C24 A86 I . 4.78 -10.85 -4.36
C25 A86 I . 3.95 -11.11 -3.36
C26 A86 I . 2.53 -11.19 -3.64
C27 A86 I . 1.66 -11.47 -2.67
C28 A86 I . 2.17 -11.73 -1.29
C29 A86 I . 0.23 -11.54 -2.95
C3 A86 I . 8.41 -10.29 -5.31
C30 A86 I . -0.88 -11.77 -2.39
C31 A86 I . -1.84 -12.14 -1.69
C32 A86 I . -2.12 -11.40 -0.38
C33 A86 I . -3.62 -11.57 -0.52
C34 A86 I . -4.24 -12.95 -0.32
C35 A86 I . -3.25 -13.92 -0.96
C36 A86 I . -2.66 -13.32 -2.21
C37 A86 I . -1.78 -14.34 -2.91
C38 A86 I . -4.71 -14.75 1.74
C39 A86 I . -5.28 -15.97 1.07
C4 A86 I . 9.27 -11.22 -4.92
C40 A86 I . -1.75 -9.93 -0.59
C41 A86 I . -1.41 -11.96 0.86
C5 A86 I . 10.71 -10.99 -5.00
C6 A86 I . 11.41 -10.83 -6.14
C7 A86 I . 10.80 -10.86 -7.51
C8 A86 I . 12.85 -10.58 -6.01
C9 A86 I . 13.63 -10.49 -7.08
O1 A86 I . 19.39 -11.22 -5.19
O2 A86 I . 23.34 -9.58 -4.58
O3 A86 I . -3.67 -12.91 -3.15
O4 A86 I . -4.36 -13.58 0.95
O5 A86 I . -4.57 -14.68 2.95
C A86 J . 8.63 -16.60 -33.43
O A86 J . 19.05 -14.96 -25.56
C1 A86 J . 8.34 -17.61 -32.36
C10 A86 J . 16.76 -15.81 -27.84
C11 A86 J . 17.54 -16.17 -26.81
C12 A86 J . 17.06 -17.24 -25.87
C13 A86 J . 18.83 -15.55 -26.60
C14 A86 J . 19.90 -15.65 -27.66
C15 A86 J . 21.34 -15.23 -27.92
C16 A86 J . 22.03 -15.88 -29.11
C17 A86 J . 23.46 -15.41 -29.26
C18 A86 J . 23.52 -13.91 -29.52
C19 A86 J . 22.90 -13.13 -28.35
C2 A86 J . 9.21 -17.79 -31.35
C20 A86 J . 21.85 -13.84 -27.51
C21 A86 J . 21.48 -13.06 -26.26
C22 A86 J . 21.24 -15.58 -30.38
C23 A86 J . 22.04 -17.39 -28.90
C24 A86 J . 7.11 -18.41 -32.39
C25 A86 J . 6.25 -18.28 -33.39
C26 A86 J . 5.05 -19.12 -33.39
C27 A86 J . 4.18 -19.05 -34.39
C28 A86 J . 4.41 -18.11 -35.54
C29 A86 J . 2.98 -19.91 -34.37
C3 A86 J . 10.45 -17.03 -31.26
C30 A86 J . 2.25 -19.74 -35.39
C31 A86 J . 1.29 -19.92 -36.17
C32 A86 J . 1.24 -21.13 -37.06
C33 A86 J . 0.77 -20.70 -38.45
C34 A86 J . -0.57 -19.99 -38.35
C35 A86 J . -0.34 -18.69 -37.60
C36 A86 J . 0.16 -18.92 -36.18
C37 A86 J . 0.66 -17.60 -35.59
C38 A86 J . -1.42 -20.31 -40.88
C39 A86 J . -2.81 -20.08 -41.42
C4 A86 J . 11.28 -17.28 -30.26
C40 A86 J . 0.26 -22.12 -36.46
C41 A86 J . 2.63 -21.78 -37.18
C5 A86 J . 12.54 -16.57 -30.15
C6 A86 J . 13.37 -16.85 -29.14
C7 A86 J . 12.99 -17.89 -28.12
C8 A86 J . 14.66 -16.15 -29.00
C9 A86 J . 15.47 -16.47 -28.01
O1 A86 J . 20.67 -14.03 -28.31
O2 A86 J . 24.88 -13.51 -29.67
O3 A86 J . -0.91 -19.40 -35.37
O4 A86 J . -1.02 -19.63 -39.66
O5 A86 J . -0.62 -21.04 -41.44
MG CLA K . 2.92 -27.76 -22.40
CHA CLA K . 1.15 -25.39 -24.20
CHB CLA K . 0.77 -30.18 -23.47
CHC CLA K . 4.84 -30.11 -20.78
CHD CLA K . 5.18 -25.24 -21.40
NA CLA K . 1.22 -27.74 -23.61
C1A CLA K . 0.66 -26.66 -24.29
C2A CLA K . -0.59 -27.10 -25.08
C3A CLA K . -0.75 -28.59 -24.71
C4A CLA K . 0.50 -28.88 -23.87
CMA CLA K . -2.02 -28.83 -23.93
CAA CLA K . -0.36 -26.94 -26.57
CBA CLA K . 1.02 -27.44 -26.97
CGA CLA K . 1.28 -27.08 -28.41
O1A CLA K . 0.54 -26.51 -29.20
O2A CLA K . 2.52 -27.48 -28.84
NB CLA K . 2.85 -29.76 -22.20
C1B CLA K . 1.88 -30.56 -22.69
C2B CLA K . 2.13 -31.97 -22.27
C3B CLA K . 3.27 -31.97 -21.51
C4B CLA K . 3.73 -30.55 -21.45
CMB CLA K . 1.25 -33.09 -22.64
CAB CLA K . 3.94 -33.06 -20.86
CBB CLA K . 5.19 -33.44 -21.11
NC CLA K . 4.67 -27.67 -21.26
C1C CLA K . 5.27 -28.75 -20.69
C2C CLA K . 6.47 -28.33 -19.98
C3C CLA K . 6.58 -26.95 -20.16
C4C CLA K . 5.45 -26.55 -20.98
CMC CLA K . 7.36 -29.23 -19.23
CAC CLA K . 7.64 -26.08 -19.63
CBC CLA K . 8.64 -25.69 -20.69
ND CLA K . 3.10 -25.76 -22.59
C1D CLA K . 4.10 -24.85 -22.16
C2D CLA K . 3.76 -23.49 -22.65
C3D CLA K . 2.63 -23.64 -23.44
C4D CLA K . 2.28 -25.07 -23.39
CMD CLA K . 4.52 -22.28 -22.36
CAD CLA K . 1.64 -22.98 -24.25
OBD CLA K . 1.49 -21.78 -24.47
CBD CLA K . 0.73 -24.08 -24.86
CGD CLA K . -0.74 -23.79 -24.66
O1D CLA K . -1.29 -23.39 -23.62
O2D CLA K . -1.50 -24.01 -25.76
CED CLA K . -2.91 -24.19 -25.59
C1 CLA K . 3.56 -26.48 -28.86
C2 CLA K . 4.54 -26.90 -29.89
C3 CLA K . 5.74 -26.31 -30.05
C4 CLA K . 6.69 -26.75 -31.10
C5 CLA K . 6.18 -25.18 -29.20
C6 CLA K . 6.68 -23.99 -29.99
C7 CLA K . 8.10 -23.62 -29.60
C8 CLA K . 8.23 -22.16 -29.21
C9 CLA K . 7.43 -21.27 -30.15
C10 CLA K . 9.69 -21.71 -29.21
C11 CLA K . 10.48 -22.37 -28.11
C12 CLA K . 11.95 -22.02 -28.18
C13 CLA K . 12.74 -22.65 -27.04
MG CLA L . -0.35 -19.28 -11.83
CHA CLA L . -2.99 -21.52 -11.74
CHB CLA L . -2.32 -16.91 -10.39
CHC CLA L . 2.32 -17.13 -11.88
CHD CLA L . 1.66 -21.80 -13.31
NA CLA L . -2.33 -19.25 -11.18
C1A CLA L . -3.27 -20.28 -11.22
C2A CLA L . -4.60 -19.84 -10.62
C3A CLA L . -4.39 -18.34 -10.35
C4A CLA L . -2.91 -18.13 -10.64
CMA CLA L . -5.26 -17.50 -11.24
CAA CLA L . -4.86 -20.54 -9.29
CBA CLA L . -3.59 -21.07 -8.64
CGA CLA L . -3.18 -20.24 -7.46
O1A CLA L . -3.38 -20.47 -6.28
O2A CLA L . -2.49 -19.11 -7.80
NB CLA L . -0.06 -17.36 -11.28
C1B CLA L . -0.97 -16.59 -10.64
C2B CLA L . -0.33 -15.31 -10.23
C3B CLA L . 0.98 -15.36 -10.65
C4B CLA L . 1.16 -16.67 -11.32
CMB CLA L . -1.08 -14.26 -9.52
CAB CLA L . 2.05 -14.41 -10.53
CBB CLA L . 1.94 -13.09 -10.51
NC CLA L . 1.62 -19.44 -12.50
C1C CLA L . 2.54 -18.43 -12.43
C2C CLA L . 3.81 -18.88 -12.98
C3C CLA L . 3.64 -20.21 -13.36
C4C CLA L . 2.25 -20.55 -13.05
CMC CLA L . 5.02 -18.06 -13.07
CAC CLA L . 4.64 -21.09 -13.98
CBC CLA L . 5.36 -21.94 -12.96
ND CLA L . -0.55 -21.21 -12.41
C1D CLA L . 0.35 -22.13 -13.01
C2D CLA L . -0.35 -23.40 -13.24
C3D CLA L . -1.64 -23.23 -12.78
C4D CLA L . -1.70 -21.85 -12.27
CMD CLA L . 0.26 -24.59 -13.85
CAD CLA L . -2.94 -23.83 -12.58
OBD CLA L . -3.33 -24.95 -12.87
CBD CLA L . -3.85 -22.75 -11.92
CGD CLA L . -5.07 -22.43 -12.73
O1D CLA L . -5.21 -21.52 -13.55
O2D CLA L . -6.12 -23.27 -12.52
CED CLA L . -7.38 -22.89 -13.07
C1 CLA L . -1.05 -19.26 -7.98
C2 CLA L . -0.39 -19.02 -6.67
C3 CLA L . -0.28 -17.82 -6.09
C4 CLA L . -0.83 -16.59 -6.72
C5 CLA L . 0.41 -17.65 -4.79
C6 CLA L . 1.66 -16.81 -4.93
C7 CLA L . 2.28 -16.51 -3.58
C8 CLA L . 3.69 -15.94 -3.71
NB KC2 M . 4.79 -10.46 -8.04
ND KC2 M . 2.78 -7.07 -8.01
C1A KC2 M . 0.93 -9.17 -6.86
C1B KC2 M . 4.28 -11.65 -7.67
C1C KC2 M . 6.65 -8.33 -9.12
C1D KC2 M . 3.17 -5.86 -8.46
C2A KC2 M . 0.07 -10.24 -6.37
C2B KC2 M . 5.26 -12.66 -7.80
C2C KC2 M . 7.51 -7.37 -9.68
C2D KC2 M . 2.10 -4.95 -8.24
C3A KC2 M . 0.81 -11.40 -6.47
C3B KC2 M . 6.39 -12.06 -8.26
C3C KC2 M . 6.82 -6.19 -9.73
C3D KC2 M . 1.07 -5.65 -7.64
C4A KC2 M . 2.06 -11.05 -7.00
C4B KC2 M . 6.06 -10.67 -8.40
C4C KC2 M . 5.49 -6.48 -9.19
C4D KC2 M . 1.53 -6.98 -7.52
CAA KC2 M . -1.30 -10.12 -5.86
CAB KC2 M . 7.69 -12.68 -8.56
CAC KC2 M . 7.30 -4.90 -10.23
CAD KC2 M . -0.29 -5.58 -7.10
CBA KC2 M . -2.35 -10.74 -6.42
CBB KC2 M . 8.39 -13.29 -7.61
CBC KC2 M . 7.54 -4.74 -11.53
CBD KC2 M . -0.61 -7.00 -6.66
CED KC2 M . -0.27 -7.41 -2.92
CGA KC2 M . -3.58 -10.73 -5.72
CGD KC2 M . -0.90 -6.99 -5.18
CHA KC2 M . 0.62 -7.82 -6.95
CHB KC2 M . 3.04 -12.01 -7.22
CHC KC2 M . 7.06 -9.74 -8.90
CHD KC2 M . 4.42 -5.45 -9.08
CMA KC2 M . 0.41 -12.80 -6.10
CMB KC2 M . 5.06 -14.13 -7.46
CMC KC2 M . 8.93 -7.61 -10.11
CMD KC2 M . 2.10 -3.49 -8.59
NA KC2 M . 2.15 -9.70 -7.24
NC KC2 M . 5.43 -7.79 -8.84
O1A KC2 M . -4.45 -11.52 -6.03
O1D KC2 M . -2.04 -7.09 -4.80
O2A KC2 M . -3.85 -9.75 -4.85
O2D KC2 M . 0.10 -7.15 -4.31
OBD KC2 M . -0.97 -4.60 -6.93
MG KC2 M . 3.80 -8.74 -8.02
MG CLA N . 13.43 -2.10 -24.44
CHA CLA N . 16.12 -0.02 -25.10
CHB CLA N . 13.33 -0.95 -21.25
CHC CLA N . 10.66 -4.05 -23.89
CHD CLA N . 13.55 -3.23 -27.79
NA CLA N . 14.57 -0.72 -23.36
C1A CLA N . 15.64 0.05 -23.82
C2A CLA N . 16.20 0.94 -22.70
C3A CLA N . 15.35 0.54 -21.48
C4A CLA N . 14.33 -0.45 -22.04
CMA CLA N . 16.20 -0.09 -20.41
CAA CLA N . 15.97 2.40 -23.03
CBA CLA N . 14.51 2.75 -23.11
CGA CLA N . 14.03 2.74 -24.52
O1A CLA N . 14.46 3.39 -25.49
O2A CLA N . 13.00 1.88 -24.74
NB CLA N . 12.22 -2.42 -22.87
C1B CLA N . 12.34 -1.87 -21.65
C2B CLA N . 11.26 -2.36 -20.75
C3B CLA N . 10.51 -3.24 -21.49
C4B CLA N . 11.11 -3.29 -22.85
CMB CLA N . 11.14 -1.93 -19.35
CAB CLA N . 9.34 -4.01 -21.14
CBB CLA N . 9.17 -4.66 -19.99
NC CLA N . 12.33 -3.42 -25.63
C1C CLA N . 11.23 -4.10 -25.20
C2C CLA N . 10.70 -4.92 -26.28
C3C CLA N . 11.52 -4.70 -27.39
C4C CLA N . 12.54 -3.74 -26.97
CMC CLA N . 9.53 -5.80 -26.18
CAC CLA N . 11.39 -5.29 -28.73
CBC CLA N . 10.74 -4.35 -29.71
ND CLA N . 14.57 -1.81 -26.08
C1D CLA N . 14.51 -2.33 -27.40
C2D CLA N . 15.60 -1.73 -28.21
C3D CLA N . 16.25 -0.84 -27.37
C4D CLA N . 15.56 -0.92 -26.07
CMD CLA N . 15.86 -2.06 -29.61
CAD CLA N . 17.33 0.12 -27.24
OBD CLA N . 18.17 0.46 -28.07
CBD CLA N . 17.26 0.70 -25.80
CGD CLA N . 18.55 0.56 -25.06
O1D CLA N . 19.18 -0.49 -24.81
O2D CLA N . 19.07 1.73 -24.62
CED CLA N . 19.64 1.74 -23.31
C1 CLA N . 12.70 1.58 -26.11
C2 CLA N . 11.56 0.63 -26.14
C3 CLA N . 11.16 0.04 -27.28
C4 CLA N . 11.84 0.28 -28.57
C5 CLA N . 10.01 -0.91 -27.30
C6 CLA N . 9.08 -0.78 -26.11
C7 CLA N . 7.76 -1.45 -26.41
C8 CLA N . 6.83 -1.45 -25.20
C9 CLA N . 7.18 -2.59 -24.27
C10 CLA N . 5.38 -1.52 -25.63
C11 CLA N . 4.46 -1.86 -24.48
C12 CLA N . 3.23 -0.97 -24.43
C13 CLA N . 2.53 -0.90 -25.77
C14 CLA N . 2.28 0.55 -26.18
C15 CLA N . 1.22 -1.68 -25.76
C16 CLA N . 0.53 -1.57 -27.11
C17 CLA N . -0.87 -2.12 -27.08
C18 CLA N . -1.48 -2.14 -28.48
C19 CLA N . -2.95 -2.50 -28.42
C20 CLA N . -1.32 -0.79 -29.15
NB KC2 O . 9.90 13.29 -24.21
ND KC2 O . 12.47 10.52 -23.12
C1A KC2 O . 14.04 13.10 -23.37
C1B KC2 O . 10.19 14.59 -24.43
C1C KC2 O . 8.34 10.70 -23.95
C1D KC2 O . 12.27 9.20 -22.88
C2A KC2 O . 14.74 14.37 -23.53
C2B KC2 O . 9.04 15.31 -24.81
C2C KC2 O . 7.60 9.51 -23.83
C2D KC2 O . 13.49 8.62 -22.52
C3A KC2 O . 13.78 15.29 -23.91
C3B KC2 O . 8.01 14.42 -24.80
C3C KC2 O . 8.47 8.53 -23.46
C3D KC2 O . 14.45 9.62 -22.54
C4A KC2 O . 12.56 14.61 -24.00
C4B KC2 O . 8.57 13.16 -24.43
C4C KC2 O . 9.79 9.16 -23.35
C4D KC2 O . 13.78 10.79 -22.92
CAA KC2 O . 16.17 14.63 -23.32
CAB KC2 O . 6.59 14.69 -25.14
CAC KC2 O . 8.13 7.12 -23.22
CAD KC2 O . 15.87 9.94 -22.34
CBA KC2 O . 16.61 15.50 -22.38
CBB KC2 O . 6.23 14.91 -26.39
CBC KC2 O . 8.49 6.50 -22.10
CBD KC2 O . 15.96 11.44 -22.56
CED KC2 O . 18.04 12.92 -19.82
CGA KC2 O . 17.98 15.87 -22.35
CGD KC2 O . 16.33 12.10 -21.26
CHA KC2 O . 14.59 11.87 -23.00
CHB KC2 O . 11.39 15.25 -24.36
CHC KC2 O . 7.72 11.98 -24.33
CHD KC2 O . 11.02 8.44 -22.95
CMA KC2 O . 13.99 16.74 -24.20
CMB KC2 O . 8.97 16.78 -25.14
CMC KC2 O . 6.13 9.35 -24.07
CMD KC2 O . 13.72 7.18 -22.17
NA KC2 O . 12.70 13.27 -23.67
NC KC2 O . 9.65 10.49 -23.65
O1A KC2 O . 18.74 15.42 -23.19
O1D KC2 O . 15.72 11.80 -20.26
O2A KC2 O . 18.45 16.64 -21.35
O2D KC2 O . 17.52 12.70 -21.16
OBD KC2 O . 16.69 9.24 -21.78
MG KC2 O . 11.17 11.89 -23.66
MG CLA P . 1.49 -0.96 -12.14
CHA CLA P . -0.70 -3.34 -10.88
CHB CLA P . -0.73 1.49 -11.33
CHC CLA P . 3.82 1.39 -13.09
CHD CLA P . 3.75 -3.53 -13.00
NA CLA P . -0.41 -0.97 -11.29
C1A CLA P . -1.14 -2.06 -10.81
C2A CLA P . -2.50 -1.62 -10.27
C3A CLA P . -2.57 -0.13 -10.67
C4A CLA P . -1.14 0.19 -11.12
CMA CLA P . -3.55 0.06 -11.79
CAA CLA P . -2.56 -1.77 -8.75
CBA CLA P . -1.25 -1.36 -8.10
CGA CLA P . -1.34 -1.52 -6.61
O1A CLA P . -2.17 -2.16 -5.96
O2A CLA P . -0.35 -0.85 -5.95
NB CLA P . 1.52 1.05 -12.23
C1B CLA P . 0.55 1.87 -11.77
C2B CLA P . 1.03 3.27 -11.80
C3B CLA P . 2.32 3.26 -12.29
C4B CLA P . 2.64 1.83 -12.58
CMB CLA P . 0.21 4.39 -11.37
CAB CLA P . 3.26 4.32 -12.53
CBB CLA P . 3.47 5.37 -11.74
NC CLA P . 3.41 -1.07 -12.95
C1C CLA P . 4.17 0.02 -13.28
C2C CLA P . 5.44 -0.41 -13.83
C3C CLA P . 5.44 -1.81 -13.79
C4C CLA P . 4.15 -2.21 -13.24
CMC CLA P . 6.51 0.48 -14.28
CAC CLA P . 6.50 -2.71 -14.24
CBC CLA P . 6.42 -2.88 -15.74
ND CLA P . 1.54 -2.97 -12.07
C1D CLA P . 2.55 -3.91 -12.44
C2D CLA P . 2.07 -5.27 -12.12
C3D CLA P . 0.84 -5.12 -11.51
C4D CLA P . 0.56 -3.66 -11.50
CMD CLA P . 2.82 -6.49 -12.39
CAD CLA P . -0.31 -5.78 -10.91
OBD CLA P . -0.53 -6.97 -10.77
CBD CLA P . -1.31 -4.66 -10.45
CGD CLA P . -2.68 -4.85 -11.02
O1D CLA P . -3.22 -4.24 -11.95
O2D CLA P . -3.40 -5.83 -10.40
CED CLA P . -4.82 -5.68 -10.33
C1 CLA P . 0.85 -1.60 -5.64
C2 CLA P . 0.58 -2.34 -4.37
C3 CLA P . 1.49 -3.11 -3.77
C4 CLA P . 1.17 -3.82 -2.49
C5 CLA P . 2.86 -3.30 -4.32
C6 CLA P . 3.22 -4.78 -4.41
C7 CLA P . 4.66 -4.99 -4.81
C8 CLA P . 4.95 -6.43 -5.21
C9 CLA P . 4.11 -7.40 -4.38
C10 CLA P . 6.42 -6.78 -5.08
C11 CLA P . 7.30 -5.94 -5.98
C12 CLA P . 8.67 -6.56 -6.14
C13 CLA P . 9.75 -5.49 -6.27
C14 CLA P . 9.43 -4.53 -7.39
C15 CLA P . 11.12 -6.10 -6.48
C16 CLA P . 11.73 -6.56 -5.16
C17 CLA P . 13.24 -6.65 -5.24
C18 CLA P . 13.81 -7.60 -4.18
C19 CLA P . 15.29 -7.37 -3.99
C20 CLA P . 13.09 -7.43 -2.86
MG CLA Q . -2.38 -10.91 -26.12
CHA CLA Q . -5.64 -9.88 -26.62
CHB CLA Q . -3.10 -13.87 -27.63
CHC CLA Q . 0.93 -11.80 -25.85
CHD CLA Q . -1.67 -7.80 -24.63
NA CLA Q . -4.11 -11.73 -26.95
C1A CLA Q . -5.37 -11.13 -27.10
C2A CLA Q . -6.34 -12.07 -27.81
C3A CLA Q . -5.57 -13.39 -27.84
C4A CLA Q . -4.15 -12.98 -27.48
CMA CLA Q . -6.13 -14.38 -26.86
CAA CLA Q . -6.46 -11.61 -29.25
CBA CLA Q . -7.60 -10.67 -29.56
CGA CLA Q . -7.41 -10.09 -30.93
O1A CLA Q . -7.05 -8.94 -31.23
O2A CLA Q . -7.67 -10.96 -31.93
NB CLA Q . -1.30 -12.52 -26.65
C1B CLA Q . -1.76 -13.63 -27.28
C2B CLA Q . -0.66 -14.59 -27.53
C3B CLA Q . 0.49 -14.01 -27.02
C4B CLA Q . 0.09 -12.69 -26.45
CMB CLA Q . -0.87 -15.86 -28.19
CAB CLA Q . 1.85 -14.47 -26.97
CBB CLA Q . 2.43 -15.28 -27.86
NC CLA Q . -0.69 -9.98 -25.32
C1C CLA Q . 0.56 -10.52 -25.31
C2C CLA Q . 1.50 -9.59 -24.71
C3C CLA Q . 0.76 -8.45 -24.38
C4C CLA Q . -0.61 -8.70 -24.78
CMC CLA Q . 2.92 -9.84 -24.52
CAC CLA Q . 1.28 -7.22 -23.74
CBC CLA Q . 1.46 -6.10 -24.74
ND CLA Q . -3.39 -9.25 -25.59
C1D CLA Q . -2.97 -8.03 -25.00
C2D CLA Q . -4.15 -7.13 -24.88
C3D CLA Q . -5.20 -7.81 -25.46
C4D CLA Q . -4.67 -9.10 -25.92
CMD CLA Q . -4.13 -5.82 -24.27
CAD CLA Q . -6.61 -7.77 -25.79
OBD CLA Q . -7.46 -6.94 -25.51
CBD CLA Q . -6.91 -9.06 -26.61
CGD CLA Q . -8.05 -9.84 -26.02
O1D CLA Q . -8.08 -10.42 -24.93
O2D CLA Q . -9.16 -9.88 -26.81
CED CLA Q . -10.07 -10.95 -26.58
C1 CLA Q . -6.64 -11.09 -32.93
C2 CLA Q . -7.21 -11.74 -34.13
C3 CLA Q . -6.54 -11.82 -35.29
C4 CLA Q . -7.11 -12.46 -36.50
C5 CLA Q . -5.16 -11.25 -35.40
C6 CLA Q . -4.35 -11.88 -36.50
C7 CLA Q . -2.88 -11.51 -36.35
C8 CLA Q . -2.65 -10.02 -36.52
C9 CLA Q . -2.69 -9.64 -38.00
C10 CLA Q . -1.32 -9.59 -35.91
C11 CLA Q . -0.14 -10.08 -36.73
C12 CLA Q . 1.15 -9.45 -36.25
C13 CLA Q . 2.36 -10.06 -36.93
C14 CLA Q . 3.62 -9.84 -36.12
NB KC1 R . 7.43 -17.60 -27.78
ND KC1 R . 5.41 -20.92 -27.27
C1A KC1 R . 3.83 -19.27 -29.30
C1B KC1 R . 7.06 -16.56 -28.55
C1C KC1 R . 9.01 -19.31 -25.95
C1D KC1 R . 5.73 -21.96 -26.48
C2A KC1 R . 3.11 -18.42 -30.25
C2B KC1 R . 8.06 -15.57 -28.54
C2C KC1 R . 9.76 -20.16 -25.04
C2D KC1 R . 4.73 -22.94 -26.67
C3A KC1 R . 3.84 -17.24 -30.32
C3B KC1 R . 9.07 -16.03 -27.73
C3C KC1 R . 9.02 -21.26 -24.82
C3D KC1 R . 3.82 -22.47 -27.60
C4A KC1 R . 4.95 -17.37 -29.46
C4B KC1 R . 8.64 -17.33 -27.27
C4C KC1 R . 7.81 -21.13 -25.58
C4D KC1 R . 4.27 -21.19 -27.96
CAA KC1 R . 1.90 -18.73 -30.98
CAB KC1 R . 10.34 -15.36 -27.40
CAC KC1 R . 9.41 -22.43 -23.94
CAD KC1 R . 2.58 -22.74 -28.35
CBA KC1 R . 0.71 -18.16 -30.68
CBB KC1 R . 10.35 -14.21 -26.74
CBC KC1 R . 8.60 -22.38 -22.64
CBD KC1 R . 2.41 -21.52 -29.25
CED KC1 R . 1.80 -23.39 -32.43
CGA KC1 R . -0.39 -18.38 -31.53
CGD KC1 R . 2.55 -21.96 -30.68
CHA KC1 R . 3.50 -20.56 -28.88
CHB KC1 R . 5.91 -16.38 -29.29
CHC KC1 R . 9.43 -18.07 -26.43
CHD KC1 R . 6.79 -22.10 -25.61
CMA KC1 R . 3.53 -16.05 -31.17
CMB KC1 R . 8.03 -14.25 -29.28
CMC KC1 R . 11.11 -19.84 -24.45
CMD KC1 R . 4.68 -24.28 -25.98
NA KC1 R . 4.95 -18.59 -28.84
NC KC1 R . 7.82 -19.93 -26.26
O1A KC1 R . -1.41 -17.75 -31.38
O1D KC1 R . 3.66 -22.09 -31.15
O2A KC1 R . -0.24 -19.15 -32.64
O2D KC1 R . 1.51 -22.55 -31.28
OBD KC1 R . 1.92 -23.74 -28.34
MG KC1 R . 6.37 -19.23 -27.50
MG CLA S . 19.29 -21.09 -12.86
CHA CLA S . 22.33 -21.68 -11.30
CHB CLA S . 20.29 -22.94 -15.53
CHC CLA S . 16.25 -20.49 -14.35
CHD CLA S . 18.30 -19.13 -10.08
NA CLA S . 21.04 -22.13 -13.31
C1A CLA S . 22.20 -22.28 -12.52
C2A CLA S . 23.23 -23.15 -13.25
C3A CLA S . 22.54 -23.53 -14.58
C4A CLA S . 21.19 -22.83 -14.49
CMA CLA S . 23.34 -23.06 -15.77
CAA CLA S . 23.62 -24.42 -12.48
CBA CLA S . 22.56 -24.93 -11.53
CGA CLA S . 21.47 -25.65 -12.26
O1A CLA S . 21.47 -26.79 -12.73
O2A CLA S . 20.34 -24.89 -12.40
NB CLA S . 18.43 -21.61 -14.60
C1B CLA S . 19.01 -22.36 -15.58
C2B CLA S . 18.09 -22.47 -16.74
C3B CLA S . 16.95 -21.78 -16.41
C4B CLA S . 17.15 -21.23 -15.05
CMB CLA S . 18.45 -23.21 -17.95
CAB CLA S . 15.73 -21.56 -17.15
CBB CLA S . 15.10 -22.47 -17.89
NC CLA S . 17.59 -20.01 -12.30
C1C CLA S . 16.45 -19.92 -13.06
C2C CLA S . 15.45 -19.12 -12.35
C3C CLA S . 16.04 -18.71 -11.16
C4C CLA S . 17.38 -19.28 -11.13
CMC CLA S . 14.11 -18.85 -12.85
CAC CLA S . 15.42 -17.89 -10.11
CBC CLA S . 14.84 -18.72 -8.99
ND CLA S . 20.07 -20.50 -11.09
C1D CLA S . 19.56 -19.69 -10.05
C2D CLA S . 20.58 -19.58 -8.98
C3D CLA S . 21.67 -20.33 -9.41
C4D CLA S . 21.30 -20.88 -10.72
CMD CLA S . 20.40 -18.83 -7.75
CAD CLA S . 23.00 -20.78 -9.10
OBD CLA S . 23.69 -20.56 -8.11
CBD CLA S . 23.47 -21.67 -10.30
CGD CLA S . 24.78 -21.22 -10.91
O1D CLA S . 25.31 -21.62 -11.95
O2D CLA S . 25.44 -20.27 -10.21
CED CLA S . 26.86 -20.25 -10.38
C1 CLA S . 19.33 -25.01 -11.37
C2 CLA S . 18.05 -24.60 -11.98
C3 CLA S . 17.36 -25.36 -12.84
C4 CLA S . 17.83 -26.70 -13.25
C5 CLA S . 16.07 -24.91 -13.42
C6 CLA S . 15.92 -25.29 -14.87
C7 CLA S . 14.47 -25.67 -15.18
C8 CLA S . 14.26 -25.95 -16.65
MG CLA T . 19.18 -13.19 -2.72
CHA CLA T . 18.75 -10.76 -0.28
CHB CLA T . 22.53 -13.17 -2.15
CHC CLA T . 19.53 -15.69 -5.05
CHD CLA T . 15.68 -13.18 -3.27
NA CLA T . 20.42 -12.11 -1.42
C1A CLA T . 20.04 -11.14 -0.49
C2A CLA T . 21.27 -10.63 0.27
C3A CLA T . 22.45 -11.32 -0.44
C4A CLA T . 21.77 -12.29 -1.40
CMA CLA T . 23.34 -10.34 -1.15
CAA CLA T . 21.18 -11.06 1.72
CBA CLA T . 22.06 -12.25 2.04
CGA CLA T . 21.36 -13.56 1.79
O1A CLA T . 21.73 -14.69 2.13
O2A CLA T . 20.19 -13.45 1.10
NB CLA T . 20.73 -14.21 -3.48
C1B CLA T . 22.03 -14.10 -3.07
C2B CLA T . 22.86 -15.12 -3.76
C3B CLA T . 22.01 -15.84 -4.59
C4B CLA T . 20.66 -15.26 -4.41
CMB CLA T . 24.29 -15.25 -3.51
CAB CLA T . 22.25 -16.94 -5.48
CBB CLA T . 23.29 -17.78 -5.45
NC CLA T . 17.84 -14.22 -3.94
C1C CLA T . 18.20 -15.20 -4.83
C2C CLA T . 17.03 -15.70 -5.53
C3C CLA T . 15.93 -15.00 -5.02
C4C CLA T . 16.45 -14.08 -4.02
CMC CLA T . 17.05 -16.75 -6.54
CAC CLA T . 14.53 -15.16 -5.40
CBC CLA T . 14.16 -14.33 -6.61
ND CLA T . 17.55 -12.23 -1.99
C1D CLA T . 16.16 -12.32 -2.31
C2D CLA T . 15.42 -11.36 -1.46
C3D CLA T . 16.37 -10.74 -0.66
C4D CLA T . 17.66 -11.31 -1.03
CMD CLA T . 13.97 -11.17 -1.51
CAD CLA T . 16.60 -9.75 0.39
OBD CLA T . 15.80 -9.04 0.97
CBD CLA T . 18.14 -9.74 0.66
CGD CLA T . 18.74 -8.39 0.49
O1D CLA T . 19.83 -7.97 0.91
O2D CLA T . 17.97 -7.52 -0.23
CED CLA T . 18.59 -6.32 -0.69
C1 CLA T . 19.01 -14.14 1.56
C2 CLA T . 19.02 -15.50 0.98
C3 CLA T . 17.95 -16.07 0.40
C4 CLA T . 17.99 -17.43 -0.18
C5 CLA T . 16.64 -15.37 0.32
C6 CLA T . 15.47 -16.32 0.56
C7 CLA T . 14.55 -16.38 -0.65
C8 CLA T . 13.42 -17.37 -0.45
C9 CLA T . 13.97 -18.75 -0.19
C10 CLA T . 12.49 -17.39 -1.67
C11 CLA T . 11.61 -16.17 -1.71
C12 CLA T . 11.83 -15.37 -2.97
C13 CLA T . 10.73 -14.36 -3.22
C14 CLA T . 10.38 -13.60 -1.96
C15 CLA T . 9.48 -15.02 -3.79
C16 CLA T . 9.82 -15.98 -4.92
C17 CLA T . 8.60 -16.36 -5.73
C18 CLA T . 8.84 -17.59 -6.60
C19 CLA T . 10.25 -17.63 -7.15
C20 CLA T . 8.53 -18.86 -5.84
MG CLA U . 0.48 -27.41 -1.04
CHA CLA U . -1.15 -29.35 -3.41
CHB CLA U . -2.47 -26.95 0.61
CHC CLA U . 2.13 -25.45 1.26
CHD CLA U . 3.50 -27.83 -2.83
NA CLA U . -1.47 -28.08 -1.35
C1A CLA U . -1.96 -28.88 -2.40
C2A CLA U . -3.45 -29.13 -2.26
C3A CLA U . -3.84 -28.33 -1.00
C4A CLA U . -2.51 -27.74 -0.53
CMA CLA U . -4.84 -27.24 -1.30
CAA CLA U . -3.77 -30.60 -2.07
CBA CLA U . -3.18 -31.14 -0.78
CGA CLA U . -1.93 -31.92 -1.09
O1A CLA U . -1.80 -32.90 -1.83
O2A CLA U . -0.84 -31.43 -0.43
NB CLA U . -0.06 -26.37 0.60
C1B CLA U . -1.31 -26.36 1.15
C2B CLA U . -1.29 -25.57 2.41
C3B CLA U . 0.00 -25.14 2.61
C4B CLA U . 0.80 -25.65 1.45
CMB CLA U . -2.48 -25.36 3.24
CAB CLA U . 0.55 -24.36 3.67
CBB CLA U . 1.46 -24.79 4.55
NC CLA U . 2.46 -26.78 -0.83
C1C CLA U . 2.91 -25.97 0.19
C2C CLA U . 4.34 -25.72 0.02
C3C CLA U . 4.72 -26.39 -1.14
C4C CLA U . 3.54 -27.04 -1.67
CMC CLA U . 5.15 -24.91 0.93
CAC CLA U . 6.07 -26.43 -1.73
CBC CLA U . 6.35 -25.21 -2.59
ND CLA U . 1.11 -28.40 -2.68
C1D CLA U . 2.38 -28.47 -3.33
C2D CLA U . 2.25 -29.31 -4.53
C3D CLA U . 0.92 -29.68 -4.61
C4D CLA U . 0.26 -29.08 -3.44
CMD CLA U . 3.36 -29.63 -5.44
CAD CLA U . -0.07 -30.43 -5.34
OBD CLA U . 0.05 -31.13 -6.34
CBD CLA U . -1.45 -30.19 -4.63
CGD CLA U . -2.41 -29.49 -5.54
O1D CLA U . -2.38 -28.32 -5.92
O2D CLA U . -3.43 -30.28 -5.98
CED CLA U . -4.52 -29.63 -6.64
C1 CLA U . 0.45 -31.78 -0.98
C2 CLA U . 1.40 -30.75 -0.49
C3 CLA U . 1.95 -30.79 0.74
C4 CLA U . 1.64 -31.86 1.71
C5 CLA U . 2.89 -29.73 1.17
C6 CLA U . 4.23 -30.29 1.63
C7 CLA U . 5.36 -29.66 0.84
C8 CLA U . 6.54 -29.29 1.74
C9 CLA U . 6.09 -28.38 2.85
C10 CLA U . 7.65 -28.65 0.91
C11 CLA U . 8.58 -27.81 1.75
C12 CLA U . 8.79 -26.43 1.15
C13 CLA U . 9.48 -25.49 2.13
C14 CLA U . 8.73 -25.43 3.45
C15 CLA U . 9.62 -24.09 1.54
C16 CLA U . 10.23 -24.12 0.16
C1 LMG V . 19.76 15.74 -15.27
O1 LMG V . 20.37 15.98 -16.53
C2 LMG V . 20.50 14.63 -14.53
O2 LMG V . 19.61 13.51 -14.38
C3 LMG V . 20.97 15.11 -13.17
O3 LMG V . 22.07 16.02 -13.36
C4 LMG V . 19.86 15.82 -12.40
O4 LMG V . 20.43 16.56 -11.31
C5 LMG V . 19.08 16.77 -13.30
O5 LMG V . 18.97 19.16 -13.65
C6 LMG V . 18.88 18.14 -12.66
O6 LMG V . 19.82 16.92 -14.50
C7 LMG V . 19.38 16.17 -17.54
C8 LMG V . 18.40 17.26 -17.15
C9 LMG V . 17.85 17.90 -18.42
O7 LMG V . 17.30 16.71 -16.44
C10 LMG V . 16.47 17.70 -15.77
O9 LMG V . 16.96 18.73 -15.39
C11 LMG V . 14.99 17.41 -15.56
C12 LMG V . 14.21 18.70 -15.46
C13 LMG V . 13.79 19.20 -16.83
C14 LMG V . 12.28 19.08 -16.99
C15 LMG V . 11.59 19.32 -15.67
C16 LMG V . 10.20 19.90 -15.87
C17 LMG V . 9.34 18.95 -16.69
C18 LMG V . 8.28 18.29 -15.82
C19 LMG V . 6.93 18.99 -15.99
O8 LMG V . 17.14 16.89 -19.13
C28 LMG V . 15.68 16.89 -19.18
O10 LMG V . 15.11 17.94 -19.44
C29 LMG V . 14.90 15.64 -18.91
C30 LMG V . 13.44 15.97 -18.71
C31 LMG V . 12.66 15.83 -20.02
C32 LMG V . 11.16 15.99 -19.77
C A86 W . 2.56 5.95 27.79
O A86 W . -4.06 -5.44 28.48
C1 A86 W . 3.46 5.10 28.63
C10 A86 W . -2.70 -2.40 28.80
C11 A86 W . -2.89 -3.63 29.29
C12 A86 W . -1.81 -4.26 30.13
C13 A86 W . -4.11 -4.37 29.05
C14 A86 W . -5.44 -3.83 29.51
C15 A86 W . -6.95 -4.04 29.62
C16 A86 W . -7.78 -2.84 30.02
C17 A86 W . -9.24 -3.20 30.17
C18 A86 W . -9.83 -3.72 28.88
C19 A86 W . -9.13 -5.01 28.46
C2 A86 W . 3.11 3.85 28.95
C20 A86 W . -7.62 -5.06 28.68
C21 A86 W . -7.00 -6.30 28.05
C22 A86 W . -7.62 -1.73 28.97
C23 A86 W . -7.26 -2.31 31.36
C24 A86 W . 4.74 5.63 29.13
C25 A86 W . 5.12 6.87 28.89
C26 A86 W . 6.40 7.32 29.44
C27 A86 W . 6.83 8.57 29.27
C28 A86 W . 6.02 9.55 28.49
C29 A86 W . 8.12 8.96 29.85
C3 A86 W . 1.85 3.27 28.51
C30 A86 W . 8.41 10.17 29.64
C31 A86 W . 8.92 11.31 29.78
C32 A86 W . 8.39 12.27 30.82
C33 A86 W . 8.22 13.63 30.15
C34 A86 W . 9.52 14.10 29.54
C35 A86 W . 9.89 13.14 28.41
C36 A86 W . 10.09 11.71 28.90
C37 A86 W . 10.19 10.76 27.73
C38 A86 W . 10.28 16.21 28.22
C39 A86 W . 9.95 16.60 26.81
C4 A86 W . 1.57 2.03 28.90
C40 A86 W . 7.05 11.81 31.39
C41 A86 W . 9.38 12.37 31.96
C5 A86 W . 0.32 1.39 28.53
C6 A86 W . 0.06 0.15 28.97
C7 A86 W . 1.08 -0.57 29.81
C8 A86 W . -1.21 -0.50 28.63
C9 A86 W . -1.44 -1.72 29.09
O1 A86 W . -6.97 -3.89 28.18
O2 A86 W . -11.22 -4.02 29.10
O3 A86 W . 11.31 11.63 29.65
O4 A86 W . 9.35 15.39 28.96
O5 A86 W . 11.31 16.55 28.77
C A86 X . 12.92 -23.13 11.69
O A86 X . 2.88 -15.02 14.30
C1 A86 X . 13.66 -21.88 12.08
C10 A86 X . 5.44 -16.87 13.15
C11 A86 X . 4.90 -15.67 13.36
C12 A86 X . 5.79 -14.49 13.61
C13 A86 X . 3.46 -15.47 13.32
C14 A86 X . 2.71 -15.83 12.07
C15 A86 X . 1.27 -15.42 12.34
C16 A86 X . 0.66 -14.59 11.22
C17 A86 X . -0.76 -14.17 11.56
C18 A86 X . -1.66 -15.36 11.79
C19 A86 X . -1.16 -16.18 12.97
C2 A86 X . 12.99 -20.77 12.40
C20 A86 X . 0.35 -16.40 13.06
C21 A86 X . 0.73 -17.51 14.01
C22 A86 X . 0.63 -15.39 9.92
C23 A86 X . 1.54 -13.37 11.00
C24 A86 X . 15.13 -21.86 12.09
C25 A86 X . 15.84 -22.92 11.75
C26 A86 X . 17.30 -22.83 11.77
C27 A86 X . 18.05 -23.88 11.42
C28 A86 X . 17.40 -25.15 10.98
C29 A86 X . 19.52 -23.76 11.46
C3 A86 X . 11.54 -20.72 12.40
C30 A86 X . 20.07 -24.83 11.11
C31 A86 X . 20.94 -25.71 10.88
C32 A86 X . 21.67 -25.71 9.56
C33 A86 X . 21.72 -27.14 9.04
C34 A86 X . 22.35 -28.07 10.07
C35 A86 X . 21.43 -28.11 11.28
C36 A86 X . 21.25 -26.74 11.94
C37 A86 X . 20.12 -26.81 12.95
C38 A86 X . 22.93 -30.48 10.35
C39 A86 X . 22.05 -31.66 10.64
C4 A86 X . 10.95 -19.59 12.70
C40 A86 X . 23.08 -25.20 9.81
C41 A86 X . 20.95 -24.82 8.55
C5 A86 X . 9.49 -19.48 12.70
C6 A86 X . 8.92 -18.31 12.98
C7 A86 X . 9.76 -17.11 13.32
C8 A86 X . 7.45 -18.19 12.94
C9 A86 X . 6.89 -17.01 13.19
O1 A86 X . 0.91 -16.70 11.79
O2 A86 X . -3.00 -14.90 12.07
O3 A86 X . 22.45 -26.39 12.62
O4 A86 X . 22.42 -29.39 9.54
O5 A86 X . 24.08 -30.40 10.78
C A86 Y . 0.46 -1.66 20.18
O A86 Y . 9.30 -9.64 15.47
C1 A86 Y . -0.53 -2.29 19.25
C10 A86 Y . 6.68 -8.13 16.90
C11 A86 Y . 7.19 -9.21 16.31
C12 A86 Y . 6.31 -10.08 15.46
C13 A86 Y . 8.59 -9.53 16.46
C14 A86 Y . 9.15 -9.74 17.84
C15 A86 Y . 10.63 -10.11 17.84
C16 A86 Y . 11.70 -9.03 17.96
C17 A86 Y . 13.06 -9.71 17.92
C18 A86 Y . 13.26 -10.63 19.10
C19 A86 Y . 12.22 -11.75 19.11
C2 A86 Y . -0.16 -3.32 18.49
C20 A86 Y . 10.81 -11.36 18.68
C21 A86 Y . 9.77 -12.42 19.03
C22 A86 Y . 11.57 -8.19 19.23
C23 A86 Y . 11.63 -8.07 16.79
C24 A86 Y . -1.90 -1.78 19.16
C25 A86 Y . -2.34 -0.77 19.89
C26 A86 Y . -3.72 -0.36 19.68
C27 A86 Y . -4.26 0.65 20.37
C28 A86 Y . -3.46 1.39 21.39
C29 A86 Y . -5.67 1.00 20.11
C3 A86 Y . 1.20 -3.83 18.55
C30 A86 Y . -6.16 1.94 20.79
C31 A86 Y . -6.70 2.83 21.49
C32 A86 Y . -6.62 4.28 21.04
C33 A86 Y . -6.20 5.10 22.25
C34 A86 Y . -7.15 4.89 23.42
C35 A86 Y . -7.04 3.44 23.87
C36 A86 Y . -7.42 2.46 22.77
C37 A86 Y . -7.02 1.06 23.20
C38 A86 Y . -7.25 5.86 25.87
C39 A86 Y . -6.34 5.57 27.02
C4 A86 Y . 1.55 -4.86 17.81
C40 A86 Y . -8.01 4.70 20.56
C41 A86 Y . -5.61 4.44 19.92
C5 A86 Y . 2.94 -5.31 17.90
C6 A86 Y . 3.36 -6.37 17.22
C7 A86 Y . 2.45 -7.14 16.31
C8 A86 Y . 4.78 -6.76 17.35
C9 A86 Y . 5.27 -7.81 16.72
O1 A86 Y . 10.39 -10.13 19.24
O2 A86 Y . 14.56 -11.21 19.04
O3 A86 Y . -8.82 2.47 22.56
O4 A86 Y . -6.76 5.70 24.51
O5 A86 Y . -8.40 6.23 26.02
C A86 Z . -6.75 -25.50 16.60
O A86 Z . -5.61 -25.96 3.72
C1 A86 Z . -6.18 -24.12 16.49
C10 A86 Z . -6.25 -25.38 6.97
C11 A86 Z . -6.18 -24.92 5.71
C12 A86 Z . -5.83 -23.48 5.45
C13 A86 Z . -6.45 -25.82 4.59
C14 A86 Z . -7.77 -26.55 4.51
C15 A86 Z . -7.70 -27.38 3.23
C16 A86 Z . -7.38 -28.87 3.30
C17 A86 Z . -7.39 -29.45 1.90
C18 A86 Z . -8.79 -29.36 1.29
C19 A86 Z . -9.25 -27.91 1.17
C2 A86 Z . -5.89 -23.59 15.30
C20 A86 Z . -8.84 -26.96 2.30
C21 A86 Z . -9.51 -25.59 2.22
C22 A86 Z . -8.35 -29.64 4.19
C23 A86 Z . -5.97 -29.07 3.85
C24 A86 Z . -5.95 -23.32 17.71
C25 A86 Z . -6.19 -23.80 18.92
C26 A86 Z . -5.95 -22.94 20.07
C27 A86 Z . -6.17 -23.40 21.31
C28 A86 Z . -6.59 -24.83 21.51
C29 A86 Z . -5.93 -22.52 22.47
C3 A86 Z . -6.12 -24.37 14.09
C30 A86 Z . -6.18 -23.07 23.59
C31 A86 Z . -6.54 -23.27 24.77
C32 A86 Z . -5.48 -23.51 25.83
C33 A86 Z . -5.91 -24.73 26.62
C34 A86 Z . -7.29 -24.55 27.21
C35 A86 Z . -8.28 -24.47 26.06
C36 A86 Z . -8.00 -23.28 25.15
C37 A86 Z . -8.89 -23.38 23.91
C38 A86 Z . -8.93 -25.91 28.62
C39 A86 Z . -9.73 -27.12 28.25
C4 A86 Z . -5.84 -23.84 12.91
C40 A86 Z . -5.41 -22.28 26.72
C41 A86 Z . -4.13 -23.75 25.17
C5 A86 Z . -6.09 -24.64 11.71
C6 A86 Z . -5.85 -24.14 10.49
C7 A86 Z . -5.28 -22.76 10.33
C8 A86 Z . -6.11 -24.98 9.32
C9 A86 Z . -5.98 -24.50 8.09
O1 A86 Z . -9.08 -27.53 3.58
O2 A86 Z . -8.77 -29.95 -0.02
O3 A86 Z . -8.35 -22.08 25.83
O4 A86 Z . -7.64 -25.70 27.98
O5 A86 Z . -9.29 -25.10 29.45
C A86 AA . 1.50 -16.52 24.50
O A86 AA . 2.51 -5.03 29.36
C1 A86 AA . 0.13 -16.62 25.11
C10 A86 AA . 2.27 -8.26 28.56
C11 A86 AA . 1.92 -7.28 29.39
C12 A86 AA . 0.58 -7.29 30.07
C13 A86 AA . 2.83 -6.18 29.63
C14 A86 AA . 4.20 -6.46 30.21
C15 A86 AA . 5.61 -6.29 30.75
C16 A86 AA . 5.94 -7.06 32.02
C17 A86 AA . 7.38 -6.81 32.46
C18 A86 AA . 7.72 -5.34 32.67
C19 A86 AA . 7.48 -4.55 31.39
C2 A86 AA . -0.35 -15.75 26.02
C20 A86 AA . 6.61 -5.22 30.32
C21 A86 AA . 6.69 -4.54 28.95
C22 A86 AA . 5.75 -8.55 31.78
C23 A86 AA . 4.94 -6.70 33.09
C24 A86 AA . -0.75 -17.74 24.72
C25 A86 AA . -0.39 -18.64 23.83
C26 A86 AA . -1.33 -19.71 23.52
C27 A86 AA . -1.05 -20.66 22.62
C28 A86 AA . 0.26 -20.65 21.91
C29 A86 AA . -2.04 -21.71 22.35
C3 A86 AA . 0.35 -14.57 26.54
C30 A86 AA . -1.83 -22.63 21.53
C31 A86 AA . -1.70 -23.60 20.72
C32 A86 AA . -1.42 -24.98 21.23
C33 A86 AA . -0.28 -25.58 20.42
C34 A86 AA . -0.61 -25.55 18.94
C35 A86 AA . -0.72 -24.09 18.50
C36 A86 AA . -1.82 -23.35 19.23
C37 A86 AA . -1.73 -21.87 18.93
C38 A86 AA . 1.24 -27.33 17.92
C39 A86 AA . 0.93 -28.60 18.66
C4 A86 AA . 0.73 -13.57 25.76
C40 A86 AA . -1.04 -24.98 22.71
C41 A86 AA . -2.66 -25.85 21.07
C5 A86 AA . 1.41 -12.37 26.24
C6 A86 AA . 0.93 -11.48 27.11
C7 A86 AA . -0.43 -11.58 27.74
C8 A86 AA . 1.77 -10.32 27.45
C9 A86 AA . 1.37 -9.38 28.30
O1 A86 AA . 6.89 -6.61 30.18
O2 A86 AA . 7.03 -4.73 33.78
O3 A86 AA . -3.08 -23.83 18.76
O4 A86 AA . 0.45 -26.14 18.20
O5 A86 AA . 2.13 -27.25 17.10
C A86 BA . 0.94 3.65 12.53
O A86 BA . 11.75 1.28 18.03
C1 A86 BA . 0.55 2.24 12.85
C10 A86 BA . 8.57 2.00 17.35
C11 A86 BA . 9.44 1.38 18.15
C12 A86 BA . 9.07 0.14 18.90
C13 A86 BA . 10.77 1.96 18.26
C14 A86 BA . 10.92 3.40 18.69
C15 A86 BA . 12.40 3.75 18.69
C16 A86 BA . 13.06 4.41 17.48
C17 A86 BA . 14.52 4.63 17.79
C18 A86 BA . 14.69 5.62 18.94
C19 A86 BA . 14.04 5.08 20.22
C2 A86 BA . 1.36 1.36 13.48
C20 A86 BA . 12.72 4.34 20.06
C21 A86 BA . 11.97 4.06 21.35
C22 A86 BA . 12.40 5.73 17.09
C23 A86 BA . 12.98 3.49 16.26
C24 A86 BA . -0.76 1.74 12.43
C25 A86 BA . -1.63 2.51 11.82
C26 A86 BA . -2.90 1.90 11.43
C27 A86 BA . -3.85 2.61 10.82
C28 A86 BA . -3.61 4.05 10.55
C29 A86 BA . -5.11 1.97 10.42
C3 A86 BA . 2.71 1.62 13.97
C30 A86 BA . -6.12 2.43 9.85
C31 A86 BA . -7.20 2.92 9.45
C32 A86 BA . -7.18 3.63 8.08
C33 A86 BA . -8.59 3.16 7.73
C34 A86 BA . -9.79 3.76 8.48
C35 A86 BA . -9.29 3.93 9.92
C36 A86 BA . -8.43 2.77 10.33
C37 A86 BA . -8.06 2.89 11.80
C38 A86 BA . -11.14 6.18 8.66
C39 A86 BA . -12.13 5.97 9.77
C4 A86 BA . 3.00 2.57 14.85
C40 A86 BA . -6.18 2.90 7.19
C41 A86 BA . -6.87 5.11 8.11
C5 A86 BA . 4.37 2.77 15.32
C6 A86 BA . 5.10 1.88 16.02
C7 A86 BA . 4.60 0.54 16.44
C8 A86 BA . 6.46 2.27 16.36
C9 A86 BA . 7.23 1.51 17.12
O1 A86 BA . 11.85 4.97 19.15
O2 A86 BA . 16.08 5.83 19.17
O3 A86 BA . -9.09 1.50 10.14
O4 A86 BA . -10.24 5.10 8.29
O5 A86 BA . -11.06 7.23 8.06
C A86 CA . 0.94 -20.49 32.32
O A86 CA . 10.48 -11.45 31.66
C1 A86 CA . 0.15 -19.22 32.51
C10 A86 CA . 8.18 -13.76 32.44
C11 A86 CA . 8.64 -12.51 32.58
C12 A86 CA . 7.67 -11.40 32.83
C13 A86 CA . 10.07 -12.22 32.51
C14 A86 CA . 11.04 -12.85 33.49
C15 A86 CA . 12.52 -12.87 33.83
C16 A86 CA . 12.88 -13.51 35.17
C17 A86 CA . 14.38 -13.45 35.42
C18 A86 CA . 15.14 -14.22 34.36
C19 A86 CA . 14.91 -13.62 32.98
C2 A86 CA . 0.78 -18.03 32.54
C20 A86 CA . 13.55 -12.99 32.70
C21 A86 CA . 13.45 -12.39 31.31
C22 A86 CA . 12.41 -14.96 35.19
C23 A86 CA . 12.16 -12.75 36.28
C24 A86 CA . -1.31 -19.26 32.66
C25 A86 CA . -1.96 -20.42 32.67
C26 A86 CA . -3.41 -20.40 32.84
C27 A86 CA . -4.10 -21.54 32.88
C28 A86 CA . -3.39 -22.86 32.76
C29 A86 CA . -5.56 -21.50 33.06
C3 A86 CA . 2.22 -17.94 32.41
C30 A86 CA . -6.09 -22.64 33.11
C31 A86 CA . -6.99 -23.50 33.24
C32 A86 CA . -7.57 -23.81 34.61
C33 A86 CA . -7.73 -25.32 34.73
C34 A86 CA . -8.56 -25.88 33.59
C35 A86 CA . -7.77 -25.67 32.31
C36 A86 CA . -7.50 -24.20 32.00
C37 A86 CA . -6.46 -24.09 30.90
C38 A86 CA . -9.36 -28.18 34.71
C39 A86 CA . -10.45 -29.10 34.24
C4 A86 CA . 2.79 -16.74 32.49
C40 A86 CA . -8.94 -23.14 34.67
C41 A86 CA . -6.67 -23.29 35.71
C5 A86 CA . 4.23 -16.60 32.38
C6 A86 CA . 4.78 -15.37 32.49
C7 A86 CA . 3.90 -14.18 32.72
C8 A86 CA . 6.24 -15.20 32.40
C9 A86 CA . 6.75 -13.98 32.52
O1 A86 CA . 12.52 -13.95 32.89
O2 A86 CA . 16.54 -14.16 34.66
O3 A86 CA . -8.71 -23.58 31.56
O4 A86 CA . -8.74 -27.28 33.75
O5 A86 CA . -8.98 -28.16 35.87
MG CLA DA . -9.82 -7.82 33.49
CHA CLA DA . -10.16 -10.80 31.76
CHB CLA DA . -12.83 -8.35 35.00
CHC CLA DA . -9.34 -4.96 35.33
CHD CLA DA . -6.66 -7.36 31.97
NA CLA DA . -11.26 -9.33 33.35
C1A CLA DA . -11.21 -10.50 32.60
C2A CLA DA . -12.46 -11.34 32.80
C3A CLA DA . -13.33 -10.47 33.73
C4A CLA DA . -12.42 -9.30 34.07
CMA CLA DA . -14.60 -10.03 33.07
CAA CLA DA . -12.12 -12.65 33.48
CBA CLA DA . -11.21 -12.44 34.67
CGA CLA DA . -10.75 -13.76 35.21
O1A CLA DA . -11.12 -14.89 34.90
O2A CLA DA . -9.80 -13.65 36.18
NB CLA DA . -10.86 -6.86 34.93
C1B CLA DA . -12.09 -7.21 35.38
C2B CLA DA . -12.58 -6.21 36.35
C3B CLA DA . -11.60 -5.24 36.46
C4B CLA DA . -10.49 -5.64 35.53
CMB CLA DA . -13.88 -6.30 37.02
CAB CLA DA . -11.58 -4.05 37.25
CBB CLA DA . -10.67 -3.78 38.19
NC CLA DA . -8.30 -6.40 33.59
C1C CLA DA . -8.31 -5.30 34.42
C2C CLA DA . -7.08 -4.54 34.24
C3C CLA DA . -6.31 -5.22 33.31
C4C CLA DA . -7.08 -6.39 32.90
CMC CLA DA . -6.77 -3.30 34.96
CAC CLA DA . -4.98 -4.84 32.81
CBC CLA DA . -3.88 -5.67 33.44
ND CLA DA . -8.70 -8.73 32.09
C1D CLA DA . -7.40 -8.46 31.57
C2D CLA DA . -7.03 -9.52 30.61
C3D CLA DA . -8.06 -10.43 30.64
C4D CLA DA . -9.05 -9.91 31.59
CMD CLA DA . -5.78 -9.54 29.84
CAD CLA DA . -8.58 -11.67 30.09
OBD CLA DA . -8.14 -12.37 29.19
CBD CLA DA . -9.89 -12.00 30.87
CGD CLA DA . -11.04 -12.31 29.96
O1D CLA DA . -11.39 -11.71 28.94
O2D CLA DA . -11.75 -13.40 30.34
CED CLA DA . -13.08 -13.55 29.82
C1 CLA DA . -8.44 -13.95 35.81
C2 CLA DA . -7.68 -14.15 37.07
C3 CLA DA . -6.34 -14.23 37.14
C4 CLA DA . -5.64 -14.44 38.43
C5 CLA DA . -5.50 -14.12 35.92
C6 CLA DA . -4.38 -15.14 35.89
C7 CLA DA . -3.02 -14.47 35.80
C8 CLA DA . -2.30 -14.75 34.49
C9 CLA DA . -2.57 -16.17 34.02
C10 CLA DA . -0.80 -14.54 34.62
C11 CLA DA . -0.46 -13.09 34.92
C12 CLA DA . 1.01 -12.92 35.23
C13 CLA DA . 1.34 -11.48 35.59
MG CLA EA . -9.15 -2.78 20.54
CHA CLA EA . -12.54 -2.46 21.17
CHB CLA EA . -9.78 -2.99 17.21
CHC CLA EA . -5.78 -3.01 19.99
CHD CLA EA . -8.54 -2.52 24.03
NA CLA EA . -10.89 -2.73 19.40
C1A CLA EA . -12.21 -2.58 19.84
C2A CLA EA . -13.18 -2.58 18.67
C3A CLA EA . -12.28 -2.91 17.45
C4A CLA EA . -10.87 -2.86 18.04
CMA CLA EA . -12.61 -4.27 16.90
CAA CLA EA . -13.77 -1.19 18.45
CBA CLA EA . -12.97 -0.08 19.12
CGA CLA EA . -12.18 0.74 18.16
O1A CLA EA . -12.40 1.89 17.77
O2A CLA EA . -11.05 0.12 17.70
NB CLA EA . -7.99 -3.00 18.91
C1B CLA EA . -8.44 -2.98 17.63
C2B CLA EA . -7.27 -2.98 16.69
C3B CLA EA . -6.14 -2.98 17.48
C4B CLA EA . -6.58 -3.00 18.90
CMB CLA EA . -7.43 -2.96 15.24
CAB CLA EA . -4.75 -2.98 17.12
CBB CLA EA . -4.21 -3.61 16.06
NC CLA EA . -7.47 -2.79 21.79
C1C CLA EA . -6.19 -2.92 21.34
C2C CLA EA . -5.28 -2.91 22.47
C3C CLA EA . -6.04 -2.73 23.62
C4C CLA EA . -7.43 -2.66 23.18
CMC CLA EA . -3.83 -3.05 22.35
CAC CLA EA . -5.56 -2.67 25.01
CBC CLA EA . -5.27 -1.26 25.45
ND CLA EA . -10.22 -2.54 22.24
C1D CLA EA . -9.85 -2.46 23.61
C2D CLA EA . -11.07 -2.32 24.43
C3D CLA EA . -12.13 -2.33 23.55
C4D CLA EA . -11.55 -2.46 22.20
CMD CLA EA . -11.09 -2.20 25.89
CAD CLA EA . -13.57 -2.25 23.39
OBD CLA EA . -14.45 -2.14 24.25
CBD CLA EA . -13.87 -2.35 21.86
CGD CLA EA . -14.73 -3.54 21.55
O1D CLA EA . -14.36 -4.70 21.33
O2D CLA EA . -16.07 -3.28 21.50
CED CLA EA . -16.90 -4.21 20.83
C1 CLA EA . -9.83 0.38 18.41
C2 CLA EA . -9.21 1.61 17.87
C3 CLA EA . -8.58 1.67 16.68
C4 CLA EA . -8.46 0.48 15.80
C5 CLA EA . -7.96 2.93 16.19
C6 CLA EA . -6.47 2.79 15.98
C7 CLA EA . -5.83 4.11 15.60
C8 CLA EA . -4.31 4.04 15.68
NB KC2 FA . -0.47 -1.65 13.91
ND KC2 FA . -0.60 -3.53 10.45
C1A KC2 FA . -3.29 -2.15 10.79
C1B KC2 FA . -1.49 -0.97 14.45
C1C KC2 FA . 2.23 -2.98 13.53
C1D KC2 FA . 0.33 -4.30 9.87
C2A KC2 FA . -4.57 -1.50 11.04
C2B KC2 FA . -1.12 -0.41 15.70
C2C KC2 FA . 3.47 -3.62 13.38
C2D KC2 FA . -0.18 -4.75 8.63
C3A KC2 FA . -4.46 -0.92 12.29
C3B KC2 FA . 0.19 -0.78 15.90
C3C KC2 FA . 3.43 -4.32 12.21
C3D KC2 FA . -1.45 -4.22 8.48
C4A KC2 FA . -3.18 -1.21 12.77
C4B KC2 FA . 0.56 -1.56 14.76
C4C KC2 FA . 2.10 -4.09 11.64
C4D KC2 FA . -1.68 -3.46 9.64
CAA KC2 FA . -5.73 -1.46 10.14
CAB KC2 FA . 1.04 -0.44 17.06
CAC KC2 FA . 4.49 -5.16 11.64
CAD KC2 FA . -2.63 -4.13 7.62
CBA KC2 FA . -6.95 -1.94 10.49
CBB KC2 FA . 1.31 0.82 17.37
CBC KC2 FA . 4.85 -6.29 12.23
CBD KC2 FA . -3.59 -3.24 8.38
CED KC2 FA . -3.54 0.28 7.04
CGA KC2 FA . -8.04 -1.64 9.65
CGD KC2 FA . -3.89 -2.02 7.55
CHA KC2 FA . -2.90 -2.86 9.65
CHB KC2 FA . -2.77 -0.76 14.02
CHC KC2 FA . 1.91 -2.11 14.68
CHD KC2 FA . 1.66 -4.69 10.36
CMA KC2 FA . -5.51 -0.14 13.04
CMB KC2 FA . -2.00 0.42 16.58
CMC KC2 FA . 4.62 -3.53 14.34
CMD KC2 FA . 0.53 -5.65 7.65
NA KC2 FA . -2.45 -1.95 11.88
NC KC2 FA . 1.41 -3.26 12.47
O1A KC2 FA . -9.18 -1.77 10.06
O1D KC2 FA . -4.98 -1.89 7.04
O2A KC2 FA . -7.84 -1.37 8.35
O2D KC2 FA . -3.06 -0.97 7.60
OBD KC2 FA . -2.77 -4.57 6.50
MG KC2 FA . -0.52 -2.59 12.18
MG CLA GA . 11.75 -17.14 18.63
CHA CLA GA . 15.14 -17.83 18.45
CHB CLA GA . 12.09 -14.81 16.17
CHC CLA GA . 8.35 -16.62 18.73
CHD CLA GA . 11.43 -19.59 21.17
NA CLA GA . 13.36 -16.44 17.53
C1A CLA GA . 14.70 -16.86 17.59
C2A CLA GA . 15.57 -16.09 16.59
C3A CLA GA . 14.59 -15.07 15.97
C4A CLA GA . 13.24 -15.45 16.58
CMA CLA GA . 14.97 -13.65 16.31
CAA CLA GA . 16.10 -17.03 15.52
CBA CLA GA . 14.98 -17.64 14.69
CGA CLA GA . 14.64 -19.00 15.20
O1A CLA GA . 15.39 -19.97 15.37
O2A CLA GA . 13.32 -19.16 15.51
NB CLA GA . 10.47 -15.96 17.63
C1B CLA GA . 10.79 -15.07 16.67
C2B CLA GA . 9.58 -14.34 16.20
C3B CLA GA . 8.52 -14.86 16.92
C4B CLA GA . 9.07 -15.88 17.84
CMB CLA GA . 9.61 -13.32 15.17
CAB CLA GA . 7.11 -14.54 16.89
CBB CLA GA . 6.61 -13.31 16.81
NC CLA GA . 10.19 -17.95 19.76
C1C CLA GA . 8.88 -17.59 19.63
C2C CLA GA . 8.05 -18.37 20.56
C3C CLA GA . 8.93 -19.21 21.26
C4C CLA GA . 10.27 -18.93 20.74
CMC CLA GA . 6.60 -18.25 20.70
CAC CLA GA . 8.58 -20.17 22.30
CBC CLA GA . 8.55 -21.60 21.79
ND CLA GA . 12.96 -18.38 19.66
C1D CLA GA . 12.69 -19.35 20.68
C2D CLA GA . 13.97 -20.00 21.05
C3D CLA GA . 14.94 -19.45 20.23
C4D CLA GA . 14.25 -18.47 19.38
CMD CLA GA . 14.10 -21.03 22.08
CAD CLA GA . 16.34 -19.44 19.87
OBD CLA GA . 17.28 -20.06 20.36
CBD CLA GA . 16.50 -18.43 18.69
CGD CLA GA . 17.54 -17.38 18.97
O1D CLA GA . 17.49 -16.45 19.78
O2D CLA GA . 18.67 -17.51 18.21
CED CLA GA . 19.15 -16.34 17.56
C1 CLA GA . 12.98 -20.32 16.30
C2 CLA GA . 11.52 -20.28 16.55
C3 CLA GA . 10.94 -21.11 17.45
C4 CLA GA . 11.74 -22.09 18.23
C5 CLA GA . 9.49 -21.09 17.70
C6 CLA GA . 8.68 -20.29 16.70
C7 CLA GA . 7.24 -20.75 16.71
C8 CLA GA . 6.33 -19.85 15.88
C9 CLA GA . 6.00 -18.59 16.66
C10 CLA GA . 5.06 -20.58 15.48
C11 CLA GA . 3.99 -19.65 14.95
C12 CLA GA . 3.24 -20.22 13.78
C13 CLA GA . 2.78 -21.64 14.04
C14 CLA GA . 3.22 -22.57 12.91
C15 CLA GA . 1.27 -21.72 14.22
C16 CLA GA . 0.81 -23.16 14.35
C17 CLA GA . -0.70 -23.26 14.41
C18 CLA GA . -1.14 -24.70 14.65
C19 CLA GA . -2.65 -24.82 14.53
C20 CLA GA . -0.48 -25.64 13.67
NB KC2 HA . 16.02 -23.99 5.16
ND KC2 HA . 16.88 -21.26 7.87
C1A KC2 HA . 19.52 -22.09 6.60
C1B KC2 HA . 16.94 -24.66 4.42
C1C KC2 HA . 13.39 -23.08 6.36
C1D KC2 HA . 16.06 -20.61 8.71
C2A KC2 HA . 20.76 -22.56 5.99
C2B KC2 HA . 16.28 -25.57 3.53
C2C KC2 HA . 12.17 -22.71 6.93
C2D KC2 HA . 16.84 -19.72 9.49
C3A KC2 HA . 20.38 -23.55 5.11
C3B KC2 HA . 14.95 -25.43 3.75
C3C KC2 HA . 12.45 -21.80 7.91
C3D KC2 HA . 18.15 -19.87 9.09
C4A KC2 HA . 18.99 -23.68 5.17
C4B KC2 HA . 14.81 -24.43 4.78
C4C KC2 HA . 13.90 -21.64 7.93
C4D KC2 HA . 18.15 -20.83 8.07
CAA KC2 HA . 22.12 -22.10 6.25
CAB KC2 HA . 13.85 -26.16 3.09
CAC KC2 HA . 11.45 -21.15 8.77
CAD KC2 HA . 19.54 -19.42 9.30
CBA KC2 HA . 22.86 -21.48 5.30
CBB KC2 HA . 13.64 -27.44 3.37
CBC KC2 HA . 11.45 -19.82 8.94
CBD KC2 HA . 20.35 -20.21 8.29
CED KC2 HA . 22.86 -17.92 6.68
CGA KC2 HA . 24.23 -21.22 5.54
CGD KC2 HA . 21.01 -19.25 7.34
CHA KC2 HA . 19.39 -21.08 7.56
CHB KC2 HA . 18.30 -24.60 4.40
CHC KC2 HA . 13.49 -24.05 5.25
CHD KC2 HA . 14.61 -20.73 8.87
CMA KC2 HA . 21.30 -24.36 4.23
CMB KC2 HA . 16.96 -26.49 2.55
CMC KC2 HA . 10.82 -23.20 6.52
CMD KC2 HA . 16.33 -18.80 10.56
NA KC2 HA . 18.45 -22.79 6.08
NC KC2 HA . 14.44 -22.45 6.96
O1A KC2 HA . 24.75 -21.62 6.56
O1D KC2 HA . 20.32 -18.52 6.68
O2A KC2 HA . 24.97 -20.59 4.62
O2D KC2 HA . 22.33 -19.05 7.42
OBD KC2 HA . 19.90 -18.41 9.89
MG KC2 HA . 16.43 -22.62 6.51
MG CLA IA . 1.35 -9.91 7.11
CHA CLA IA . -1.77 -8.44 7.50
CHB CLA IA . 0.56 -10.78 3.94
CHC CLA IA . 4.55 -11.09 6.70
CHD CLA IA . 2.12 -9.04 10.46
NA CLA IA . -0.36 -9.68 5.95
C1A CLA IA . -1.55 -9.01 6.27
C2A CLA IA . -2.54 -9.08 5.12
C3A CLA IA . -1.87 -10.04 4.13
C4A CLA IA . -0.45 -10.17 4.68
CMA CLA IA . -2.59 -11.37 4.12
CAA CLA IA . -2.73 -7.70 4.49
CBA CLA IA . -1.43 -6.94 4.39
CGA CLA IA . -1.65 -5.60 3.77
O1A CLA IA . -2.71 -4.98 3.63
O2A CLA IA . -0.49 -5.02 3.33
NB CLA IA . 2.36 -10.81 5.63
C1B CLA IA . 1.88 -10.97 4.36
C2B CLA IA . 2.99 -11.41 3.48
C3B CLA IA . 4.12 -11.50 4.25
C4B CLA IA . 3.72 -11.12 5.63
CMB CLA IA . 2.79 -11.68 2.06
CAB CLA IA . 5.47 -11.88 3.91
CBB CLA IA . 6.13 -11.53 2.80
NC CLA IA . 3.01 -10.09 8.37
C1C CLA IA . 4.21 -10.61 8.00
C2C CLA IA . 5.15 -10.57 9.11
C3C CLA IA . 4.46 -9.98 10.18
C4C CLA IA . 3.12 -9.68 9.70
CMC CLA IA . 6.53 -11.05 9.06
CAC CLA IA . 4.98 -9.74 11.53
CBC CLA IA . 4.90 -11.01 12.36
ND CLA IA . 0.43 -9.02 8.68
C1D CLA IA . 0.86 -8.72 9.99
C2D CLA IA . -0.23 -8.01 10.70
C3D CLA IA . -1.26 -7.87 9.78
C4D CLA IA . -0.80 -8.52 8.55
CMD CLA IA . -0.13 -7.56 12.08
CAD CLA IA . -2.60 -7.38 9.55
OBD CLA IA . -3.37 -6.82 10.32
CBD CLA IA . -2.96 -7.72 8.07
CGD CLA IA . -4.22 -8.53 7.95
O1D CLA IA . -4.34 -9.70 7.60
O2D CLA IA . -5.34 -7.83 8.29
CED CLA IA . -6.44 -7.87 7.38
C1 CLA IA . 0.20 -4.15 4.25
C2 CLA IA . -0.43 -2.80 4.12
C3 CLA IA . -0.02 -1.72 4.80
C4 CLA IA . -0.66 -0.40 4.63
C5 CLA IA . 1.13 -1.79 5.75
C6 CLA IA . 0.73 -1.29 7.14
C7 CLA IA . 1.93 -1.08 8.03
C8 CLA IA . 1.53 -0.76 9.46
C9 CLA IA . 0.28 0.09 9.50
C10 CLA IA . 2.65 -0.07 10.22
C11 CLA IA . 3.80 -1.00 10.55
C12 CLA IA . 4.72 -0.40 11.59
C13 CLA IA . 6.19 -0.73 11.29
C14 CLA IA . 6.37 -2.21 11.00
C15 CLA IA . 7.11 -0.29 12.42
C16 CLA IA . 7.33 1.21 12.40
C17 CLA IA . 8.65 1.58 13.05
C18 CLA IA . 8.64 3.02 13.56
C19 CLA IA . 10.06 3.51 13.80
C20 CLA IA . 7.95 3.95 12.59
MG CLA JA . -6.19 -19.20 19.85
CHA CLA JA . -8.56 -20.89 17.98
CHB CLA JA . -8.16 -19.49 22.60
CHC CLA JA . -3.68 -17.80 21.71
CHD CLA JA . -4.16 -18.98 16.96
NA CLA JA . -8.07 -20.04 20.20
C1A CLA JA . -8.88 -20.73 19.30
C2A CLA JA . -10.16 -21.21 19.99
C3A CLA JA . -10.10 -20.52 21.37
C4A CLA JA . -8.67 -19.99 21.42
CMA CLA JA . -11.11 -19.41 21.46
CAA CLA JA . -9.99 -22.69 20.30
CBA CLA JA . -10.53 -23.65 19.25
CGA CLA JA . -10.05 -25.03 19.55
O1A CLA JA . -9.20 -25.69 18.95
O2A CLA JA . -10.63 -25.59 20.66
NB CLA JA . -5.95 -18.76 21.79
C1B CLA JA . -6.88 -18.95 22.76
C2B CLA JA . -6.36 -18.43 24.06
C3B CLA JA . -5.10 -17.94 23.83
C4B CLA JA . -4.82 -18.14 22.37
CMB CLA JA . -7.16 -18.49 25.29
CAB CLA JA . -4.14 -17.33 24.71
CBB CLA JA . -4.01 -17.56 26.02
NC CLA JA . -4.28 -18.47 19.40
C1C CLA JA . -3.42 -17.94 20.33
C2C CLA JA . -2.18 -17.57 19.66
C3C CLA JA . -2.32 -17.91 18.32
C4C CLA JA . -3.63 -18.49 18.16
CMC CLA JA . -1.01 -16.96 20.30
CAC CLA JA . -1.32 -17.75 17.25
CBC CLA JA . -0.59 -19.04 16.98
ND CLA JA . -6.33 -19.67 17.89
C1D CLA JA . -5.41 -19.53 16.81
C2D CLA JA . -6.03 -20.08 15.59
C3D CLA JA . -7.25 -20.60 15.97
C4D CLA JA . -7.37 -20.34 17.43
CMD CLA JA . -5.41 -20.06 14.26
CAD CLA JA . -8.46 -21.25 15.55
OBD CLA JA . -8.84 -21.56 14.41
CBD CLA JA . -9.30 -21.54 16.83
CGD CLA JA . -10.69 -20.99 16.72
O1D CLA JA . -11.03 -19.80 16.61
O2D CLA JA . -11.67 -21.93 16.74
CED CLA JA . -12.98 -21.50 17.07
C1 CLA JA . -9.75 -26.37 21.50
C2 CLA JA . -10.57 -27.16 22.45
C3 CLA JA . -10.02 -27.99 23.34
C4 CLA JA . -10.83 -28.80 24.29
C5 CLA JA . -8.54 -28.16 23.41
C6 CLA JA . -8.04 -28.33 24.84
C7 CLA JA . -6.58 -27.92 24.94
C8 CLA JA . -5.66 -28.87 24.18
C9 CLA JA . -5.54 -30.19 24.91
C10 CLA JA . -4.29 -28.25 23.98
C11 CLA JA . -3.51 -28.17 25.28
C12 CLA JA . -2.07 -27.79 25.04
C13 CLA JA . -1.29 -27.71 26.34
C14 CLA JA . -0.03 -26.88 26.17
NB KC1 KA . -0.82 -15.47 29.98
ND KC1 KA . -4.20 -14.20 31.49
C1A KC1 KA . -4.72 -17.04 30.54
C1B KC1 KA . -0.62 -16.66 29.38
C1C KC1 KA . -0.32 -12.77 31.08
C1D KC1 KA . -4.44 -13.00 32.05
C2A KC1 KA . -4.91 -18.40 30.03
C2B KC1 KA . 0.74 -16.80 29.00
C2C KC1 KA . -0.09 -11.43 31.61
C2D KC1 KA . -5.79 -13.01 32.51
C3A KC1 KA . -3.70 -18.75 29.45
C3B KC1 KA . 1.37 -15.64 29.40
C3C KC1 KA . -1.27 -10.98 32.07
C3D KC1 KA . -6.32 -14.26 32.21
C4A KC1 KA . -2.83 -17.67 29.59
C4B KC1 KA . 0.35 -14.83 30.01
C4C KC1 KA . -2.26 -12.02 31.83
C4D KC1 KA . -5.30 -14.98 31.58
CAA KC1 KA . -6.12 -19.24 30.13
CAB KC1 KA . 2.79 -15.30 29.23
CAC KC1 KA . -1.52 -9.63 32.70
CAD KC1 KA . -7.50 -15.13 32.28
CBA KC1 KA . -6.88 -19.50 29.05
CBB KC1 KA . 3.33 -15.14 28.02
CBC KC1 KA . -2.27 -8.73 31.73
CBD KC1 KA . -7.05 -16.46 31.70
CED KC1 KA . -8.35 -18.53 34.51
CGA KC1 KA . -7.92 -20.45 29.18
CGD KC1 KA . -7.09 -17.50 32.78
CHA KC1 KA . -5.66 -16.24 31.21
CHB KC1 KA . -1.52 -17.67 29.11
CHC KC1 KA . 0.67 -13.59 30.51
CHD KC1 KA . -3.62 -11.91 32.19
CMA KC1 KA . -3.39 -20.06 28.78
CMB KC1 KA . 1.35 -17.97 28.31
CMC KC1 KA . 1.23 -10.70 31.63
CMD KC1 KA . -6.49 -11.88 33.21
NA KC1 KA . -3.44 -16.62 30.24
NC KC1 KA . -1.64 -13.08 31.23
O1A KC1 KA . -8.51 -20.85 28.19
O1D KC1 KA . -6.13 -17.63 33.49
O2A KC1 KA . -8.10 -21.08 30.35
O2D KC1 KA . -8.27 -17.99 33.17
OBD KC1 KA . -8.61 -14.85 32.70
MG KC1 KA . -2.54 -14.84 30.68
MG CLA LA . 7.29 2.11 30.34
CHA CLA LA . 9.61 4.52 31.28
CHB CLA LA . 7.38 0.80 33.48
CHC CLA LA . 4.97 -0.25 29.37
CHD CLA LA . 7.24 3.47 27.08
NA CLA LA . 8.33 2.61 32.08
C1A CLA LA . 9.25 3.66 32.28
C2A CLA LA . 9.77 3.66 33.72
C3A CLA LA . 9.04 2.46 34.38
C4A CLA LA . 8.18 1.90 33.25
CMA CLA LA . 10.00 1.44 34.93
CAA CLA LA . 9.48 4.94 34.48
CBA CLA LA . 8.26 5.71 34.01
CGA CLA LA . 6.99 5.08 34.51
O1A CLA LA . 6.49 5.15 35.62
O2A CLA LA . 6.36 4.35 33.54
NB CLA LA . 6.35 0.58 31.25
C1B CLA LA . 6.55 0.18 32.53
C2B CLA LA . 5.74 -1.04 32.81
C3B CLA LA . 5.06 -1.35 31.65
C4B CLA LA . 5.43 -0.31 30.64
CMB CLA LA . 5.75 -1.71 34.11
CAB CLA LA . 4.14 -2.40 31.35
CBB CLA LA . 3.16 -2.83 32.15
NC CLA LA . 6.29 1.71 28.56
C1C CLA LA . 5.37 0.71 28.39
C2C CLA LA . 4.84 0.73 27.03
C3C CLA LA . 5.51 1.77 26.37
C4C CLA LA . 6.41 2.38 27.33
CMC CLA LA . 3.83 -0.18 26.51
CAC CLA LA . 5.32 2.19 24.96
CBC CLA LA . 4.39 3.37 24.84
ND CLA LA . 8.17 3.62 29.35
C1D CLA LA . 8.07 4.08 28.01
C2D CLA LA . 8.97 5.23 27.82
C3D CLA LA . 9.58 5.45 29.04
C4D CLA LA . 9.06 4.41 29.96
CMD CLA LA . 9.12 5.96 26.56
CAD CLA LA . 10.53 6.26 29.78
OBD CLA LA . 11.20 7.21 29.40
CBD CLA LA . 10.56 5.70 31.24
CGD CLA LA . 11.94 5.34 31.72
O1D CLA LA . 12.25 4.73 32.74
O2D CLA LA . 12.96 5.77 30.94
CED CLA LA . 14.17 6.12 31.61
C1 CLA LA . 5.38 5.05 32.74
C2 CLA LA . 4.46 4.02 32.19
C3 CLA LA . 3.52 3.42 32.93
C4 CLA LA . 3.32 3.73 34.36
C5 CLA LA . 2.63 2.38 32.34
C6 CLA LA . 2.43 1.19 33.26
C7 CLA LA . 0.99 0.74 33.24
C8 CLA LA . 0.79 -0.56 34.00
MG CLA MA . -12.68 10.15 22.07
CHA CLA MA . -14.96 8.43 24.04
CHB CLA MA . -15.11 10.71 19.75
CHC CLA MA . -10.37 11.80 20.13
CHD CLA MA . -10.16 9.47 24.46
NA CLA MA . -14.71 9.66 21.96
C1A CLA MA . -15.47 8.93 22.88
C2A CLA MA . -16.92 8.79 22.40
C3A CLA MA . -16.92 9.50 21.03
C4A CLA MA . -15.49 10.02 20.89
CMA CLA MA . -17.29 8.56 19.91
CAA CLA MA . -17.90 9.45 23.34
CBA CLA MA . -17.71 10.96 23.40
CGA CLA MA . -16.99 11.32 24.66
O1A CLA MA . -17.33 11.13 25.82
O2A CLA MA . -15.79 11.95 24.43
NB CLA MA . -12.73 11.06 20.28
C1B CLA MA . -13.83 11.22 19.50
C2B CLA MA . -13.48 12.04 18.30
C3B CLA MA . -12.15 12.36 18.40
C4B CLA MA . -11.64 11.73 19.66
CMB CLA MA . -14.45 12.40 17.27
CAB CLA MA . -11.31 13.12 17.51
CBB CLA MA . -10.73 14.27 17.81
NC CLA MA . -10.65 10.57 22.28
C1C CLA MA . -9.90 11.26 21.37
C2C CLA MA . -8.52 11.36 21.82
C3C CLA MA . -8.45 10.70 23.04
C4C CLA MA . -9.80 10.20 23.33
CMC CLA MA . -7.45 12.04 21.08
CAC CLA MA . -7.27 10.53 23.90
CBC CLA MA . -6.43 9.35 23.46
ND CLA MA . -12.54 9.26 23.88
C1D CLA MA . -11.43 9.02 24.74
C2D CLA MA . -11.90 8.25 25.91
C3D CLA MA . -13.25 8.00 25.70
C4D CLA MA . -13.59 8.63 24.41
CMD CLA MA . -11.06 7.84 27.04
CAD CLA MA . -14.46 7.39 26.22
OBD CLA MA . -14.65 6.82 27.29
CBD CLA MA . -15.57 7.59 25.14
CGD CLA MA . -16.04 6.27 24.61
O1D CLA MA . -15.37 5.37 24.09
O2D CLA MA . -17.38 6.07 24.73
CED CLA MA . -17.93 4.88 24.17
C1 CLA MA . -14.88 12.04 25.54
C2 CLA MA . -13.52 12.22 24.95
C3 CLA MA . -13.09 13.40 24.48
C4 CLA MA . -13.92 14.62 24.50
C5 CLA MA . -11.72 13.52 23.90
C6 CLA MA . -10.90 14.61 24.57
C7 CLA MA . -9.57 14.05 25.05
C8 CLA MA . -8.41 14.99 24.72
C9 CLA MA . -8.46 15.40 23.26
C10 CLA MA . -7.08 14.31 25.05
C11 CLA MA . -5.92 14.96 24.33
C12 CLA MA . -5.06 13.93 23.63
C13 CLA MA . -4.02 14.57 22.72
C14 CLA MA . -4.70 15.49 21.72
C15 CLA MA . -3.19 13.53 21.99
C16 CLA MA . -2.64 12.50 22.95
C1 LMG NA . 25.00 -14.70 3.31
O1 LMG NA . 25.41 -15.88 4.00
C2 LMG NA . 25.34 -13.43 4.08
O2 LMG NA . 24.13 -12.83 4.53
C3 LMG NA . 26.12 -12.46 3.20
O3 LMG NA . 27.47 -12.94 3.05
C4 LMG NA . 25.50 -12.31 1.81
O4 LMG NA . 26.43 -11.66 0.93
C5 LMG NA . 25.11 -13.67 1.23
O5 LMG NA . 26.99 -14.09 -0.21
C6 LMG NA . 25.58 -13.85 -0.19
O6 LMG NA . 25.69 -14.66 2.06
C7 LMG NA . 24.44 -16.93 3.87
C8 LMG NA . 24.52 -17.60 2.50
C9 LMG NA . 23.66 -18.87 2.52
O7 LMG NA . 24.07 -16.67 1.52
C10 LMG NA . 23.54 -17.16 0.26
O9 LMG NA . 24.20 -17.95 -0.39
C11 LMG NA . 22.20 -16.64 -0.22
C12 LMG NA . 21.70 -17.46 -1.39
C13 LMG NA . 21.26 -18.83 -0.93
C14 LMG NA . 20.38 -19.52 -1.96
C15 LMG NA . 20.11 -18.59 -3.14
C16 LMG NA . 18.62 -18.57 -3.49
C17 LMG NA . 17.93 -19.84 -3.04
C18 LMG NA . 16.43 -19.59 -2.89
C19 LMG NA . 15.80 -19.29 -4.23
O8 LMG NA . 22.28 -18.54 2.65
C28 LMG NA . 21.29 -19.55 2.32
O10 LMG NA . 21.68 -20.66 1.99
C29 LMG NA . 19.82 -19.25 2.41
C30 LMG NA . 19.06 -20.57 2.45
C31 LMG NA . 18.47 -20.92 1.08
C32 LMG NA . 17.02 -21.36 1.22
MG CLA OA . 10.58 7.84 19.35
CHA CLA OA . 11.24 8.91 16.13
CHB CLA OA . 13.49 9.22 20.42
CHC CLA OA . 9.79 6.89 22.57
CHD CLA OA . 7.54 6.44 18.21
NA CLA OA . 12.12 8.86 18.40
C1A CLA OA . 12.21 9.22 17.05
C2A CLA OA . 13.49 10.00 16.77
C3A CLA OA . 14.25 9.95 18.12
C4A CLA OA . 13.23 9.31 19.07
CMA CLA OA . 15.51 9.14 18.04
CAA CLA OA . 13.14 11.43 16.42
CBA CLA OA . 13.34 12.40 17.56
CGA CLA OA . 12.14 12.51 18.45
O1A CLA OA . 11.94 13.33 19.35
O2A CLA OA . 11.18 11.55 18.22
NB CLA OA . 11.48 7.99 21.14
C1B CLA OA . 12.65 8.66 21.38
C2B CLA OA . 12.92 8.69 22.85
C3B CLA OA . 11.87 8.03 23.47
C4B CLA OA . 10.96 7.58 22.39
CMB CLA OA . 14.11 9.34 23.39
CAB CLA OA . 11.61 7.76 24.85
CBB CLA OA . 12.11 8.40 25.91
NC CLA OA . 8.98 6.81 20.22
C1C CLA OA . 8.87 6.52 21.55
C2C CLA OA . 7.63 5.80 21.80
C3C CLA OA . 6.98 5.68 20.57
C4C CLA OA . 7.83 6.32 19.58
CMC CLA OA . 7.20 5.32 23.12
CAC CLA OA . 5.69 5.03 20.31
CBC CLA OA . 5.83 3.56 20.02
ND CLA OA . 9.59 7.65 17.61
C1D CLA OA . 8.34 7.05 17.28
C2D CLA OA . 8.10 7.23 15.83
C3D CLA OA . 9.18 7.94 15.33
C4D CLA OA . 10.07 8.18 16.49
CMD CLA OA . 6.92 6.72 15.11
CAD CLA OA . 9.81 8.52 14.17
OBD CLA OA . 9.43 8.53 13.00
CBD CLA OA . 11.14 9.18 14.65
CGD CLA OA . 12.34 8.68 13.90
O1D CLA OA . 13.42 9.27 13.73
O2D CLA OA . 12.17 7.45 13.34
CED CLA OA . 13.35 6.70 13.04
C1 CLA OA . 9.81 11.94 18.03
C2 CLA OA . 9.17 11.98 19.38
C3 CLA OA . 7.97 11.44 19.64
C4 CLA OA . 7.36 11.50 20.99
C5 CLA OA . 7.18 10.74 18.60
C6 CLA OA . 5.69 11.02 18.73
C7 CLA OA . 4.91 9.75 18.99
C8 CLA OA . 3.43 10.03 19.21
C9 CLA OA . 3.23 10.95 20.39
C10 CLA OA . 2.66 8.73 19.43
C11 CLA OA . 2.49 7.96 18.14
C12 CLA OA . 3.11 6.58 18.24
C13 CLA OA . 2.61 5.65 17.15
C14 CLA OA . 2.63 6.33 15.80
C15 CLA OA . 1.22 5.12 17.46
C16 CLA OA . 1.11 4.63 18.88
C17 CLA OA . -0.08 3.71 19.08
C18 CLA OA . -0.43 3.53 20.56
C19 CLA OA . 0.81 3.46 21.43
C20 CLA OA . -1.34 4.64 21.04
C A86 PA . 3.88 22.80 -16.94
O A86 PA . -7.41 25.74 -10.89
C1 A86 PA . 4.28 24.04 -16.21
C10 A86 PA . -4.72 25.45 -12.85
C11 A86 PA . -5.51 26.23 -12.12
C12 A86 PA . -4.93 27.43 -11.42
C13 A86 PA . -6.94 25.97 -11.99
C14 A86 PA . -7.84 25.97 -13.20
C15 A86 PA . -9.24 25.83 -13.76
C16 A86 PA . -9.36 25.46 -15.23
C17 A86 PA . -10.80 25.42 -15.68
C18 A86 PA . -11.61 24.40 -14.91
C19 A86 PA . -11.63 24.73 -13.42
C2 A86 PA . 3.39 24.72 -15.47
C20 A86 PA . -10.36 25.33 -12.83
C21 A86 PA . -10.46 25.50 -11.32
C22 A86 PA . -8.70 24.11 -15.47
C23 A86 PA . -8.62 26.51 -16.05
C24 A86 PA . 5.65 24.56 -16.30
C25 A86 PA . 6.58 23.96 -17.05
C26 A86 PA . 7.91 24.56 -17.10
C27 A86 PA . 8.88 24.04 -17.86
C28 A86 PA . 8.62 22.80 -18.67
C29 A86 PA . 10.20 24.68 -17.88
C3 A86 PA . 2.01 24.28 -15.35
C30 A86 PA . 11.06 24.14 -18.62
C31 A86 PA . 12.04 23.93 -19.37
C32 A86 PA . 11.99 24.32 -20.83
C33 A86 PA . 12.49 23.12 -21.65
C34 A86 PA . 13.88 22.71 -21.20
C35 A86 PA . 13.79 22.21 -19.75
C36 A86 PA . 13.29 23.29 -18.80
C37 A86 PA . 12.97 22.69 -17.45
C38 A86 PA . 15.58 20.88 -21.87
C39 A86 PA . 15.55 19.41 -21.60
C4 A86 PA . 1.18 25.02 -14.62
C40 A86 PA . 10.57 24.67 -21.28
C41 A86 PA . 12.89 25.51 -21.09
C5 A86 PA . -0.23 24.65 -14.50
C6 A86 PA . -1.06 25.39 -13.77
C7 A86 PA . -0.55 26.61 -13.06
C8 A86 PA . -2.47 25.03 -13.67
C9 A86 PA . -3.30 25.78 -12.95
O1 A86 PA . -9.21 24.53 -13.15
O2 A86 PA . -12.95 24.40 -15.39
O3 A86 PA . 14.32 24.27 -18.62
O4 A86 PA . 14.34 21.62 -21.99
O5 A86 PA . 16.64 21.49 -21.98
C A86 QA . -0.22 22.89 17.74
O A86 QA . -5.17 19.36 6.05
C1 A86 QA . 1.02 22.90 16.89
C10 A86 QA . -3.82 19.75 9.10
C11 A86 QA . -3.69 19.31 7.84
C12 A86 QA . -2.34 19.29 7.19
C13 A86 QA . -4.85 18.83 7.10
C14 A86 QA . -5.63 17.67 7.66
C15 A86 QA . -6.70 17.34 6.64
C16 A86 QA . -6.82 15.85 6.33
C17 A86 QA . -7.86 15.56 5.27
C18 A86 QA . -9.23 16.04 5.68
C19 A86 QA . -9.21 17.56 5.85
C2 A86 QA . 0.95 22.58 15.60
C20 A86 QA . -8.01 18.14 6.62
C21 A86 QA . -8.27 19.55 7.12
C22 A86 QA . -7.18 15.09 7.60
C23 A86 QA . -5.45 15.37 5.86
C24 A86 QA . 2.32 23.28 17.46
C25 A86 QA . 2.45 23.58 18.74
C26 A86 QA . 3.77 23.93 19.25
C27 A86 QA . 3.93 24.23 20.54
C28 A86 QA . 2.76 24.21 21.47
C29 A86 QA . 5.27 24.59 21.03
C3 A86 QA . -0.31 22.18 14.98
C30 A86 QA . 5.26 24.85 22.26
C31 A86 QA . 5.59 25.24 23.41
C32 A86 QA . 6.25 24.28 24.37
C33 A86 QA . 5.61 24.44 25.73
C34 A86 QA . 5.69 25.88 26.20
C35 A86 QA . 4.85 26.72 25.27
C36 A86 QA . 5.34 26.67 23.82
C37 A86 QA . 4.29 27.29 22.91
C38 A86 QA . 5.02 27.29 28.16
C39 A86 QA . 3.67 27.80 28.56
C4 A86 QA . -0.30 21.84 13.69
C40 A86 QA . 7.74 24.63 24.43
C41 A86 QA . 6.09 22.84 23.87
C5 A86 QA . -1.52 21.42 13.03
C6 A86 QA . -1.47 21.05 11.74
C7 A86 QA . -0.17 21.09 11.00
C8 A86 QA . -2.69 20.61 11.06
C9 A86 QA . -2.62 20.21 9.80
O1 A86 QA . -7.64 17.32 7.71
O2 A86 QA . -10.18 15.69 4.67
O3 A86 QA . 6.53 27.44 23.70
O4 A86 QA . 5.14 25.99 27.50
O5 A86 QA . 6.05 27.92 28.37
C A86 RA . -1.25 18.59 -8.35
O A86 RA . 2.86 19.83 3.80
C1 A86 RA . -2.37 17.76 -7.78
C10 A86 RA . 1.23 19.82 0.87
C11 A86 RA . 1.19 19.86 2.20
C12 A86 RA . 0.04 19.26 2.94
C13 A86 RA . 2.27 20.48 2.95
C14 A86 RA . 2.63 21.92 2.69
C15 A86 RA . 3.77 22.32 3.62
C16 A86 RA . 5.23 22.27 3.17
C17 A86 RA . 6.09 22.75 4.33
C18 A86 RA . 5.79 24.20 4.68
C19 A86 RA . 4.34 24.38 5.12
C2 A86 RA . -2.49 17.61 -6.46
C20 A86 RA . 3.29 23.59 4.33
C21 A86 RA . 1.88 24.11 4.53
C22 A86 RA . 5.51 23.11 1.93
C23 A86 RA . 5.64 20.84 2.85
C24 A86 RA . -3.34 17.10 -8.66
C25 A86 RA . -3.26 17.20 -9.98
C26 A86 RA . -4.27 16.49 -10.75
C27 A86 RA . -4.30 16.52 -12.08
C28 A86 RA . -3.29 17.33 -12.85
C29 A86 RA . -5.36 15.78 -12.78
C3 A86 RA . -1.55 18.23 -5.54
C30 A86 RA . -5.36 15.86 -14.04
C31 A86 RA . -5.39 16.02 -15.28
C32 A86 RA . -4.59 15.09 -16.17
C33 A86 RA . -3.85 15.96 -17.18
C34 A86 RA . -4.82 16.84 -17.95
C35 A86 RA . -5.46 17.82 -16.99
C36 A86 RA . -6.24 17.13 -15.88
C37 A86 RA . -6.61 18.15 -14.81
C38 A86 RA . -4.57 18.61 -19.86
C39 A86 RA . -4.02 20.00 -19.78
C4 A86 RA . -1.70 18.07 -4.23
C40 A86 RA . -5.56 14.16 -16.88
C41 A86 RA . -3.60 14.30 -15.33
C5 A86 RA . -0.73 18.68 -3.35
C6 A86 RA . -0.84 18.58 -2.02
C7 A86 RA . -1.97 17.84 -1.39
C8 A86 RA . 0.21 19.21 -1.20
C9 A86 RA . 0.14 19.19 0.13
O1 A86 RA . 3.57 23.56 2.94
O2 A86 RA . 6.65 24.61 5.74
O3 A86 RA . -7.45 16.59 -16.41
O4 A86 RA . -4.10 17.60 -18.92
O5 A86 RA . -5.41 18.28 -20.68
C A86 SA . -18.80 22.97 9.29
O A86 SA . -17.51 12.17 16.28
C1 A86 SA . -17.63 22.47 8.49
C10 A86 SA . -17.92 14.60 14.00
C11 A86 SA . -17.59 13.33 14.27
C12 A86 SA . -16.59 12.61 13.42
C13 A86 SA . -18.21 12.66 15.41
C14 A86 SA . -19.71 12.54 15.49
C15 A86 SA . -20.04 11.78 16.76
C16 A86 SA . -20.46 12.54 18.03
C17 A86 SA . -20.74 11.54 19.14
C18 A86 SA . -21.93 10.65 18.78
C19 A86 SA . -21.65 9.84 17.52
C2 A86 SA . -17.09 21.29 8.76
C20 A86 SA . -20.85 10.53 16.41
C21 A86 SA . -20.81 9.75 15.10
C22 A86 SA . -21.68 13.42 17.80
C23 A86 SA . -19.31 13.42 18.51
C24 A86 SA . -17.10 23.27 7.37
C25 A86 SA . -17.59 24.47 7.08
C26 A86 SA . -17.01 25.20 5.96
C27 A86 SA . -17.46 26.42 5.62
C28 A86 SA . -18.54 27.05 6.43
C29 A86 SA . -16.87 27.13 4.47
C3 A86 SA . -17.60 20.48 9.86
C30 A86 SA . -17.39 28.25 4.24
C31 A86 SA . -17.83 29.30 3.71
C32 A86 SA . -17.05 30.59 3.86
C33 A86 SA . -18.06 31.67 4.26
C34 A86 SA . -19.19 31.77 3.25
C35 A86 SA . -19.97 30.47 3.31
C36 A86 SA . -19.11 29.28 2.91
C37 A86 SA . -19.89 27.99 3.18
C38 A86 SA . -21.33 33.16 3.01
C39 A86 SA . -22.60 33.11 3.79
C4 A86 SA . -17.06 19.29 10.12
C40 A86 SA . -16.42 30.94 2.52
C41 A86 SA . -15.99 30.44 4.93
C5 A86 SA . -17.59 18.51 11.22
C6 A86 SA . -17.11 17.29 11.50
C7 A86 SA . -15.95 16.74 10.73
C8 A86 SA . -17.70 16.53 12.61
C9 A86 SA . -17.30 15.30 12.89
O1 A86 SA . -21.34 11.85 16.14
O2 A86 SA . -22.17 9.76 19.86
O3 A86 SA . -18.84 29.33 1.51
O4 A86 SA . -20.07 32.81 3.65
O5 A86 SA . -21.30 33.51 1.84
C A86 TA . -7.58 28.58 1.83
O A86 TA . -1.39 28.47 -9.05
C1 A86 TA . -8.86 28.77 1.06
C10 A86 TA . -3.11 29.00 -6.24
C11 A86 TA . -2.98 29.24 -7.55
C12 A86 TA . -4.18 29.49 -8.41
C13 A86 TA . -1.66 29.25 -8.15
C14 A86 TA . -0.61 30.22 -7.65
C15 A86 TA . 0.68 30.99 -7.47
C16 A86 TA . 0.55 32.51 -7.35
C17 A86 TA . 1.91 33.16 -7.16
C18 A86 TA . 2.92 32.83 -8.27
C19 A86 TA . 3.13 31.32 -8.36
C2 A86 TA . -8.90 29.08 -0.25
C20 A86 TA . 2.09 30.44 -7.66
C21 A86 TA . 2.54 28.99 -7.47
C22 A86 TA . -0.33 32.86 -6.16
C23 A86 TA . -0.20 33.03 -8.57
C24 A86 TA . -10.15 28.63 1.75
C25 A86 TA . -10.24 28.32 3.05
C26 A86 TA . -11.56 28.21 3.63
C27 A86 TA . -11.74 27.89 4.92
C28 A86 TA . -10.55 27.64 5.80
C29 A86 TA . -13.10 27.78 5.47
C3 A86 TA . -7.76 29.26 -1.14
C30 A86 TA . -13.32 27.50 6.67
C31 A86 TA . -13.64 27.21 7.85
C32 A86 TA . -14.08 28.31 8.80
C33 A86 TA . -13.33 28.12 10.11
C34 A86 TA . -13.56 26.73 10.67
C35 A86 TA . -12.94 25.73 9.71
C36 A86 TA . -13.58 25.78 8.33
C37 A86 TA . -12.78 24.94 7.36
C38 A86 TA . -12.75 27.05 13.29
C39 A86 TA . -13.66 28.12 13.80
C4 A86 TA . -6.89 28.29 -1.38
C40 A86 TA . -13.80 29.69 8.24
C41 A86 TA . -15.58 28.19 9.05
C5 A86 TA . -5.73 28.41 -2.27
C6 A86 TA . -5.77 28.67 -3.59
C7 A86 TA . -7.04 28.89 -4.36
C8 A86 TA . -4.48 28.73 -4.31
C9 A86 TA . -4.43 28.98 -5.61
O1 A86 TA . 1.65 30.98 -6.41
O2 A86 TA . 2.57 33.38 -9.54
O3 A86 TA . -14.90 25.24 8.41
O4 A86 TA . -12.88 26.59 11.91
O5 A86 TA . -11.91 26.52 13.99
C A86 UA . 2.01 9.81 -8.50
O A86 UA . 10.17 18.34 -4.80
C1 A86 UA . 1.00 10.55 -7.67
C10 A86 UA . 7.75 16.66 -6.33
C11 A86 UA . 8.19 17.82 -5.87
C12 A86 UA . 7.24 18.88 -5.37
C13 A86 UA . 9.63 18.03 -5.84
C14 A86 UA . 10.43 17.87 -7.10
C15 A86 UA . 11.90 18.11 -6.78
C16 A86 UA . 12.84 16.94 -6.48
C17 A86 UA . 14.22 17.49 -6.21
C18 A86 UA . 14.78 18.17 -7.45
C19 A86 UA . 13.92 19.34 -7.91
C2 A86 UA . 1.26 11.64 -6.94
C20 A86 UA . 12.41 19.17 -7.74
C21 A86 UA . 11.57 20.26 -8.41
C22 A86 UA . 12.90 15.91 -7.61
C23 A86 UA . 12.39 16.20 -5.23
C24 A86 UA . -0.39 10.04 -7.61
C25 A86 UA . -0.76 8.98 -8.31
C26 A86 UA . -2.15 8.54 -8.17
C27 A86 UA . -2.59 7.49 -8.86
C28 A86 UA . -1.67 6.79 -9.81
C29 A86 UA . -3.98 7.04 -8.72
C3 A86 UA . 2.55 12.32 -6.82
C30 A86 UA . -4.74 6.15 -9.16
C31 A86 UA . -5.42 5.31 -9.80
C32 A86 UA . -4.93 3.85 -9.76
C33 A86 UA . -6.36 3.31 -9.77
C34 A86 UA . -7.21 3.42 -11.04
C35 A86 UA . -6.84 4.78 -11.63
C36 A86 UA . -6.66 5.80 -10.53
C37 A86 UA . -6.42 7.17 -11.14
C38 A86 UA . -7.27 2.29 -13.58
C39 A86 UA . -8.34 3.04 -14.32
C4 A86 UA . 3.21 12.81 -7.86
C40 A86 UA . -4.30 3.59 -8.41
C41 A86 UA . -3.99 3.44 -10.88
C5 A86 UA . 4.49 13.48 -7.69
C6 A86 UA . 4.69 14.64 -7.02
C7 A86 UA . 3.60 15.41 -6.35
C8 A86 UA . 6.06 15.14 -6.94
C9 A86 UA . 6.34 16.31 -6.37
O1 A86 UA . 11.95 17.90 -8.19
O2 A86 UA . 16.09 18.65 -7.15
O3 A86 UA . -7.81 5.89 -9.68
O4 A86 UA . -6.97 2.63 -12.20
O5 A86 UA . -6.63 1.39 -14.10
C A86 VA . -10.30 36.86 1.00
O A86 VA . 2.42 35.08 -1.86
C1 A86 VA . -10.38 36.32 -0.39
C10 A86 VA . -0.71 36.11 -1.38
C11 A86 VA . 0.27 35.86 -2.23
C12 A86 VA . -0.05 35.37 -3.61
C13 A86 VA . 1.67 36.04 -1.85
C14 A86 VA . 2.17 37.40 -1.44
C15 A86 VA . 3.43 38.13 -0.99
C16 A86 VA . 3.37 39.65 -0.98
C17 A86 VA . 4.68 40.27 -0.54
C18 A86 VA . 5.03 39.85 0.87
C19 A86 VA . 5.20 38.34 0.97
C2 A86 VA . -9.27 36.04 -1.07
C20 A86 VA . 4.35 37.47 0.04
C21 A86 VA . 4.66 35.99 0.18
C22 A86 VA . 2.25 40.10 -0.05
C23 A86 VA . 3.05 40.14 -2.38
C24 A86 VA . -11.68 36.10 -1.03
C25 A86 VA . -12.82 36.40 -0.41
C26 A86 VA . -14.08 36.16 -1.11
C27 A86 VA . -15.24 36.49 -0.54
C28 A86 VA . -15.26 37.09 0.84
C29 A86 VA . -16.49 36.24 -1.26
C3 A86 VA . -7.95 36.26 -0.49
C30 A86 VA . -17.51 36.61 -0.61
C31 A86 VA . -18.72 36.83 -0.34
C32 A86 VA . -19.43 38.00 -0.96
C33 A86 VA . -20.29 38.66 0.11
C34 A86 VA . -21.24 37.65 0.74
C35 A86 VA . -20.39 36.64 1.50
C36 A86 VA . -19.45 35.88 0.57
C37 A86 VA . -18.43 35.10 1.41
C38 A86 VA . -23.08 39.35 1.71
C39 A86 VA . -24.45 39.01 2.21
C4 A86 VA . -6.88 35.99 -1.24
C40 A86 VA . -20.32 37.47 -2.08
C41 A86 VA . -18.44 39.02 -1.51
C5 A86 VA . -5.53 36.20 -0.72
C6 A86 VA . -4.48 35.95 -1.51
C7 A86 VA . -4.69 35.44 -2.90
C8 A86 VA . -3.11 36.16 -1.01
C9 A86 VA . -2.09 35.91 -1.82
O1 A86 VA . 2.96 37.70 0.29
O2 A86 VA . 6.27 40.47 1.25
O3 A86 VA . -20.20 34.94 -0.20
O4 A86 VA . -22.06 38.31 1.71
O5 A86 VA . -22.78 40.46 1.31
MG CLA WA . -13.68 29.99 -13.85
CHA CLA WA . -15.36 29.59 -10.84
CHB CLA WA . -16.62 30.74 -15.39
CHC CLA WA . -11.95 30.58 -16.76
CHD CLA WA . -10.64 29.29 -12.19
NA CLA WA . -15.66 30.10 -13.20
C1A CLA WA . -16.15 29.93 -11.90
C2A CLA WA . -17.67 30.11 -11.86
C3A CLA WA . -18.05 30.34 -13.34
C4A CLA WA . -16.69 30.40 -14.05
CMA CLA WA . -18.91 29.23 -13.88
CAA CLA WA . -18.04 31.33 -11.03
CBA CLA WA . -17.17 32.52 -11.36
CGA CLA WA . -17.43 33.63 -10.39
O1A CLA WA . -18.27 33.68 -9.49
O2A CLA WA . -16.59 34.70 -10.56
NB CLA WA . -14.18 30.59 -15.70
C1B CLA WA . -15.44 30.81 -16.14
C2B CLA WA . -15.42 31.15 -17.59
C3B CLA WA . -14.10 31.11 -17.99
C4B CLA WA . -13.29 30.74 -16.79
CMB CLA WA . -16.62 31.45 -18.37
CAB CLA WA . -13.53 31.35 -19.29
CBB CLA WA . -12.65 32.32 -19.57
NC CLA WA . -11.66 29.90 -14.38
C1C CLA WA . -11.17 30.17 -15.63
C2C CLA WA . -9.73 30.03 -15.64
C3C CLA WA . -9.35 29.68 -14.35
C4C CLA WA . -10.57 29.60 -13.56
CMC CLA WA . -8.87 30.24 -16.81
CAC CLA WA . -7.99 29.44 -13.85
CBC CLA WA . -7.44 30.59 -13.05
ND CLA WA . -13.09 29.40 -12.00
C1D CLA WA . -11.80 29.19 -11.44
C2D CLA WA . -11.95 28.88 -10.01
C3D CLA WA . -13.30 28.99 -9.73
C4D CLA WA . -13.95 29.37 -10.99
CMD CLA WA . -10.84 28.53 -9.12
CAD CLA WA . -14.33 28.89 -8.72
OBD CLA WA . -14.25 28.50 -7.56
CBD CLA WA . -15.66 29.37 -9.37
CGD CLA WA . -16.80 28.41 -9.15
O1D CLA WA . -16.81 27.19 -9.32
O2D CLA WA . -17.94 29.02 -8.72
CED CLA WA . -19.17 28.32 -8.89
C1 CLA WA . -15.50 34.83 -9.63
C2 CLA WA . -15.04 36.24 -9.71
C3 CLA WA . -13.91 36.69 -9.13
C4 CLA WA . -13.48 38.09 -9.24
C5 CLA WA . -13.03 35.77 -8.34
C6 CLA WA . -12.58 36.39 -7.03
C7 CLA WA . -11.07 36.46 -6.95
C8 CLA WA . -10.49 35.61 -5.83
C9 CLA WA . -11.38 35.64 -4.60
C10 CLA WA . -9.09 36.07 -5.45
C11 CLA WA . -8.11 35.90 -6.59
C12 CLA WA . -6.76 36.52 -6.27
C13 CLA WA . -5.75 36.26 -7.37
MG CLA XA . -10.14 16.78 -11.33
CHA CLA XA . -12.99 16.33 -13.25
CHB CLA XA . -10.67 13.74 -9.86
CHC CLA XA . -7.26 17.21 -9.54
CHD CLA XA . -9.63 19.90 -12.91
NA CLA XA . -11.60 15.29 -11.54
C1A CLA XA . -12.71 15.29 -12.40
C2A CLA XA . -13.51 14.00 -12.26
C3A CLA XA . -12.84 13.30 -11.06
C4A CLA XA . -11.60 14.15 -10.80
CMA CLA XA . -13.76 13.27 -9.86
CAA CLA XA . -13.35 13.10 -13.47
CBA CLA XA . -12.17 13.48 -14.36
CGA CLA XA . -11.01 12.55 -14.24
O1A CLA XA . -10.60 11.74 -15.09
O2A CLA XA . -10.33 12.64 -13.07
NB CLA XA . -9.17 15.70 -9.93
C1B CLA XA . -9.51 14.46 -9.52
C2B CLA XA . -8.45 13.92 -8.61
C3B CLA XA . -7.48 14.89 -8.51
C4B CLA XA . -7.93 16.04 -9.35
CMB CLA XA . -8.53 12.60 -8.00
CAB CLA XA . -6.24 14.93 -7.78
CBB CLA XA . -6.03 14.40 -6.58
NC CLA XA . -8.72 18.30 -11.24
C1C CLA XA . -7.62 18.27 -10.42
C2C CLA XA . -6.86 19.49 -10.58
C3C CLA XA . -7.50 20.25 -11.55
C4C CLA XA . -8.69 19.49 -11.96
CMC CLA XA . -5.63 19.81 -9.87
CAC CLA XA . -7.11 21.57 -12.07
CBC CLA XA . -6.27 21.48 -13.31
ND CLA XA . -11.03 17.90 -12.76
C1D CLA XA . -10.73 19.17 -13.29
C2D CLA XA . -11.78 19.53 -14.28
C3D CLA XA . -12.67 18.48 -14.31
C4D CLA XA . -12.16 17.49 -13.34
CMD CLA XA . -11.80 20.77 -15.05
CAD CLA XA . -13.89 17.94 -14.87
OBD CLA XA . -14.63 18.43 -15.73
CBD CLA XA . -14.14 16.56 -14.20
CGD CLA XA . -15.44 16.51 -13.47
O1D CLA XA . -15.65 16.83 -12.29
O2D CLA XA . -16.50 16.08 -14.22
CED CLA XA . -17.66 15.64 -13.51
C1 CLA XA . -9.16 13.48 -13.07
C2 CLA XA . -7.99 12.69 -13.51
C3 CLA XA . -7.38 11.76 -12.75
C4 CLA XA . -7.84 11.43 -11.39
C5 CLA XA . -6.21 11.00 -13.26
C6 CLA XA . -4.98 11.24 -12.40
C7 CLA XA . -3.76 10.55 -12.99
C8 CLA XA . -2.47 11.08 -12.39
NB KC2 YA . -1.77 12.77 -5.55
ND KC2 YA . -2.62 10.45 -2.48
C1A KC2 YA . -4.34 9.50 -4.80
C1B KC2 YA . -2.37 12.71 -6.75
C1C KC2 YA . -0.03 13.68 -3.25
C1D KC2 YA . -2.14 10.48 -1.22
C2A KC2 YA . -5.18 9.12 -5.93
C2B KC2 YA . -1.84 13.68 -7.62
C2C KC2 YA . 0.75 14.14 -2.18
C2D KC2 YA . -2.75 9.45 -0.48
C3A KC2 YA . -4.86 10.00 -6.94
C3B KC2 YA . -0.89 14.35 -6.92
C3C KC2 YA . 0.45 13.38 -1.09
C3D KC2 YA . -3.61 8.78 -1.33
C4A KC2 YA . -3.89 10.87 -6.44
C4B KC2 YA . -0.87 13.76 -5.61
C4C KC2 YA . -0.57 12.43 -1.53
C4D KC2 YA . -3.50 9.43 -2.58
CAA KC2 YA . -6.15 8.01 -6.00
CAB KC2 YA . -0.05 15.47 -7.38
CAC KC2 YA . 1.01 13.49 0.26
CAD KC2 YA . -4.58 7.68 -1.46
CBA KC2 YA . -7.46 8.20 -6.25
CBB KC2 YA . 0.82 15.28 -8.37
CBC KC2 YA . 0.74 14.55 1.02
CBD KC2 YA . -5.04 7.74 -2.90
CED KC2 YA . -3.43 5.12 -5.11
CGA KC2 YA . -8.26 7.06 -6.50
CGD KC2 YA . -4.70 6.45 -3.59
CHA KC2 YA . -4.30 8.88 -3.54
CHB KC2 YA . -3.36 11.89 -7.23
CHC KC2 YA . 0.05 14.27 -4.60
CHD KC2 YA . -1.17 11.40 -0.63
CMA KC2 YA . -5.44 10.06 -8.33
CMB KC2 YA . -2.26 13.90 -9.05
CMC KC2 YA . 1.75 15.26 -2.23
CMD KC2 YA . -2.50 9.14 0.97
NA KC2 YA . -3.56 10.58 -5.13
NC KC2 YA . -0.83 12.64 -2.86
O1A KC2 YA . -9.26 7.15 -7.18
O1D KC2 YA . -5.48 5.52 -3.54
O2A KC2 YA . -7.84 5.85 -6.09
O2D KC2 YA . -3.64 6.38 -4.40
OBD KC2 YA . -4.81 6.80 -0.66
MG KC2 YA . -2.17 11.60 -4.01
MG CLA ZA . 1.32 26.33 9.22
CHA CLA ZA . 3.96 27.30 11.25
CHB CLA ZA . 2.82 23.32 8.73
CHC CLA ZA . -1.39 25.35 7.37
CHD CLA ZA . -0.20 29.48 9.79
NA CLA ZA . 3.12 25.49 9.87
C1A CLA ZA . 4.08 26.05 10.73
C2A CLA ZA . 5.24 25.08 10.96
C3A CLA ZA . 4.90 23.88 10.05
C4A CLA ZA . 3.51 24.23 9.50
CMA CLA ZA . 5.91 23.72 8.94
CAA CLA ZA . 5.29 24.64 12.41
CBA CLA ZA . 4.04 23.88 12.81
CGA CLA ZA . 3.07 24.79 13.51
O1A CLA ZA . 3.26 25.52 14.48
O2A CLA ZA . 1.82 24.77 12.95
NB CLA ZA . 0.80 24.66 8.24
C1B CLA ZA . 1.56 23.53 8.16
C2B CLA ZA . 0.83 22.50 7.36
C3B CLA ZA . -0.36 23.07 6.96
C4B CLA ZA . -0.39 24.46 7.52
CMB CLA ZA . 1.38 21.17 7.09
CAB CLA ZA . -1.43 22.54 6.17
CBB CLA ZA . -1.29 21.85 5.04
NC CLA ZA . -0.46 27.27 8.66
C1C CLA ZA . -1.42 26.68 7.90
C2C CLA ZA . -2.54 27.60 7.71
C3C CLA ZA . -2.21 28.77 8.40
C4C CLA ZA . -0.90 28.55 9.00
CMC CLA ZA . -3.75 27.30 6.94
CAC CLA ZA . -3.02 29.98 8.51
CBC CLA ZA . -3.73 30.10 9.83
ND CLA ZA . 1.75 28.06 10.20
C1D CLA ZA . 1.03 29.26 10.37
C2D CLA ZA . 1.81 30.17 11.22
C3D CLA ZA . 2.94 29.47 11.59
C4D CLA ZA . 2.85 28.15 10.93
CMD CLA ZA . 1.39 31.52 11.60
CAD CLA ZA . 4.19 29.50 12.33
OBD CLA ZA . 4.68 30.42 12.99
CBD CLA ZA . 4.86 28.11 12.17
CGD CLA ZA . 6.26 28.20 11.64
O1D CLA ZA . 6.63 28.56 10.52
O2D CLA ZA . 7.20 27.82 12.54
CED CLA ZA . 8.23 26.94 12.09
C1 CLA ZA . 0.96 25.86 13.32
C2 CLA ZA . -0.32 25.70 12.58
C3 CLA ZA . -1.26 26.67 12.58
C4 CLA ZA . -1.08 27.94 13.30
C5 CLA ZA . -2.54 26.50 11.83
C6 CLA ZA . -2.82 25.08 11.39
C7 CLA ZA . -4.29 24.90 11.11
C8 CLA ZA . -4.60 23.54 10.48
C9 CLA ZA . -4.28 23.56 9.01
C10 CLA ZA . -6.05 23.16 10.72
C11 CLA ZA . -6.50 22.02 9.83
C12 CLA ZA . -7.34 21.00 10.56
C13 CLA ZA . -8.47 21.66 11.35
C14 CLA ZA . -8.50 21.15 12.77
C15 CLA ZA . -9.81 21.44 10.68
C16 CLA ZA . -10.92 22.06 11.51
C17 CLA ZA . -12.29 21.66 11.01
C18 CLA ZA . -13.39 22.38 11.78
C19 CLA ZA . -14.75 21.83 11.41
C20 CLA ZA . -13.18 22.24 13.27
NB KC2 AB . 2.34 18.33 22.76
ND KC2 AB . 4.31 19.80 19.69
C1A KC2 AB . 6.27 19.70 22.00
C1B KC2 AB . 2.85 18.16 24.00
C1C KC2 AB . 0.41 18.39 20.43
C1D KC2 AB . 3.87 20.06 18.43
C2A KC2 AB . 7.17 19.65 23.15
C2B KC2 AB . 1.88 17.60 24.86
C2C KC2 AB . -0.50 18.44 19.36
C2D KC2 AB . 4.95 20.58 17.68
C3A KC2 AB . 6.40 19.16 24.18
C3B KC2 AB . 0.75 17.44 24.13
C3C KC2 AB . 0.14 18.97 18.29
C3D KC2 AB . 6.05 20.64 18.53
C4A KC2 AB . 5.11 18.92 23.68
C4B KC2 AB . 1.07 17.91 22.80
C4C KC2 AB . 1.51 19.26 18.73
C4D KC2 AB . 5.62 20.14 19.76
CAA KC2 AB . 8.58 20.05 23.21
CAB KC2 AB . -0.54 16.90 24.58
CAC KC2 AB . -0.44 19.21 16.96
CAD KC2 AB . 7.47 21.01 18.63
CBA KC2 AB . 9.56 19.16 23.52
CBB KC2 AB . -1.31 17.62 25.40
CBC KC2 AB . 0.15 18.73 15.87
CBD KC2 AB . 7.85 20.60 20.05
CED KC2 AB . 11.09 18.69 20.07
CGA KC2 AB . 10.87 19.63 23.75
CGD KC2 AB . 8.85 19.48 19.98
CHA KC2 AB . 6.60 20.14 20.71
CHB KC2 AB . 4.10 18.41 24.49
CHC KC2 AB . 0.05 17.87 21.76
CHD KC2 AB . 2.54 19.86 17.86
CMA KC2 AB . 6.84 18.90 25.60
CMB KC2 AB . 2.07 17.26 26.32
CMC KC2 AB . -1.93 17.98 19.40
CMD KC2 AB . 4.91 21.00 16.23
NA KC2 AB . 5.01 19.25 22.35
NC KC2 AB . 1.62 18.90 20.05
O1A KC2 AB . 11.12 20.81 23.66
O1D KC2 AB . 8.61 18.52 19.30
O2A KC2 AB . 11.82 18.77 24.18
O2D KC2 AB . 10.11 19.70 20.41
OBD KC2 AB . 8.23 21.26 17.72
MG KC2 AB . 3.31 19.07 21.21
MG CLA BB . -3.86 10.58 4.88
CHA CLA BB . -5.88 9.51 2.27
CHB CLA BB . -4.88 7.92 6.74
CHC CLA BB . -1.60 11.50 7.31
CHD CLA BB . -2.88 13.35 2.94
NA CLA BB . -5.20 9.01 4.56
C1A CLA BB . -5.92 8.73 3.39
C2A CLA BB . -6.78 7.48 3.58
C3A CLA BB . -6.64 7.18 5.09
C4A CLA BB . -5.48 8.08 5.52
CMA CLA BB . -7.92 7.55 5.80
CAA CLA BB . -6.27 6.33 2.73
CBA CLA BB . -4.76 6.25 2.77
CGA CLA BB . -4.28 5.12 1.90
O1A CLA BB . -4.90 4.48 1.06
O2A CLA BB . -2.96 4.81 2.11
NB CLA BB . -3.36 9.87 6.70
C1B CLA BB . -3.82 8.71 7.24
C2B CLA BB . -3.04 8.40 8.47
C3B CLA BB . -2.12 9.40 8.64
C4B CLA BB . -2.31 10.36 7.51
CMB CLA BB . -3.32 7.23 9.29
CAB CLA BB . -1.13 9.61 9.65
CBB CLA BB . -0.36 8.67 10.21
NC CLA BB . -2.53 12.16 5.10
C1C CLA BB . -1.71 12.35 6.18
C2C CLA BB . -0.92 13.55 6.00
C3C CLA BB . -1.26 14.08 4.76
C4C CLA BB . -2.28 13.20 4.20
CMC CLA BB . 0.06 14.06 6.97
CAC CLA BB . -0.73 15.30 4.13
CBC CLA BB . -1.41 16.52 4.69
ND CLA BB . -4.30 11.36 3.08
C1D CLA BB . -3.81 12.49 2.39
C2D CLA BB . -4.44 12.57 1.06
C3D CLA BB . -5.24 11.43 0.95
C4D CLA BB . -5.12 10.72 2.24
CMD CLA BB . -4.20 13.62 0.09
CAD CLA BB . -6.18 10.69 0.14
OBD CLA BB . -6.62 10.95 -0.98
CBD CLA BB . -6.57 9.41 0.94
CGD CLA BB . -8.07 9.26 1.07
O1D CLA BB . -8.76 9.47 2.08
O2D CLA BB . -8.68 8.85 -0.06
CED CLA BB . -9.87 8.06 0.08
C1 CLA BB . -1.99 5.44 1.24
C2 CLA BB . -1.93 4.64 0.00
C3 CLA BB . -1.07 4.88 -1.01
C4 CLA BB . -1.05 4.04 -2.23
C5 CLA BB . -0.10 6.00 -0.93
C6 CLA BB . -0.22 6.93 -2.14
C7 CLA BB . 0.93 7.92 -2.19
C8 CLA BB . 0.66 9.06 -3.17
C9 CLA BB . -0.15 8.58 -4.35
C10 CLA BB . 1.97 9.68 -3.66
C11 CLA BB . 2.49 10.73 -2.71
C12 CLA BB . 3.52 11.63 -3.39
C13 CLA BB . 4.68 11.93 -2.47
C14 CLA BB . 4.22 12.62 -1.20
C15 CLA BB . 5.74 12.78 -3.17
C16 CLA BB . 7.12 12.16 -3.02
C17 CLA BB . 8.21 13.05 -3.58
C18 CLA BB . 8.31 12.98 -5.09
C19 CLA BB . 9.61 13.59 -5.58
C20 CLA BB . 8.20 11.54 -5.58
MG CLA CB . -15.46 23.59 2.94
CHA CLA CB . -18.26 22.01 4.22
CHB CLA CB . -17.45 25.62 1.09
CHC CLA CB . -12.67 25.31 1.94
CHD CLA CB . -13.44 21.49 4.95
NA CLA CB . -17.52 23.74 2.69
C1A CLA CB . -18.53 23.02 3.33
C2A CLA CB . -19.90 23.49 2.88
C3A CLA CB . -19.59 24.42 1.70
C4A CLA CB . -18.09 24.64 1.83
CMA CLA CB . -19.94 23.79 0.38
CAA CLA CB . -20.47 24.38 3.96
CBA CLA CB . -21.36 23.71 4.99
CGA CLA CB . -21.61 24.65 6.13
O1A CLA CB . -21.16 24.59 7.28
O2A CLA CB . -22.42 25.70 5.81
NB CLA CB . -15.12 25.18 1.75
C1B CLA CB . -16.08 25.88 1.09
C2B CLA CB . -15.44 26.96 0.30
C3B CLA CB . -14.08 26.89 0.53
C4B CLA CB . -13.87 25.74 1.45
CMB CLA CB . -16.22 27.88 -0.53
CAB CLA CB . -12.99 27.68 0.03
CBB CLA CB . -13.04 28.96 -0.32
NC CLA CB . -13.42 23.40 3.33
C1C CLA CB . -12.45 24.21 2.81
C2C CLA CB . -11.14 23.81 3.32
C3C CLA CB . -11.37 22.74 4.18
C4C CLA CB . -12.79 22.49 4.19
CMC CLA CB . -9.88 24.46 2.98
CAC CLA CB . -10.35 22.00 4.95
CBC CLA CB . -10.34 22.42 6.41
ND CLA CB . -15.71 22.02 4.19
C1D CLA CB . -14.79 21.26 4.96
C2D CLA CB . -15.55 20.24 5.73
C3D CLA CB . -16.88 20.47 5.46
C4D CLA CB . -16.93 21.61 4.53
CMD CLA CB . -14.94 19.23 6.60
CAD CLA CB . -18.25 20.05 5.71
OBD CLA CB . -18.66 19.09 6.35
CBD CLA CB . -19.17 21.07 4.97
CGD CLA CB . -20.12 20.37 4.05
O1D CLA CB . -19.85 19.73 3.02
O2D CLA CB . -21.43 20.48 4.41
CED CLA CB . -22.40 20.26 3.40
C1 CLA CB . -22.07 26.96 6.40
C2 CLA CB . -23.20 27.90 6.22
C3 CLA CB . -23.16 29.15 6.69
C4 CLA CB . -24.29 30.10 6.53
C5 CLA CB . -21.97 29.67 7.42
C6 CLA CB . -21.56 31.05 6.97
C7 CLA CB . -20.08 31.28 7.24
C8 CLA CB . -19.76 31.27 8.73
C9 CLA CB . -20.38 32.46 9.42
C10 CLA CB . -18.25 31.25 8.95
C11 CLA CB . -17.61 32.54 8.49
C12 CLA CB . -16.15 32.62 8.91
C13 CLA CB . -15.50 33.90 8.41
C14 CLA CB . -14.00 33.83 8.56
NB KC1 DB . -9.33 32.32 -2.55
ND KC1 DB . -11.74 32.26 -5.63
C1A KC1 DB . -13.52 32.42 -3.17
C1B KC1 DB . -9.70 32.32 -1.25
C1C KC1 DB . -7.64 32.35 -4.97
C1D KC1 DB . -11.40 32.21 -6.93
C2A KC1 DB . -14.33 32.47 -1.94
C2B KC1 DB . -8.56 32.40 -0.42
C2C KC1 DB . -6.82 32.33 -6.17
C2D KC1 DB . -12.60 32.27 -7.68
C3A KC1 DB . -13.40 32.41 -0.90
C3B KC1 DB . -7.47 32.45 -1.25
C3C KC1 DB . -7.65 32.24 -7.23
C3D KC1 DB . -13.66 32.36 -6.78
C4A KC1 DB . -12.13 32.33 -1.46
C4B KC1 DB . -7.99 32.40 -2.59
C4C KC1 DB . -9.01 32.20 -6.71
C4D KC1 DB . -13.08 32.35 -5.51
CAA KC1 DB . -15.78 32.57 -1.82
CAB KC1 DB . -6.05 32.54 -0.86
CAC KC1 DB . -7.26 32.21 -8.68
CAD KC1 DB . -15.12 32.45 -6.62
CBA KC1 DB . -16.54 31.55 -1.37
CBB KC1 DB . -5.46 31.56 -0.18
CBC KC1 DB . -7.43 30.79 -9.22
CBD KC1 DB . -15.33 32.58 -5.12
CED KC1 DB . -17.55 35.60 -5.27
CGA KC1 DB . -17.91 31.77 -1.14
CGD KC1 DB . -15.93 33.93 -4.82
CHA KC1 DB . -13.98 32.44 -4.49
CHB KC1 DB . -10.96 32.27 -0.69
CHC KC1 DB . -7.14 32.42 -3.67
CHD KC1 DB . -10.15 32.11 -7.50
CMA KC1 DB . -13.73 32.44 0.57
CMB KC1 DB . -8.56 32.43 1.09
CMC KC1 DB . -5.32 32.40 -6.22
CMD KC1 DB . -12.71 32.23 -9.18
NA KC1 DB . -12.19 32.33 -2.83
NC KC1 DB . -8.95 32.26 -5.34
O1A KC1 DB . -18.57 30.92 -0.58
O1D KC1 DB . -15.22 34.82 -4.45
O2A KC1 DB . -18.42 33.00 -1.32
O2D KC1 DB . -17.16 34.20 -5.28
OBD KC1 DB . -15.96 32.47 -7.49
MG KC1 DB . -10.56 32.24 -4.08
MG CLA EB . 6.18 27.73 -13.13
CHA CLA EB . 9.30 28.23 -14.56
CHB CLA EB . 5.47 31.03 -13.52
CHC CLA EB . 3.06 27.15 -11.79
CHD CLA EB . 6.96 24.30 -12.74
NA CLA EB . 7.23 29.35 -13.92
C1A CLA EB . 8.53 29.35 -14.48
C2A CLA EB . 8.91 30.77 -14.93
C3A CLA EB . 7.68 31.63 -14.58
C4A CLA EB . 6.71 30.62 -13.96
CMA CLA EB . 8.02 32.74 -13.62
CAA CLA EB . 9.20 30.88 -16.43
CBA CLA EB . 8.54 29.83 -17.30
CGA CLA EB . 7.09 30.14 -17.52
O1A CLA EB . 6.59 30.96 -18.28
O2A CLA EB . 6.27 29.37 -16.74
NB CLA EB . 4.57 28.87 -12.76
C1B CLA EB . 4.48 30.21 -12.95
C2B CLA EB . 3.18 30.71 -12.45
C3B CLA EB . 2.49 29.62 -11.96
C4B CLA EB . 3.37 28.44 -12.15
CMB CLA EB . 2.79 32.12 -12.53
CAB CLA EB . 1.18 29.52 -11.36
CBB CLA EB . 0.08 30.14 -11.79
NC CLA EB . 5.20 26.03 -12.40
C1C CLA EB . 3.93 26.03 -11.92
C2C CLA EB . 3.55 24.68 -11.53
C3C CLA EB . 4.65 23.86 -11.76
C4C CLA EB . 5.69 24.73 -12.32
CMC CLA EB . 2.24 24.30 -10.99
CAC CLA EB . 4.76 22.42 -11.53
CBC CLA EB . 4.51 21.60 -12.77
ND CLA EB . 7.73 26.50 -13.50
C1D CLA EB . 7.92 25.11 -13.29
C2D CLA EB . 9.28 24.73 -13.75
C3D CLA EB . 9.85 25.90 -14.24
C4D CLA EB . 8.85 26.96 -14.07
CMD CLA EB . 9.83 23.38 -13.68
CAD CLA EB . 11.04 26.49 -14.84
OBD CLA EB . 12.11 25.99 -15.12
CBD CLA EB . 10.70 28.00 -15.10
CGD CLA EB . 11.71 28.94 -14.50
O1D CLA EB . 11.83 30.15 -14.72
O2D CLA EB . 12.58 28.37 -13.64
CED CLA EB . 13.80 29.07 -13.41
C1 CLA EB . 5.78 28.15 -17.31
C2 CLA EB . 4.50 27.83 -16.62
C3 CLA EB . 3.36 28.48 -16.87
C4 CLA EB . 3.28 29.56 -17.89
C5 CLA EB . 2.10 28.14 -16.16
C6 CLA EB . 1.28 29.36 -15.81
C7 CLA EB . -0.20 29.05 -15.90
C8 CLA EB . -1.05 30.22 -15.44
MG CLA FB . 12.29 16.62 -11.09
CHA CLA FB . 13.55 13.55 -10.10
CHB CLA FB . 15.47 17.79 -11.46
CHC CLA FB . 11.01 19.62 -12.18
CHD CLA FB . 9.02 15.37 -10.70
NA CLA FB . 14.18 15.79 -10.81
C1A CLA FB . 14.50 14.49 -10.40
C2A CLA FB . 16.00 14.28 -10.33
C3A CLA FB . 16.58 15.68 -10.66
C4A CLA FB . 15.33 16.49 -11.01
CMA CLA FB . 17.32 16.27 -9.48
CAA CLA FB . 16.42 13.28 -11.41
CBA CLA FB . 16.95 13.93 -12.66
CGA CLA FB . 15.86 14.28 -13.64
O1A CLA FB . 15.97 14.72 -14.78
O2A CLA FB . 14.60 14.07 -13.15
NB CLA FB . 13.09 18.39 -11.67
C1B CLA FB . 14.41 18.65 -11.82
C2B CLA FB . 14.60 20.00 -12.41
C3B CLA FB . 13.34 20.52 -12.61
C4B CLA FB . 12.36 19.49 -12.14
CMB CLA FB . 15.93 20.55 -12.68
CAB CLA FB . 12.90 21.78 -13.15
CBB CLA FB . 13.56 22.55 -14.02
NC CLA FB . 10.36 17.36 -11.36
C1C CLA FB . 10.07 18.62 -11.81
C2C CLA FB . 8.62 18.80 -11.87
C3C CLA FB . 8.05 17.59 -11.46
C4C CLA FB . 9.15 16.69 -11.14
CMC CLA FB . 7.95 20.03 -12.30
CAC CLA FB . 6.62 17.28 -11.37
CBC CLA FB . 6.04 17.63 -10.02
ND CLA FB . 11.42 14.89 -10.52
C1D CLA FB . 10.05 14.52 -10.40
C2D CLA FB . 9.99 13.10 -9.94
C3D CLA FB . 11.30 12.69 -9.82
C4D CLA FB . 12.15 13.83 -10.19
CMD CLA FB . 8.76 12.37 -9.70
CAD CLA FB . 12.20 11.59 -9.46
OBD CLA FB . 11.92 10.45 -9.08
CBD CLA FB . 13.66 12.11 -9.64
CGD CLA FB . 14.46 11.99 -8.38
O1D CLA FB . 15.70 12.00 -8.28
O2D CLA FB . 13.72 11.85 -7.25
CED CLA FB . 14.32 12.24 -6.02
C1 CLA FB . 13.57 13.55 -14.02
C2 CLA FB . 12.94 14.69 -14.74
C3 CLA FB . 11.62 14.80 -14.93
C4 CLA FB . 11.03 15.94 -15.66
C5 CLA FB . 10.67 13.78 -14.41
C6 CLA FB . 9.50 13.54 -15.35
C7 CLA FB . 8.18 13.93 -14.70
C8 CLA FB . 6.99 13.67 -15.61
C9 CLA FB . 7.20 14.33 -16.96
C10 CLA FB . 5.71 14.18 -14.97
C11 CLA FB . 5.29 13.33 -13.80
C12 CLA FB . 5.16 14.15 -12.53
C13 CLA FB . 4.34 13.44 -11.46
C14 CLA FB . 4.75 11.99 -11.34
C15 CLA FB . 2.85 13.55 -11.75
C16 CLA FB . 2.45 14.97 -12.12
C17 CLA FB . 0.96 15.19 -11.96
C18 CLA FB . 0.50 16.46 -12.68
C19 CLA FB . 1.50 17.59 -12.54
C20 CLA FB . 0.23 16.18 -14.14
MG CLA GB . -7.12 12.02 -23.56
CHA CLA GB . -10.01 13.87 -24.11
CHB CLA GB . -8.90 9.15 -23.89
CHC CLA GB . -4.24 10.23 -22.97
CHD CLA GB . -5.33 15.03 -23.14
NA CLA GB . -9.13 11.60 -23.96
C1A CLA GB . -10.18 12.51 -24.15
C2A CLA GB . -11.50 11.77 -24.40
C3A CLA GB . -11.11 10.28 -24.29
C4A CLA GB . -9.60 10.32 -24.03
CMA CLA GB . -11.85 9.60 -23.17
CAA CLA GB . -12.06 12.07 -25.78
CBA CLA GB . -11.16 11.56 -26.88
CGA CLA GB . -10.39 12.69 -27.48
O1A CLA GB . -10.82 13.73 -27.98
O2A CLA GB . -9.04 12.51 -27.43
NB CLA GB . -6.66 10.06 -23.42
C1B CLA GB . -7.52 9.04 -23.65
C2B CLA GB . -6.79 7.75 -23.60
C3B CLA GB . -5.47 8.05 -23.34
C4B CLA GB . -5.37 9.52 -23.22
CMB CLA GB . -7.43 6.45 -23.80
CAB CLA GB . -4.34 7.16 -23.19
CBB CLA GB . -3.28 7.13 -24.01
NC CLA GB . -5.14 12.55 -23.14
C1C CLA GB . -4.13 11.65 -22.94
C2C CLA GB . -2.89 12.37 -22.66
C3C CLA GB . -3.20 13.73 -22.71
C4C CLA GB . -4.62 13.84 -23.01
CMC CLA GB . -1.60 11.72 -22.40
CAC CLA GB . -2.27 14.85 -22.50
CBC CLA GB . -2.08 15.16 -21.02
ND CLA GB . -7.49 14.00 -23.67
C1D CLA GB . -6.67 15.14 -23.44
C2D CLA GB . -7.49 16.36 -23.60
C3D CLA GB . -8.77 15.93 -23.86
C4D CLA GB . -8.73 14.45 -23.87
CMD CLA GB . -6.98 17.72 -23.48
CAD CLA GB . -10.15 16.32 -24.14
OBD CLA GB . -10.61 17.44 -24.29
CBD CLA GB . -10.98 15.02 -24.24
CGD CLA GB . -12.03 14.97 -23.17
O1D CLA GB . -11.86 14.88 -21.95
O2D CLA GB . -13.31 15.03 -23.62
CED CLA GB . -14.36 14.82 -22.69
C1 CLA GB . -8.21 13.69 -27.51
C2 CLA GB . -6.91 13.33 -26.89
C3 CLA GB . -5.96 12.64 -27.54
C4 CLA GB . -6.13 12.17 -28.94
C5 CLA GB . -4.67 12.31 -26.87
C6 CLA GB . -3.47 12.87 -27.60
C7 CLA GB . -2.68 13.80 -26.71
C8 CLA GB . -1.17 13.53 -26.79
C9 CLA GB . -0.89 12.07 -26.49
C10 CLA GB . -0.42 14.43 -25.83
C11 CLA GB . 1.00 13.94 -25.56
C12 CLA GB . 1.30 13.94 -24.09
C13 CLA GB . 2.56 13.14 -23.78
C14 CLA GB . 2.46 11.73 -24.34
C15 CLA GB . 2.85 13.08 -22.28
C16 CLA GB . 2.77 14.46 -21.66
C1 LMG HB . 14.77 15.21 20.29
O1 LMG HB . 14.76 16.46 21.00
C2 LMG HB . 15.64 15.35 19.05
O2 LMG HB . 14.82 15.16 17.89
C3 LMG HB . 16.77 14.34 19.08
O3 LMG HB . 17.70 14.71 20.11
C4 LMG HB . 16.25 12.93 19.36
O4 LMG HB . 17.36 12.07 19.65
C5 LMG HB . 15.26 12.93 20.51
O5 LMG HB . 16.74 12.30 22.31
C6 LMG HB . 15.61 11.86 21.54
O6 LMG HB . 15.29 14.20 21.15
C7 LMG HB . 13.45 16.79 21.45
C8 LMG HB . 12.99 15.77 22.48
C9 LMG HB . 12.03 16.41 23.46
O7 LMG HB . 12.32 14.69 21.84
C10 LMG HB . 12.47 13.42 22.51
O9 LMG HB . 13.29 13.30 23.41
C11 LMG HB . 11.62 12.24 22.11
C12 LMG HB . 11.12 11.53 23.35
C13 LMG HB . 9.68 11.93 23.65
C14 LMG HB . 9.07 11.00 24.68
C15 LMG HB . 8.31 9.88 24.00
C16 LMG HB . 6.81 10.00 24.27
C17 LMG HB . 6.02 9.17 23.28
C18 LMG HB . 4.89 8.42 23.98
C19 LMG HB . 4.03 7.67 22.98
O8 LMG HB . 10.76 16.57 22.81
C28 LMG HB . 9.66 15.69 23.15
O10 LMG HB . 9.47 15.43 24.32
C29 LMG HB . 8.78 15.12 22.07
C30 LMG HB . 7.33 15.47 22.37
C31 LMG HB . 6.67 14.41 23.25
C32 LMG HB . 5.21 14.21 22.88
#